data_2DA5
#
_entry.id   2DA5
#
_entity_poly.entity_id   1
_entity_poly.type   'polypeptide(L)'
_entity_poly.pdbx_seq_one_letter_code
;GSSGSSGPTKYKERAPEQLRALESSFAQNPLPLDEELDRLRSETKMTRREIDSWFSERRKKVNAEETKKSGPSSG
;
_entity_poly.pdbx_strand_id   A
#
# COMPACT_ATOMS: atom_id res chain seq x y z
N GLY A 1 18.87 4.73 -7.54
CA GLY A 1 17.91 5.61 -6.90
C GLY A 1 16.51 5.02 -6.87
N SER A 2 15.55 5.82 -6.42
CA SER A 2 14.16 5.37 -6.33
C SER A 2 13.27 6.19 -7.25
N SER A 3 12.37 5.51 -7.95
CA SER A 3 11.45 6.17 -8.87
C SER A 3 10.30 5.24 -9.25
N GLY A 4 9.12 5.83 -9.47
CA GLY A 4 7.96 5.04 -9.84
C GLY A 4 6.72 5.89 -10.02
N SER A 5 6.28 6.06 -11.25
CA SER A 5 5.10 6.85 -11.56
C SER A 5 4.10 6.05 -12.39
N SER A 6 2.82 6.24 -12.10
CA SER A 6 1.77 5.54 -12.82
C SER A 6 0.78 6.52 -13.46
N GLY A 7 0.24 6.15 -14.62
CA GLY A 7 -0.69 7.00 -15.31
C GLY A 7 -2.08 6.96 -14.70
N PRO A 8 -2.95 6.11 -15.24
CA PRO A 8 -4.32 5.95 -14.76
C PRO A 8 -4.39 5.29 -13.39
N THR A 9 -5.57 5.28 -12.79
CA THR A 9 -5.77 4.67 -11.48
C THR A 9 -6.38 3.28 -11.60
N LYS A 10 -5.69 2.29 -11.05
CA LYS A 10 -6.15 0.91 -11.09
C LYS A 10 -6.56 0.43 -9.70
N TYR A 11 -7.10 -0.78 -9.63
CA TYR A 11 -7.53 -1.35 -8.36
C TYR A 11 -7.02 -2.78 -8.21
N LYS A 12 -5.92 -2.93 -7.47
CA LYS A 12 -5.33 -4.24 -7.24
C LYS A 12 -5.01 -4.44 -5.77
N GLU A 13 -5.51 -5.54 -5.21
CA GLU A 13 -5.28 -5.86 -3.80
C GLU A 13 -4.06 -6.75 -3.64
N ARG A 14 -3.07 -6.25 -2.90
CA ARG A 14 -1.84 -7.01 -2.67
C ARG A 14 -2.15 -8.34 -1.98
N ALA A 15 -1.20 -9.27 -2.05
CA ALA A 15 -1.36 -10.58 -1.44
C ALA A 15 -1.19 -10.49 0.08
N PRO A 16 -1.70 -11.52 0.78
CA PRO A 16 -1.62 -11.59 2.24
C PRO A 16 -0.19 -11.82 2.74
N GLU A 17 0.62 -12.44 1.88
CA GLU A 17 2.02 -12.72 2.23
C GLU A 17 2.90 -11.50 2.00
N GLN A 18 2.72 -10.85 0.85
CA GLN A 18 3.50 -9.68 0.51
C GLN A 18 3.24 -8.55 1.50
N LEU A 19 1.97 -8.28 1.77
CA LEU A 19 1.60 -7.22 2.70
C LEU A 19 2.28 -7.41 4.05
N ARG A 20 2.07 -8.59 4.65
CA ARG A 20 2.67 -8.90 5.94
C ARG A 20 4.05 -8.28 6.07
N ALA A 21 4.88 -8.44 5.04
CA ALA A 21 6.23 -7.88 5.03
C ALA A 21 6.19 -6.37 4.88
N LEU A 22 5.32 -5.89 3.99
CA LEU A 22 5.19 -4.45 3.74
C LEU A 22 4.64 -3.74 4.97
N GLU A 23 3.39 -4.04 5.31
CA GLU A 23 2.75 -3.43 6.47
C GLU A 23 3.73 -3.30 7.64
N SER A 24 4.53 -4.34 7.84
CA SER A 24 5.51 -4.34 8.93
C SER A 24 6.54 -3.25 8.72
N SER A 25 7.01 -3.09 7.49
CA SER A 25 8.01 -2.08 7.17
C SER A 25 7.41 -0.68 7.26
N PHE A 26 6.21 -0.52 6.74
CA PHE A 26 5.53 0.78 6.77
C PHE A 26 5.66 1.42 8.14
N ALA A 27 5.30 0.67 9.18
CA ALA A 27 5.37 1.17 10.55
C ALA A 27 6.65 1.99 10.76
N GLN A 28 7.77 1.45 10.31
CA GLN A 28 9.06 2.12 10.45
C GLN A 28 9.09 3.42 9.64
N ASN A 29 8.79 3.31 8.35
CA ASN A 29 8.78 4.47 7.47
C ASN A 29 7.96 4.20 6.22
N PRO A 30 7.25 5.23 5.74
CA PRO A 30 6.41 5.13 4.54
C PRO A 30 7.23 4.97 3.27
N LEU A 31 8.41 5.59 3.23
CA LEU A 31 9.28 5.51 2.07
C LEU A 31 10.66 4.99 2.47
N PRO A 32 10.79 3.66 2.57
CA PRO A 32 12.05 3.01 2.94
C PRO A 32 13.10 3.13 1.84
N LEU A 33 14.37 3.11 2.24
CA LEU A 33 15.48 3.21 1.30
C LEU A 33 15.67 1.91 0.53
N ASP A 34 16.63 1.89 -0.37
CA ASP A 34 16.92 0.71 -1.18
C ASP A 34 17.24 -0.49 -0.28
N GLU A 35 18.18 -0.29 0.64
CA GLU A 35 18.59 -1.36 1.56
C GLU A 35 17.36 -2.02 2.18
N GLU A 36 16.63 -1.26 2.97
CA GLU A 36 15.43 -1.78 3.65
C GLU A 36 14.49 -2.42 2.63
N LEU A 37 14.50 -1.92 1.41
CA LEU A 37 13.65 -2.45 0.36
C LEU A 37 14.18 -3.79 -0.15
N ASP A 38 15.49 -3.93 -0.19
CA ASP A 38 16.13 -5.16 -0.64
C ASP A 38 15.64 -6.35 0.17
N ARG A 39 15.44 -6.13 1.47
CA ARG A 39 14.97 -7.19 2.36
C ARG A 39 13.53 -7.56 2.07
N LEU A 40 12.66 -6.55 2.07
CA LEU A 40 11.24 -6.76 1.81
C LEU A 40 11.04 -7.46 0.46
N ARG A 41 11.83 -7.06 -0.52
CA ARG A 41 11.73 -7.64 -1.86
C ARG A 41 11.74 -9.17 -1.79
N SER A 42 12.40 -9.70 -0.76
CA SER A 42 12.50 -11.15 -0.59
C SER A 42 11.12 -11.74 -0.31
N GLU A 43 10.36 -11.10 0.58
CA GLU A 43 9.03 -11.56 0.93
C GLU A 43 8.00 -11.13 -0.11
N THR A 44 7.96 -9.83 -0.38
CA THR A 44 7.02 -9.28 -1.35
C THR A 44 7.32 -9.81 -2.75
N LYS A 45 8.56 -10.19 -2.99
CA LYS A 45 8.96 -10.73 -4.29
C LYS A 45 8.66 -9.74 -5.40
N MET A 46 8.88 -8.45 -5.13
CA MET A 46 8.63 -7.40 -6.10
C MET A 46 9.89 -6.57 -6.36
N THR A 47 9.80 -5.62 -7.28
CA THR A 47 10.93 -4.76 -7.60
C THR A 47 10.80 -3.40 -6.93
N ARG A 48 11.93 -2.70 -6.81
CA ARG A 48 11.94 -1.38 -6.18
C ARG A 48 10.78 -0.53 -6.68
N ARG A 49 10.58 -0.54 -8.00
CA ARG A 49 9.49 0.23 -8.61
C ARG A 49 8.13 -0.25 -8.11
N GLU A 50 7.97 -1.56 -8.03
CA GLU A 50 6.72 -2.16 -7.58
C GLU A 50 6.41 -1.74 -6.14
N ILE A 51 7.34 -2.03 -5.24
CA ILE A 51 7.18 -1.68 -3.83
C ILE A 51 6.97 -0.19 -3.65
N ASP A 52 7.88 0.61 -4.21
CA ASP A 52 7.80 2.06 -4.11
C ASP A 52 6.39 2.54 -4.41
N SER A 53 5.79 2.00 -5.45
CA SER A 53 4.44 2.38 -5.86
C SER A 53 3.45 2.10 -4.74
N TRP A 54 3.58 0.93 -4.12
CA TRP A 54 2.69 0.54 -3.02
C TRP A 54 2.60 1.64 -1.97
N PHE A 55 3.72 1.92 -1.32
CA PHE A 55 3.77 2.95 -0.29
C PHE A 55 3.05 4.21 -0.76
N SER A 56 3.47 4.74 -1.90
CA SER A 56 2.87 5.95 -2.45
C SER A 56 1.37 5.79 -2.62
N GLU A 57 0.92 4.54 -2.71
CA GLU A 57 -0.49 4.25 -2.87
C GLU A 57 -1.13 3.88 -1.52
N ARG A 58 -0.30 3.48 -0.57
CA ARG A 58 -0.77 3.11 0.75
C ARG A 58 -0.73 4.30 1.70
N ARG A 59 0.47 4.82 1.94
CA ARG A 59 0.64 5.97 2.83
C ARG A 59 -0.34 7.08 2.49
N LYS A 60 -0.75 7.13 1.23
CA LYS A 60 -1.70 8.14 0.77
C LYS A 60 -3.12 7.76 1.13
N LYS A 61 -3.39 6.45 1.18
CA LYS A 61 -4.72 5.95 1.51
C LYS A 61 -5.02 6.16 2.99
N VAL A 62 -4.02 5.99 3.84
CA VAL A 62 -4.18 6.16 5.27
C VAL A 62 -4.30 7.64 5.64
N ASN A 63 -3.86 8.51 4.73
CA ASN A 63 -3.91 9.94 4.95
C ASN A 63 -5.29 10.50 4.60
N ALA A 64 -6.00 9.79 3.71
CA ALA A 64 -7.33 10.21 3.29
C ALA A 64 -8.41 9.57 4.15
N GLU A 65 -8.26 8.27 4.41
CA GLU A 65 -9.21 7.54 5.23
C GLU A 65 -9.50 8.28 6.53
N GLU A 66 -10.44 7.75 7.32
CA GLU A 66 -10.79 8.37 8.58
C GLU A 66 -11.26 9.81 8.39
N THR A 67 -11.97 10.06 7.30
CA THR A 67 -12.47 11.38 7.00
C THR A 67 -13.27 11.96 8.17
N LYS A 68 -13.06 13.25 8.44
CA LYS A 68 -13.76 13.92 9.53
C LYS A 68 -15.18 13.38 9.68
N LYS A 69 -15.91 13.34 8.57
CA LYS A 69 -17.29 12.85 8.58
C LYS A 69 -17.37 11.49 9.25
N SER A 70 -18.59 11.07 9.57
CA SER A 70 -18.80 9.78 10.22
C SER A 70 -18.99 8.68 9.19
N GLY A 71 -17.89 8.01 8.83
CA GLY A 71 -17.95 6.94 7.86
C GLY A 71 -17.35 5.64 8.37
N PRO A 72 -18.14 4.87 9.13
CA PRO A 72 -17.70 3.60 9.69
C PRO A 72 -17.50 2.53 8.63
N SER A 73 -16.27 2.43 8.12
CA SER A 73 -15.94 1.44 7.09
C SER A 73 -14.52 0.92 7.26
N SER A 74 -14.08 0.08 6.32
CA SER A 74 -12.74 -0.48 6.37
C SER A 74 -11.70 0.60 6.58
N GLY A 75 -11.24 0.75 7.82
CA GLY A 75 -10.25 1.75 8.14
C GLY A 75 -10.76 3.16 7.93
N GLY A 1 -26.50 -19.55 14.28
CA GLY A 1 -26.80 -18.51 13.32
C GLY A 1 -25.56 -18.02 12.59
N SER A 2 -25.61 -18.02 11.26
CA SER A 2 -24.49 -17.58 10.46
C SER A 2 -24.55 -16.08 10.20
N SER A 3 -23.45 -15.51 9.74
CA SER A 3 -23.37 -14.08 9.45
C SER A 3 -22.17 -13.75 8.59
N GLY A 4 -22.20 -12.59 7.95
CA GLY A 4 -21.10 -12.17 7.09
C GLY A 4 -21.58 -11.71 5.73
N SER A 5 -20.87 -10.74 5.15
CA SER A 5 -21.22 -10.20 3.85
C SER A 5 -20.27 -10.73 2.77
N SER A 6 -20.77 -10.80 1.54
CA SER A 6 -19.97 -11.28 0.41
C SER A 6 -18.90 -10.25 0.04
N GLY A 7 -19.34 -9.10 -0.45
CA GLY A 7 -18.40 -8.06 -0.85
C GLY A 7 -18.36 -7.87 -2.35
N PRO A 8 -19.31 -7.09 -2.89
CA PRO A 8 -19.40 -6.82 -4.32
C PRO A 8 -18.25 -5.93 -4.81
N THR A 9 -17.46 -5.42 -3.86
CA THR A 9 -16.33 -4.56 -4.21
C THR A 9 -15.14 -5.37 -4.68
N LYS A 10 -14.52 -4.92 -5.77
CA LYS A 10 -13.36 -5.60 -6.33
C LYS A 10 -12.34 -4.59 -6.86
N TYR A 11 -11.09 -4.75 -6.44
CA TYR A 11 -10.02 -3.86 -6.87
C TYR A 11 -8.66 -4.56 -6.80
N LYS A 12 -7.66 -3.94 -7.41
CA LYS A 12 -6.31 -4.50 -7.43
C LYS A 12 -5.60 -4.23 -6.10
N GLU A 13 -5.21 -5.31 -5.41
CA GLU A 13 -4.51 -5.17 -4.14
C GLU A 13 -3.39 -6.20 -4.03
N ARG A 14 -2.60 -6.10 -2.97
CA ARG A 14 -1.49 -7.02 -2.74
C ARG A 14 -1.96 -8.26 -1.99
N ALA A 15 -1.11 -9.29 -1.95
CA ALA A 15 -1.44 -10.53 -1.26
C ALA A 15 -1.17 -10.42 0.23
N PRO A 16 -1.67 -11.40 0.99
CA PRO A 16 -1.49 -11.44 2.45
C PRO A 16 -0.05 -11.71 2.86
N GLU A 17 0.65 -12.51 2.05
CA GLU A 17 2.03 -12.84 2.32
C GLU A 17 2.95 -11.65 2.08
N GLN A 18 2.82 -11.05 0.90
CA GLN A 18 3.62 -9.89 0.52
C GLN A 18 3.36 -8.72 1.46
N LEU A 19 2.09 -8.38 1.63
CA LEU A 19 1.70 -7.28 2.50
C LEU A 19 2.36 -7.40 3.86
N ARG A 20 2.19 -8.55 4.50
CA ARG A 20 2.78 -8.79 5.82
C ARG A 20 4.15 -8.13 5.93
N ALA A 21 4.94 -8.24 4.87
CA ALA A 21 6.28 -7.66 4.84
C ALA A 21 6.20 -6.14 4.71
N LEU A 22 5.33 -5.66 3.83
CA LEU A 22 5.17 -4.23 3.62
C LEU A 22 4.65 -3.54 4.88
N GLU A 23 3.40 -3.82 5.21
CA GLU A 23 2.77 -3.23 6.39
C GLU A 23 3.78 -3.12 7.53
N SER A 24 4.45 -4.22 7.84
CA SER A 24 5.43 -4.25 8.91
C SER A 24 6.50 -3.18 8.70
N SER A 25 6.98 -3.07 7.46
CA SER A 25 8.00 -2.08 7.13
C SER A 25 7.44 -0.67 7.22
N PHE A 26 6.20 -0.50 6.78
CA PHE A 26 5.54 0.81 6.81
C PHE A 26 5.63 1.43 8.21
N ALA A 27 5.39 0.61 9.22
CA ALA A 27 5.44 1.08 10.60
C ALA A 27 6.70 1.90 10.86
N GLN A 28 7.84 1.32 10.53
CA GLN A 28 9.12 2.00 10.72
C GLN A 28 9.19 3.29 9.92
N ASN A 29 8.95 3.19 8.62
CA ASN A 29 8.98 4.35 7.74
C ASN A 29 8.07 4.13 6.53
N PRO A 30 7.40 5.22 6.10
CA PRO A 30 6.49 5.17 4.95
C PRO A 30 7.23 5.00 3.63
N LEU A 31 8.44 5.54 3.56
CA LEU A 31 9.26 5.43 2.35
C LEU A 31 10.63 4.87 2.68
N PRO A 32 10.73 3.52 2.75
CA PRO A 32 11.98 2.82 3.04
C PRO A 32 12.99 2.93 1.90
N LEU A 33 14.25 3.15 2.25
CA LEU A 33 15.31 3.27 1.25
C LEU A 33 15.51 1.96 0.50
N ASP A 34 16.51 1.91 -0.36
CA ASP A 34 16.80 0.72 -1.13
C ASP A 34 17.11 -0.47 -0.21
N GLU A 35 18.08 -0.28 0.68
CA GLU A 35 18.47 -1.32 1.61
C GLU A 35 17.25 -2.01 2.21
N GLU A 36 16.47 -1.25 2.98
CA GLU A 36 15.27 -1.78 3.61
C GLU A 36 14.40 -2.52 2.60
N LEU A 37 14.29 -1.95 1.40
CA LEU A 37 13.49 -2.55 0.34
C LEU A 37 14.08 -3.89 -0.10
N ASP A 38 15.40 -3.97 -0.12
CA ASP A 38 16.09 -5.19 -0.52
C ASP A 38 15.57 -6.38 0.27
N ARG A 39 15.38 -6.20 1.56
CA ARG A 39 14.88 -7.26 2.43
C ARG A 39 13.45 -7.65 2.05
N LEU A 40 12.55 -6.67 2.07
CA LEU A 40 11.15 -6.91 1.73
C LEU A 40 11.04 -7.61 0.37
N ARG A 41 11.80 -7.11 -0.61
CA ARG A 41 11.78 -7.69 -1.95
C ARG A 41 11.79 -9.21 -1.89
N SER A 42 12.44 -9.76 -0.87
CA SER A 42 12.52 -11.21 -0.70
C SER A 42 11.16 -11.79 -0.34
N GLU A 43 10.47 -11.12 0.59
CA GLU A 43 9.16 -11.58 1.01
C GLU A 43 8.07 -11.16 0.02
N THR A 44 7.99 -9.85 -0.23
CA THR A 44 7.00 -9.32 -1.16
C THR A 44 7.23 -9.86 -2.57
N LYS A 45 8.48 -10.18 -2.88
CA LYS A 45 8.82 -10.71 -4.20
C LYS A 45 8.41 -9.74 -5.30
N MET A 46 8.51 -8.45 -5.02
CA MET A 46 8.16 -7.42 -5.99
C MET A 46 9.36 -6.57 -6.36
N THR A 47 9.17 -5.63 -7.29
CA THR A 47 10.25 -4.77 -7.73
C THR A 47 10.19 -3.41 -7.02
N ARG A 48 11.30 -2.69 -7.04
CA ARG A 48 11.38 -1.38 -6.40
C ARG A 48 10.16 -0.53 -6.75
N ARG A 49 9.77 -0.55 -8.01
CA ARG A 49 8.63 0.22 -8.49
C ARG A 49 7.34 -0.30 -7.87
N GLU A 50 7.12 -1.62 -7.99
CA GLU A 50 5.91 -2.24 -7.46
C GLU A 50 5.73 -1.88 -5.98
N ILE A 51 6.79 -2.03 -5.20
CA ILE A 51 6.74 -1.71 -3.78
C ILE A 51 6.63 -0.21 -3.55
N ASP A 52 7.54 0.55 -4.16
CA ASP A 52 7.54 2.00 -4.03
C ASP A 52 6.13 2.56 -4.14
N SER A 53 5.45 2.22 -5.24
CA SER A 53 4.09 2.70 -5.47
C SER A 53 3.19 2.38 -4.28
N TRP A 54 3.26 1.14 -3.82
CA TRP A 54 2.45 0.69 -2.69
C TRP A 54 2.53 1.70 -1.55
N PHE A 55 3.73 2.17 -1.26
CA PHE A 55 3.94 3.13 -0.18
C PHE A 55 3.30 4.48 -0.53
N SER A 56 3.68 5.04 -1.67
CA SER A 56 3.15 6.32 -2.11
C SER A 56 1.65 6.24 -2.30
N GLU A 57 1.13 5.03 -2.45
CA GLU A 57 -0.30 4.82 -2.64
C GLU A 57 -0.99 4.50 -1.32
N ARG A 58 -0.25 3.86 -0.42
CA ARG A 58 -0.77 3.48 0.89
C ARG A 58 -0.68 4.65 1.86
N ARG A 59 0.53 5.15 2.07
CA ARG A 59 0.75 6.27 2.98
C ARG A 59 -0.14 7.45 2.62
N LYS A 60 -0.28 7.71 1.32
CA LYS A 60 -1.11 8.81 0.85
C LYS A 60 -2.59 8.54 1.15
N LYS A 61 -2.97 7.27 1.10
CA LYS A 61 -4.36 6.88 1.36
C LYS A 61 -4.76 7.24 2.78
N VAL A 62 -3.83 7.06 3.72
CA VAL A 62 -4.10 7.38 5.12
C VAL A 62 -4.50 8.83 5.30
N ASN A 63 -3.87 9.72 4.52
CA ASN A 63 -4.17 11.14 4.59
C ASN A 63 -5.58 11.43 4.11
N ALA A 64 -6.06 10.60 3.18
CA ALA A 64 -7.41 10.77 2.63
C ALA A 64 -8.34 9.69 3.16
N GLU A 65 -8.66 9.75 4.44
CA GLU A 65 -9.55 8.78 5.06
C GLU A 65 -10.50 9.45 6.05
N GLU A 66 -11.64 8.81 6.29
CA GLU A 66 -12.63 9.35 7.22
C GLU A 66 -12.82 8.43 8.41
N THR A 67 -13.42 8.95 9.47
CA THR A 67 -13.67 8.17 10.68
C THR A 67 -15.10 7.63 10.71
N LYS A 68 -15.23 6.31 10.64
CA LYS A 68 -16.55 5.68 10.65
C LYS A 68 -16.58 4.55 11.68
N LYS A 69 -17.74 3.91 11.80
CA LYS A 69 -17.90 2.80 12.75
C LYS A 69 -18.64 1.64 12.09
N SER A 70 -18.71 0.52 12.79
CA SER A 70 -19.38 -0.67 12.28
C SER A 70 -20.77 -0.33 11.78
N GLY A 71 -20.97 -0.48 10.47
CA GLY A 71 -22.27 -0.17 9.88
C GLY A 71 -22.71 -1.23 8.89
N PRO A 72 -23.24 -2.34 9.40
CA PRO A 72 -23.72 -3.45 8.57
C PRO A 72 -24.97 -3.09 7.78
N SER A 73 -25.49 -1.88 8.01
CA SER A 73 -26.69 -1.42 7.33
C SER A 73 -26.32 -0.56 6.11
N SER A 74 -26.77 -0.99 4.94
CA SER A 74 -26.50 -0.27 3.71
C SER A 74 -26.99 1.17 3.79
N GLY A 75 -26.29 2.08 3.12
CA GLY A 75 -26.67 3.47 3.14
C GLY A 75 -25.48 4.40 3.08
N GLY A 1 -2.55 -15.85 -17.61
CA GLY A 1 -2.03 -14.72 -18.35
C GLY A 1 -1.12 -13.84 -17.50
N SER A 2 -0.48 -12.88 -18.14
CA SER A 2 0.43 -11.97 -17.44
C SER A 2 0.52 -10.63 -18.14
N SER A 3 -0.06 -9.60 -17.52
CA SER A 3 -0.05 -8.26 -18.10
C SER A 3 -0.51 -7.23 -17.08
N GLY A 4 0.07 -6.04 -17.14
CA GLY A 4 -0.29 -4.98 -16.22
C GLY A 4 -1.58 -4.29 -16.60
N SER A 5 -1.93 -3.24 -15.87
CA SER A 5 -3.16 -2.49 -16.13
C SER A 5 -2.87 -0.99 -16.19
N SER A 6 -2.15 -0.50 -15.20
CA SER A 6 -1.81 0.93 -15.13
C SER A 6 -3.06 1.79 -15.25
N GLY A 7 -4.12 1.38 -14.57
CA GLY A 7 -5.36 2.13 -14.63
C GLY A 7 -5.78 2.67 -13.26
N PRO A 8 -6.41 3.85 -13.27
CA PRO A 8 -6.87 4.51 -12.03
C PRO A 8 -8.04 3.76 -11.39
N THR A 9 -8.38 4.15 -10.17
CA THR A 9 -9.48 3.53 -9.45
C THR A 9 -9.58 2.04 -9.78
N LYS A 10 -8.44 1.38 -9.80
CA LYS A 10 -8.39 -0.05 -10.11
C LYS A 10 -9.16 -0.85 -9.05
N TYR A 11 -9.39 -2.13 -9.34
CA TYR A 11 -10.11 -2.99 -8.42
C TYR A 11 -9.26 -4.20 -8.03
N LYS A 12 -7.98 -3.95 -7.74
CA LYS A 12 -7.06 -5.01 -7.35
C LYS A 12 -6.39 -4.69 -6.02
N GLU A 13 -5.95 -5.72 -5.32
CA GLU A 13 -5.29 -5.55 -4.03
C GLU A 13 -4.05 -6.43 -3.93
N ARG A 14 -3.33 -6.30 -2.82
CA ARG A 14 -2.12 -7.09 -2.60
C ARG A 14 -2.45 -8.44 -1.95
N ALA A 15 -1.44 -9.29 -1.83
CA ALA A 15 -1.63 -10.60 -1.22
C ALA A 15 -1.38 -10.55 0.28
N PRO A 16 -1.87 -11.58 0.98
CA PRO A 16 -1.72 -11.68 2.44
C PRO A 16 -0.28 -11.95 2.86
N GLU A 17 0.54 -12.41 1.91
CA GLU A 17 1.93 -12.71 2.18
C GLU A 17 2.80 -11.47 1.95
N GLN A 18 2.53 -10.75 0.87
CA GLN A 18 3.28 -9.55 0.54
C GLN A 18 3.01 -8.44 1.55
N LEU A 19 1.74 -8.18 1.81
CA LEU A 19 1.34 -7.14 2.76
C LEU A 19 2.06 -7.33 4.09
N ARG A 20 1.97 -8.53 4.65
CA ARG A 20 2.60 -8.84 5.92
C ARG A 20 4.00 -8.23 5.99
N ALA A 21 4.70 -8.24 4.86
CA ALA A 21 6.05 -7.69 4.79
C ALA A 21 6.02 -6.18 4.60
N LEU A 22 5.17 -5.73 3.69
CA LEU A 22 5.04 -4.30 3.41
C LEU A 22 4.53 -3.55 4.64
N GLU A 23 3.32 -3.90 5.08
CA GLU A 23 2.71 -3.26 6.24
C GLU A 23 3.71 -3.18 7.40
N SER A 24 4.27 -4.33 7.75
CA SER A 24 5.24 -4.38 8.85
C SER A 24 6.34 -3.35 8.66
N SER A 25 6.84 -3.24 7.44
CA SER A 25 7.90 -2.29 7.13
C SER A 25 7.40 -0.86 7.28
N PHE A 26 6.20 -0.60 6.77
CA PHE A 26 5.61 0.73 6.85
C PHE A 26 5.74 1.31 8.25
N ALA A 27 5.40 0.50 9.25
CA ALA A 27 5.48 0.93 10.64
C ALA A 27 6.81 1.65 10.92
N GLN A 28 7.90 1.06 10.44
CA GLN A 28 9.22 1.64 10.63
C GLN A 28 9.36 2.95 9.87
N ASN A 29 9.08 2.91 8.56
CA ASN A 29 9.17 4.10 7.73
C ASN A 29 8.19 4.01 6.55
N PRO A 30 7.61 5.16 6.19
CA PRO A 30 6.66 5.24 5.08
C PRO A 30 7.31 5.03 3.72
N LEU A 31 8.54 5.54 3.58
CA LEU A 31 9.28 5.41 2.33
C LEU A 31 10.69 4.91 2.59
N PRO A 32 10.82 3.57 2.69
CA PRO A 32 12.12 2.92 2.94
C PRO A 32 13.05 3.03 1.74
N LEU A 33 14.36 3.11 2.01
CA LEU A 33 15.35 3.20 0.95
C LEU A 33 15.56 1.87 0.26
N ASP A 34 16.51 1.81 -0.66
CA ASP A 34 16.81 0.59 -1.39
C ASP A 34 17.34 -0.49 -0.45
N GLU A 35 18.07 -0.07 0.58
CA GLU A 35 18.64 -1.00 1.54
C GLU A 35 17.54 -1.72 2.32
N GLU A 36 16.55 -0.95 2.78
CA GLU A 36 15.43 -1.52 3.53
C GLU A 36 14.48 -2.27 2.60
N LEU A 37 14.50 -1.91 1.32
CA LEU A 37 13.64 -2.54 0.34
C LEU A 37 14.26 -3.85 -0.16
N ASP A 38 15.57 -3.86 -0.28
CA ASP A 38 16.29 -5.05 -0.75
C ASP A 38 15.92 -6.27 0.09
N ARG A 39 15.65 -6.05 1.36
CA ARG A 39 15.28 -7.13 2.28
C ARG A 39 13.83 -7.54 2.07
N LEU A 40 12.93 -6.56 2.10
CA LEU A 40 11.51 -6.82 1.91
C LEU A 40 11.25 -7.55 0.59
N ARG A 41 11.99 -7.14 -0.45
CA ARG A 41 11.84 -7.76 -1.76
C ARG A 41 11.85 -9.28 -1.66
N SER A 42 12.49 -9.79 -0.61
CA SER A 42 12.58 -11.24 -0.40
C SER A 42 11.22 -11.81 0.00
N GLU A 43 10.54 -11.12 0.90
CA GLU A 43 9.22 -11.56 1.36
C GLU A 43 8.14 -11.18 0.36
N THR A 44 8.17 -9.92 -0.10
CA THR A 44 7.19 -9.44 -1.05
C THR A 44 7.43 -10.01 -2.44
N LYS A 45 8.67 -10.40 -2.71
CA LYS A 45 9.03 -10.98 -3.99
C LYS A 45 8.71 -10.02 -5.13
N MET A 46 8.78 -8.72 -4.84
CA MET A 46 8.51 -7.69 -5.84
C MET A 46 9.74 -6.84 -6.10
N THR A 47 9.60 -5.85 -6.98
CA THR A 47 10.71 -4.97 -7.31
C THR A 47 10.60 -3.64 -6.57
N ARG A 48 11.69 -2.89 -6.54
CA ARG A 48 11.72 -1.60 -5.87
C ARG A 48 10.59 -0.70 -6.38
N ARG A 49 10.43 -0.66 -7.70
CA ARG A 49 9.40 0.16 -8.32
C ARG A 49 8.00 -0.33 -7.93
N GLU A 50 7.83 -1.65 -7.89
CA GLU A 50 6.55 -2.25 -7.52
C GLU A 50 6.19 -1.92 -6.07
N ILE A 51 7.13 -2.17 -5.17
CA ILE A 51 6.91 -1.91 -3.76
C ILE A 51 6.77 -0.41 -3.49
N ASP A 52 7.77 0.36 -3.91
CA ASP A 52 7.75 1.81 -3.73
C ASP A 52 6.35 2.37 -4.01
N SER A 53 5.81 2.03 -5.17
CA SER A 53 4.49 2.52 -5.57
C SER A 53 3.46 2.22 -4.48
N TRP A 54 3.42 0.98 -4.03
CA TRP A 54 2.49 0.57 -2.99
C TRP A 54 2.45 1.60 -1.85
N PHE A 55 3.61 1.83 -1.25
CA PHE A 55 3.72 2.78 -0.14
C PHE A 55 3.09 4.12 -0.53
N SER A 56 3.71 4.79 -1.50
CA SER A 56 3.21 6.09 -1.95
C SER A 56 1.69 6.08 -2.10
N GLU A 57 1.14 4.89 -2.34
CA GLU A 57 -0.30 4.74 -2.51
C GLU A 57 -0.96 4.35 -1.19
N ARG A 58 -0.19 3.70 -0.32
CA ARG A 58 -0.70 3.26 0.98
C ARG A 58 -0.59 4.38 2.01
N ARG A 59 0.63 4.85 2.24
CA ARG A 59 0.87 5.92 3.20
C ARG A 59 -0.10 7.08 2.98
N LYS A 60 -0.34 7.42 1.73
CA LYS A 60 -1.25 8.51 1.38
C LYS A 60 -2.68 8.15 1.76
N LYS A 61 -2.99 6.86 1.77
CA LYS A 61 -4.32 6.39 2.12
C LYS A 61 -4.62 6.65 3.59
N VAL A 62 -3.61 6.44 4.43
CA VAL A 62 -3.77 6.65 5.87
C VAL A 62 -3.84 8.15 6.20
N ASN A 63 -3.01 8.93 5.53
CA ASN A 63 -2.97 10.38 5.76
C ASN A 63 -4.30 11.02 5.38
N ALA A 64 -4.88 10.55 4.28
CA ALA A 64 -6.16 11.07 3.80
C ALA A 64 -7.30 10.12 4.13
N GLU A 65 -7.77 10.17 5.38
CA GLU A 65 -8.86 9.30 5.82
C GLU A 65 -9.88 10.09 6.62
N GLU A 66 -11.11 9.59 6.65
CA GLU A 66 -12.18 10.25 7.40
C GLU A 66 -12.06 11.77 7.30
N THR A 67 -11.78 12.26 6.09
CA THR A 67 -11.63 13.69 5.87
C THR A 67 -12.94 14.42 6.13
N LYS A 68 -12.84 15.55 6.83
CA LYS A 68 -14.02 16.35 7.16
C LYS A 68 -14.92 16.52 5.93
N LYS A 69 -14.36 17.13 4.89
CA LYS A 69 -15.11 17.36 3.65
C LYS A 69 -15.03 16.14 2.74
N SER A 70 -16.12 15.38 2.68
CA SER A 70 -16.17 14.18 1.85
C SER A 70 -16.52 14.54 0.40
N GLY A 71 -15.83 13.90 -0.53
CA GLY A 71 -16.07 14.17 -1.94
C GLY A 71 -16.59 12.95 -2.68
N PRO A 72 -17.91 12.72 -2.59
CA PRO A 72 -18.56 11.58 -3.25
C PRO A 72 -18.58 11.72 -4.77
N SER A 73 -18.36 10.61 -5.47
CA SER A 73 -18.36 10.61 -6.92
C SER A 73 -19.20 9.46 -7.47
N SER A 74 -20.14 9.79 -8.34
CA SER A 74 -21.01 8.78 -8.94
C SER A 74 -20.22 7.79 -9.77
N GLY A 75 -20.09 6.57 -9.26
CA GLY A 75 -19.34 5.54 -9.97
C GLY A 75 -18.30 4.87 -9.09
N GLY A 1 -15.12 17.11 -18.30
CA GLY A 1 -14.32 16.39 -19.28
C GLY A 1 -13.98 14.98 -18.81
N SER A 2 -12.81 14.83 -18.21
CA SER A 2 -12.35 13.52 -17.73
C SER A 2 -11.99 13.60 -16.25
N SER A 3 -12.48 12.63 -15.48
CA SER A 3 -12.23 12.58 -14.05
C SER A 3 -11.12 11.58 -13.74
N GLY A 4 -10.27 11.93 -12.77
CA GLY A 4 -9.18 11.05 -12.39
C GLY A 4 -8.13 10.93 -13.47
N SER A 5 -6.86 10.91 -13.06
CA SER A 5 -5.76 10.80 -14.02
C SER A 5 -5.51 9.34 -14.39
N SER A 6 -4.89 9.13 -15.56
CA SER A 6 -4.60 7.79 -16.04
C SER A 6 -5.80 6.87 -15.84
N GLY A 7 -6.98 7.35 -16.19
CA GLY A 7 -8.18 6.57 -16.04
C GLY A 7 -8.72 6.60 -14.62
N PRO A 8 -9.54 5.59 -14.28
CA PRO A 8 -10.14 5.48 -12.95
C PRO A 8 -9.11 5.16 -11.86
N THR A 9 -7.84 5.09 -12.27
CA THR A 9 -6.76 4.80 -11.34
C THR A 9 -7.14 3.65 -10.40
N LYS A 10 -7.88 2.67 -10.93
CA LYS A 10 -8.30 1.53 -10.15
C LYS A 10 -7.31 0.38 -10.27
N TYR A 11 -7.06 -0.31 -9.17
CA TYR A 11 -6.13 -1.44 -9.15
C TYR A 11 -6.55 -2.49 -8.13
N LYS A 12 -5.97 -3.67 -8.24
CA LYS A 12 -6.28 -4.76 -7.32
C LYS A 12 -5.45 -4.67 -6.05
N GLU A 13 -5.96 -5.25 -4.97
CA GLU A 13 -5.27 -5.22 -3.69
C GLU A 13 -4.13 -6.24 -3.67
N ARG A 14 -3.18 -6.04 -2.75
CA ARG A 14 -2.05 -6.94 -2.62
C ARG A 14 -2.45 -8.23 -1.92
N ALA A 15 -1.46 -9.11 -1.69
CA ALA A 15 -1.72 -10.38 -1.02
C ALA A 15 -1.42 -10.27 0.47
N PRO A 16 -1.89 -11.26 1.24
CA PRO A 16 -1.70 -11.31 2.69
C PRO A 16 -0.25 -11.57 3.07
N GLU A 17 0.44 -12.37 2.25
CA GLU A 17 1.83 -12.71 2.50
C GLU A 17 2.74 -11.52 2.21
N GLN A 18 2.60 -10.97 1.01
CA GLN A 18 3.41 -9.83 0.60
C GLN A 18 3.18 -8.63 1.52
N LEU A 19 1.91 -8.30 1.74
CA LEU A 19 1.56 -7.18 2.60
C LEU A 19 2.25 -7.28 3.94
N ARG A 20 2.16 -8.46 4.57
CA ARG A 20 2.79 -8.69 5.87
C ARG A 20 4.15 -8.01 5.94
N ALA A 21 4.93 -8.13 4.87
CA ALA A 21 6.26 -7.52 4.81
C ALA A 21 6.16 -6.01 4.62
N LEU A 22 5.22 -5.59 3.78
CA LEU A 22 5.02 -4.17 3.51
C LEU A 22 4.50 -3.44 4.74
N GLU A 23 3.29 -3.80 5.17
CA GLU A 23 2.68 -3.18 6.33
C GLU A 23 3.66 -3.12 7.49
N SER A 24 4.29 -4.26 7.78
CA SER A 24 5.25 -4.34 8.88
C SER A 24 6.38 -3.33 8.69
N SER A 25 6.82 -3.18 7.44
CA SER A 25 7.89 -2.24 7.12
C SER A 25 7.40 -0.80 7.17
N PHE A 26 6.12 -0.61 6.87
CA PHE A 26 5.51 0.72 6.87
C PHE A 26 5.55 1.32 8.27
N ALA A 27 4.99 0.61 9.23
CA ALA A 27 4.96 1.08 10.61
C ALA A 27 6.29 1.70 11.01
N GLN A 28 7.38 1.10 10.55
CA GLN A 28 8.73 1.60 10.85
C GLN A 28 9.02 2.86 10.07
N ASN A 29 8.83 2.80 8.75
CA ASN A 29 9.09 3.94 7.88
C ASN A 29 8.22 3.88 6.64
N PRO A 30 7.72 5.04 6.20
CA PRO A 30 6.86 5.15 5.02
C PRO A 30 7.63 4.90 3.72
N LEU A 31 8.75 5.59 3.57
CA LEU A 31 9.59 5.44 2.39
C LEU A 31 10.98 4.95 2.75
N PRO A 32 11.12 3.62 2.93
CA PRO A 32 12.39 3.00 3.28
C PRO A 32 13.40 3.04 2.14
N LEU A 33 14.66 3.29 2.47
CA LEU A 33 15.72 3.36 1.47
C LEU A 33 15.75 2.07 0.63
N ASP A 34 16.72 2.00 -0.28
CA ASP A 34 16.87 0.83 -1.13
C ASP A 34 17.19 -0.41 -0.30
N GLU A 35 18.27 -0.35 0.47
CA GLU A 35 18.68 -1.45 1.31
C GLU A 35 17.48 -2.11 1.98
N GLU A 36 16.85 -1.37 2.89
CA GLU A 36 15.68 -1.88 3.61
C GLU A 36 14.66 -2.46 2.64
N LEU A 37 14.60 -1.89 1.44
CA LEU A 37 13.67 -2.36 0.43
C LEU A 37 14.17 -3.64 -0.23
N ASP A 38 15.49 -3.81 -0.27
CA ASP A 38 16.09 -4.99 -0.86
C ASP A 38 15.72 -6.25 -0.08
N ARG A 39 15.62 -6.11 1.24
CA ARG A 39 15.27 -7.24 2.09
C ARG A 39 13.81 -7.64 1.89
N LEU A 40 12.93 -6.65 1.89
CA LEU A 40 11.50 -6.90 1.71
C LEU A 40 11.23 -7.57 0.35
N ARG A 41 12.02 -7.21 -0.65
CA ARG A 41 11.87 -7.78 -1.98
C ARG A 41 12.02 -9.29 -1.95
N SER A 42 12.50 -9.81 -0.82
CA SER A 42 12.68 -11.25 -0.66
C SER A 42 11.41 -11.92 -0.16
N GLU A 43 10.70 -11.23 0.72
CA GLU A 43 9.46 -11.75 1.28
C GLU A 43 8.27 -11.42 0.37
N THR A 44 8.24 -10.19 -0.14
CA THR A 44 7.16 -9.76 -1.02
C THR A 44 7.37 -10.27 -2.45
N LYS A 45 8.62 -10.64 -2.76
CA LYS A 45 8.95 -11.14 -4.08
C LYS A 45 8.51 -10.16 -5.16
N MET A 46 8.54 -8.87 -4.83
CA MET A 46 8.15 -7.83 -5.78
C MET A 46 9.36 -7.03 -6.24
N THR A 47 9.11 -6.05 -7.11
CA THR A 47 10.19 -5.22 -7.63
C THR A 47 10.17 -3.83 -7.01
N ARG A 48 11.34 -3.22 -6.87
CA ARG A 48 11.44 -1.89 -6.29
C ARG A 48 10.32 -0.99 -6.78
N ARG A 49 9.94 -1.15 -8.04
CA ARG A 49 8.87 -0.35 -8.64
C ARG A 49 7.52 -0.71 -8.02
N GLU A 50 7.26 -2.00 -7.89
CA GLU A 50 6.00 -2.47 -7.32
C GLU A 50 5.90 -2.09 -5.84
N ILE A 51 7.05 -2.05 -5.17
CA ILE A 51 7.08 -1.70 -3.75
C ILE A 51 7.07 -0.18 -3.56
N ASP A 52 8.11 0.47 -4.07
CA ASP A 52 8.22 1.93 -3.95
C ASP A 52 6.88 2.59 -4.19
N SER A 53 6.16 2.12 -5.20
CA SER A 53 4.85 2.67 -5.54
C SER A 53 3.82 2.35 -4.46
N TRP A 54 3.78 1.09 -4.05
CA TRP A 54 2.85 0.64 -3.02
C TRP A 54 2.80 1.63 -1.87
N PHE A 55 3.98 1.99 -1.35
CA PHE A 55 4.07 2.93 -0.24
C PHE A 55 3.47 4.29 -0.62
N SER A 56 4.11 4.95 -1.58
CA SER A 56 3.65 6.26 -2.03
C SER A 56 2.14 6.25 -2.26
N GLU A 57 1.61 5.10 -2.66
CA GLU A 57 0.19 4.96 -2.91
C GLU A 57 -0.56 4.57 -1.64
N ARG A 58 0.14 3.88 -0.73
CA ARG A 58 -0.46 3.45 0.52
C ARG A 58 -0.46 4.57 1.55
N ARG A 59 0.74 4.99 1.94
CA ARG A 59 0.87 6.07 2.93
C ARG A 59 -0.06 7.23 2.60
N LYS A 60 -0.25 7.48 1.31
CA LYS A 60 -1.12 8.56 0.86
C LYS A 60 -2.58 8.19 1.03
N LYS A 61 -2.88 6.90 0.95
CA LYS A 61 -4.25 6.40 1.11
C LYS A 61 -4.75 6.64 2.53
N VAL A 62 -3.90 6.33 3.51
CA VAL A 62 -4.25 6.51 4.91
C VAL A 62 -4.77 7.92 5.18
N ASN A 63 -4.17 8.89 4.50
CA ASN A 63 -4.57 10.29 4.67
C ASN A 63 -6.00 10.50 4.17
N ALA A 64 -6.34 9.86 3.06
CA ALA A 64 -7.67 9.98 2.48
C ALA A 64 -8.55 8.81 2.89
N GLU A 65 -9.00 8.82 4.14
CA GLU A 65 -9.86 7.75 4.66
C GLU A 65 -10.96 8.33 5.55
N GLU A 66 -12.14 7.74 5.47
CA GLU A 66 -13.28 8.19 6.27
C GLU A 66 -13.77 9.56 5.80
N THR A 67 -13.82 9.74 4.48
CA THR A 67 -14.27 11.00 3.91
C THR A 67 -15.26 10.77 2.78
N LYS A 68 -15.89 11.84 2.31
CA LYS A 68 -16.86 11.75 1.23
C LYS A 68 -16.23 11.17 -0.02
N LYS A 69 -16.83 10.11 -0.56
CA LYS A 69 -16.33 9.46 -1.76
C LYS A 69 -17.45 8.72 -2.49
N SER A 70 -17.34 8.65 -3.81
CA SER A 70 -18.35 7.97 -4.62
C SER A 70 -17.97 6.52 -4.84
N GLY A 71 -17.54 5.86 -3.77
CA GLY A 71 -17.16 4.45 -3.86
C GLY A 71 -17.11 3.78 -2.51
N PRO A 72 -17.46 2.49 -2.48
CA PRO A 72 -17.46 1.69 -1.24
C PRO A 72 -16.06 1.42 -0.72
N SER A 73 -15.97 0.57 0.30
CA SER A 73 -14.67 0.22 0.89
C SER A 73 -14.78 -1.06 1.69
N SER A 74 -13.63 -1.68 1.96
CA SER A 74 -13.58 -2.92 2.72
C SER A 74 -12.87 -2.72 4.05
N GLY A 75 -13.51 -3.16 5.13
CA GLY A 75 -12.92 -3.02 6.45
C GLY A 75 -13.95 -3.11 7.55
N GLY A 1 -16.26 22.31 -8.12
CA GLY A 1 -15.48 21.13 -8.44
C GLY A 1 -14.01 21.30 -8.12
N SER A 2 -13.52 20.51 -7.17
CA SER A 2 -12.12 20.59 -6.77
C SER A 2 -11.77 19.44 -5.81
N SER A 3 -10.81 18.61 -6.22
CA SER A 3 -10.38 17.49 -5.41
C SER A 3 -11.54 16.51 -5.19
N GLY A 4 -12.28 16.24 -6.24
CA GLY A 4 -13.40 15.32 -6.15
C GLY A 4 -13.05 13.93 -6.64
N SER A 5 -12.74 13.04 -5.70
CA SER A 5 -12.39 11.67 -6.04
C SER A 5 -13.63 10.81 -6.23
N SER A 6 -13.61 9.96 -7.26
CA SER A 6 -14.74 9.09 -7.56
C SER A 6 -14.59 7.75 -6.86
N GLY A 7 -13.47 7.07 -7.12
CA GLY A 7 -13.22 5.78 -6.51
C GLY A 7 -12.20 4.96 -7.28
N PRO A 8 -10.92 5.34 -7.17
CA PRO A 8 -9.83 4.65 -7.86
C PRO A 8 -9.57 3.27 -7.28
N THR A 9 -10.17 2.25 -7.89
CA THR A 9 -10.01 0.87 -7.43
C THR A 9 -9.09 0.09 -8.36
N LYS A 10 -7.93 -0.30 -7.86
CA LYS A 10 -6.97 -1.06 -8.65
C LYS A 10 -7.53 -2.42 -9.04
N TYR A 11 -7.12 -2.92 -10.20
CA TYR A 11 -7.59 -4.21 -10.68
C TYR A 11 -7.80 -5.18 -9.53
N LYS A 12 -6.71 -5.52 -8.85
CA LYS A 12 -6.77 -6.44 -7.71
C LYS A 12 -5.98 -5.90 -6.52
N GLU A 13 -5.99 -6.64 -5.42
CA GLU A 13 -5.26 -6.23 -4.22
C GLU A 13 -4.00 -7.07 -4.04
N ARG A 14 -3.10 -6.59 -3.18
CA ARG A 14 -1.86 -7.31 -2.91
C ARG A 14 -2.13 -8.65 -2.25
N ALA A 15 -1.08 -9.46 -2.12
CA ALA A 15 -1.20 -10.77 -1.49
C ALA A 15 -1.10 -10.67 0.02
N PRO A 16 -1.64 -11.68 0.73
CA PRO A 16 -1.61 -11.72 2.19
C PRO A 16 -0.21 -11.97 2.74
N GLU A 17 0.67 -12.50 1.89
CA GLU A 17 2.04 -12.77 2.30
C GLU A 17 2.95 -11.59 1.98
N GLN A 18 2.60 -10.84 0.94
CA GLN A 18 3.39 -9.68 0.54
C GLN A 18 3.14 -8.51 1.48
N LEU A 19 1.88 -8.22 1.73
CA LEU A 19 1.51 -7.11 2.62
C LEU A 19 2.15 -7.28 3.99
N ARG A 20 2.07 -8.49 4.54
CA ARG A 20 2.64 -8.77 5.84
C ARG A 20 4.02 -8.14 5.98
N ALA A 21 4.83 -8.24 4.92
CA ALA A 21 6.17 -7.68 4.92
C ALA A 21 6.13 -6.17 4.80
N LEU A 22 5.33 -5.67 3.86
CA LEU A 22 5.20 -4.24 3.63
C LEU A 22 4.59 -3.55 4.86
N GLU A 23 3.34 -3.87 5.15
CA GLU A 23 2.65 -3.29 6.29
C GLU A 23 3.59 -3.14 7.49
N SER A 24 4.23 -4.24 7.87
CA SER A 24 5.16 -4.22 8.99
C SER A 24 6.30 -3.24 8.74
N SER A 25 6.78 -3.18 7.50
CA SER A 25 7.86 -2.29 7.14
C SER A 25 7.41 -0.83 7.21
N PHE A 26 6.15 -0.59 6.86
CA PHE A 26 5.59 0.76 6.89
C PHE A 26 5.73 1.38 8.28
N ALA A 27 5.39 0.60 9.30
CA ALA A 27 5.47 1.07 10.67
C ALA A 27 6.83 1.70 10.96
N GLN A 28 7.88 1.06 10.45
CA GLN A 28 9.24 1.56 10.67
C GLN A 28 9.49 2.82 9.86
N ASN A 29 9.20 2.76 8.56
CA ASN A 29 9.39 3.90 7.68
C ASN A 29 8.40 3.87 6.52
N PRO A 30 7.87 5.05 6.16
CA PRO A 30 6.91 5.18 5.07
C PRO A 30 7.54 4.93 3.70
N LEU A 31 8.70 5.55 3.46
CA LEU A 31 9.41 5.39 2.19
C LEU A 31 10.81 4.84 2.42
N PRO A 32 10.90 3.50 2.56
CA PRO A 32 12.17 2.81 2.78
C PRO A 32 13.07 2.85 1.54
N LEU A 33 14.35 3.13 1.76
CA LEU A 33 15.31 3.20 0.67
C LEU A 33 15.54 1.81 0.06
N ASP A 34 16.48 1.73 -0.87
CA ASP A 34 16.81 0.47 -1.52
C ASP A 34 17.29 -0.56 -0.50
N GLU A 35 18.04 -0.09 0.49
CA GLU A 35 18.57 -0.97 1.53
C GLU A 35 17.43 -1.70 2.25
N GLU A 36 16.49 -0.94 2.78
CA GLU A 36 15.36 -1.52 3.49
C GLU A 36 14.44 -2.26 2.53
N LEU A 37 14.54 -1.94 1.25
CA LEU A 37 13.72 -2.58 0.23
C LEU A 37 14.32 -3.92 -0.20
N ASP A 38 15.65 -3.99 -0.19
CA ASP A 38 16.35 -5.21 -0.58
C ASP A 38 15.85 -6.40 0.24
N ARG A 39 15.51 -6.14 1.50
CA ARG A 39 15.02 -7.19 2.39
C ARG A 39 13.57 -7.54 2.08
N LEU A 40 12.69 -6.55 2.19
CA LEU A 40 11.27 -6.77 1.92
C LEU A 40 11.08 -7.49 0.60
N ARG A 41 11.88 -7.13 -0.40
CA ARG A 41 11.80 -7.74 -1.73
C ARG A 41 11.79 -9.26 -1.62
N SER A 42 12.50 -9.79 -0.62
CA SER A 42 12.58 -11.22 -0.41
C SER A 42 11.21 -11.79 -0.04
N GLU A 43 10.41 -10.98 0.67
CA GLU A 43 9.08 -11.41 1.09
C GLU A 43 8.04 -11.05 0.03
N THR A 44 7.97 -9.77 -0.32
CA THR A 44 7.01 -9.30 -1.31
C THR A 44 7.32 -9.88 -2.69
N LYS A 45 8.60 -10.13 -2.94
CA LYS A 45 9.03 -10.69 -4.22
C LYS A 45 8.65 -9.76 -5.37
N MET A 46 8.77 -8.46 -5.13
CA MET A 46 8.44 -7.46 -6.15
C MET A 46 9.65 -6.57 -6.45
N THR A 47 9.47 -5.64 -7.37
CA THR A 47 10.53 -4.73 -7.76
C THR A 47 10.39 -3.39 -7.03
N ARG A 48 11.49 -2.64 -6.98
CA ARG A 48 11.49 -1.33 -6.31
C ARG A 48 10.35 -0.47 -6.83
N ARG A 49 10.07 -0.56 -8.12
CA ARG A 49 9.00 0.21 -8.74
C ARG A 49 7.63 -0.26 -8.26
N GLU A 50 7.50 -1.58 -8.08
CA GLU A 50 6.25 -2.17 -7.63
C GLU A 50 6.04 -1.94 -6.14
N ILE A 51 7.15 -1.86 -5.40
CA ILE A 51 7.11 -1.64 -3.96
C ILE A 51 6.90 -0.17 -3.63
N ASP A 52 7.62 0.69 -4.34
CA ASP A 52 7.51 2.13 -4.12
C ASP A 52 6.09 2.62 -4.38
N SER A 53 5.45 2.06 -5.40
CA SER A 53 4.09 2.43 -5.77
C SER A 53 3.13 2.15 -4.61
N TRP A 54 3.27 0.99 -3.99
CA TRP A 54 2.42 0.60 -2.88
C TRP A 54 2.46 1.65 -1.78
N PHE A 55 3.64 1.89 -1.22
CA PHE A 55 3.80 2.87 -0.16
C PHE A 55 3.17 4.21 -0.56
N SER A 56 3.69 4.81 -1.62
CA SER A 56 3.20 6.10 -2.10
C SER A 56 1.67 6.06 -2.22
N GLU A 57 1.11 4.87 -2.30
CA GLU A 57 -0.33 4.71 -2.43
C GLU A 57 -0.96 4.43 -1.06
N ARG A 58 -0.17 3.84 -0.17
CA ARG A 58 -0.66 3.51 1.17
C ARG A 58 -0.53 4.72 2.10
N ARG A 59 0.70 5.17 2.30
CA ARG A 59 0.96 6.31 3.17
C ARG A 59 0.06 7.49 2.81
N LYS A 60 -0.19 7.65 1.51
CA LYS A 60 -1.04 8.74 1.04
C LYS A 60 -2.50 8.47 1.36
N LYS A 61 -2.87 7.20 1.44
CA LYS A 61 -4.24 6.81 1.75
C LYS A 61 -4.59 7.17 3.19
N VAL A 62 -3.65 6.97 4.10
CA VAL A 62 -3.87 7.28 5.51
C VAL A 62 -4.06 8.77 5.72
N ASN A 63 -3.47 9.58 4.83
CA ASN A 63 -3.59 11.03 4.94
C ASN A 63 -4.98 11.48 4.50
N ALA A 64 -5.51 10.84 3.47
CA ALA A 64 -6.84 11.19 2.96
C ALA A 64 -7.89 10.22 3.48
N GLU A 65 -7.77 9.84 4.75
CA GLU A 65 -8.71 8.92 5.36
C GLU A 65 -10.03 9.63 5.67
N GLU A 66 -11.07 8.84 5.93
CA GLU A 66 -12.39 9.38 6.24
C GLU A 66 -12.99 10.07 5.01
N THR A 67 -12.83 9.44 3.85
CA THR A 67 -13.35 9.99 2.61
C THR A 67 -14.81 9.63 2.42
N LYS A 68 -15.67 10.65 2.33
CA LYS A 68 -17.10 10.43 2.15
C LYS A 68 -17.44 10.26 0.68
N LYS A 69 -17.79 9.03 0.30
CA LYS A 69 -18.13 8.73 -1.09
C LYS A 69 -19.20 7.63 -1.16
N SER A 70 -19.66 7.34 -2.37
CA SER A 70 -20.68 6.31 -2.57
C SER A 70 -20.05 5.00 -3.01
N GLY A 71 -19.97 4.05 -2.09
CA GLY A 71 -19.38 2.76 -2.41
C GLY A 71 -18.59 2.17 -1.25
N PRO A 72 -18.62 0.84 -1.13
CA PRO A 72 -17.90 0.13 -0.06
C PRO A 72 -16.40 0.19 -0.22
N SER A 73 -15.68 -0.41 0.72
CA SER A 73 -14.22 -0.42 0.67
C SER A 73 -13.65 -1.32 1.77
N SER A 74 -12.70 -2.16 1.40
CA SER A 74 -12.07 -3.08 2.35
C SER A 74 -11.77 -2.36 3.66
N GLY A 75 -12.02 -3.06 4.77
CA GLY A 75 -11.77 -2.49 6.08
C GLY A 75 -12.09 -3.45 7.21
N GLY A 1 -36.86 4.20 -8.71
CA GLY A 1 -36.60 3.21 -7.68
C GLY A 1 -35.30 2.45 -7.91
N SER A 2 -35.30 1.54 -8.87
CA SER A 2 -34.11 0.75 -9.18
C SER A 2 -33.05 1.61 -9.85
N SER A 3 -31.79 1.36 -9.50
CA SER A 3 -30.68 2.12 -10.06
C SER A 3 -29.79 1.22 -10.92
N GLY A 4 -29.46 0.05 -10.40
CA GLY A 4 -28.62 -0.89 -11.13
C GLY A 4 -27.95 -1.90 -10.23
N SER A 5 -27.00 -1.42 -9.42
CA SER A 5 -26.27 -2.29 -8.51
C SER A 5 -26.45 -1.84 -7.06
N SER A 6 -26.11 -2.71 -6.13
CA SER A 6 -26.24 -2.41 -4.71
C SER A 6 -25.12 -1.48 -4.25
N GLY A 7 -23.88 -1.87 -4.54
CA GLY A 7 -22.75 -1.05 -4.15
C GLY A 7 -21.59 -1.18 -5.12
N PRO A 8 -20.40 -0.71 -4.70
CA PRO A 8 -19.18 -0.76 -5.52
C PRO A 8 -18.66 -2.19 -5.68
N THR A 9 -18.01 -2.45 -6.81
CA THR A 9 -17.46 -3.76 -7.10
C THR A 9 -15.94 -3.74 -7.07
N LYS A 10 -15.36 -4.49 -6.15
CA LYS A 10 -13.91 -4.56 -6.03
C LYS A 10 -13.29 -5.28 -7.22
N TYR A 11 -11.96 -5.32 -7.27
CA TYR A 11 -11.25 -5.98 -8.36
C TYR A 11 -10.25 -7.00 -7.82
N LYS A 12 -9.26 -6.52 -7.08
CA LYS A 12 -8.24 -7.38 -6.51
C LYS A 12 -7.36 -6.61 -5.52
N GLU A 13 -6.72 -7.35 -4.61
CA GLU A 13 -5.85 -6.73 -3.62
C GLU A 13 -4.51 -7.47 -3.52
N ARG A 14 -3.54 -6.85 -2.87
CA ARG A 14 -2.23 -7.45 -2.71
C ARG A 14 -2.33 -8.83 -2.07
N ALA A 15 -1.20 -9.51 -1.93
CA ALA A 15 -1.16 -10.84 -1.33
C ALA A 15 -0.97 -10.74 0.18
N PRO A 16 -1.47 -11.75 0.90
CA PRO A 16 -1.37 -11.81 2.36
C PRO A 16 0.05 -12.05 2.84
N GLU A 17 0.91 -12.50 1.92
CA GLU A 17 2.31 -12.77 2.24
C GLU A 17 3.18 -11.55 1.96
N GLN A 18 2.79 -10.78 0.94
CA GLN A 18 3.54 -9.59 0.57
C GLN A 18 3.28 -8.46 1.55
N LEU A 19 2.01 -8.14 1.77
CA LEU A 19 1.64 -7.07 2.69
C LEU A 19 2.33 -7.23 4.04
N ARG A 20 2.31 -8.46 4.56
CA ARG A 20 2.93 -8.76 5.85
C ARG A 20 4.29 -8.06 5.96
N ALA A 21 5.06 -8.09 4.88
CA ALA A 21 6.37 -7.46 4.86
C ALA A 21 6.26 -5.95 4.73
N LEU A 22 5.45 -5.51 3.76
CA LEU A 22 5.25 -4.08 3.52
C LEU A 22 4.69 -3.40 4.77
N GLU A 23 3.48 -3.77 5.15
CA GLU A 23 2.83 -3.20 6.32
C GLU A 23 3.80 -3.13 7.50
N SER A 24 4.48 -4.25 7.76
CA SER A 24 5.43 -4.32 8.87
C SER A 24 6.48 -3.21 8.75
N SER A 25 6.97 -2.99 7.54
CA SER A 25 7.97 -1.96 7.29
C SER A 25 7.37 -0.57 7.43
N PHE A 26 6.19 -0.38 6.87
CA PHE A 26 5.50 0.91 6.93
C PHE A 26 5.58 1.49 8.35
N ALA A 27 5.21 0.68 9.33
CA ALA A 27 5.23 1.12 10.72
C ALA A 27 6.54 1.83 11.06
N GLN A 28 7.61 1.40 10.41
CA GLN A 28 8.92 2.00 10.63
C GLN A 28 9.08 3.28 9.84
N ASN A 29 8.75 3.23 8.56
CA ASN A 29 8.86 4.39 7.69
C ASN A 29 7.97 4.23 6.45
N PRO A 30 7.37 5.34 6.01
CA PRO A 30 6.47 5.35 4.85
C PRO A 30 7.24 5.14 3.55
N LEU A 31 8.43 5.71 3.46
CA LEU A 31 9.26 5.58 2.27
C LEU A 31 10.65 5.07 2.62
N PRO A 32 10.78 3.74 2.75
CA PRO A 32 12.06 3.10 3.08
C PRO A 32 13.07 3.19 1.95
N LEU A 33 14.35 3.09 2.29
CA LEU A 33 15.42 3.16 1.30
C LEU A 33 15.55 1.84 0.56
N ASP A 34 16.48 1.79 -0.40
CA ASP A 34 16.70 0.58 -1.19
C ASP A 34 17.08 -0.58 -0.28
N GLU A 35 17.97 -0.32 0.67
CA GLU A 35 18.41 -1.36 1.61
C GLU A 35 17.22 -2.07 2.24
N GLU A 36 16.47 -1.33 3.05
CA GLU A 36 15.30 -1.89 3.72
C GLU A 36 14.36 -2.54 2.72
N LEU A 37 14.36 -2.03 1.50
CA LEU A 37 13.51 -2.56 0.44
C LEU A 37 14.08 -3.87 -0.13
N ASP A 38 15.41 -3.97 -0.12
CA ASP A 38 16.08 -5.15 -0.63
C ASP A 38 15.67 -6.39 0.16
N ARG A 39 15.39 -6.21 1.44
CA ARG A 39 14.99 -7.30 2.32
C ARG A 39 13.56 -7.74 2.02
N LEU A 40 12.65 -6.76 2.02
CA LEU A 40 11.24 -7.04 1.75
C LEU A 40 11.07 -7.74 0.41
N ARG A 41 11.75 -7.24 -0.62
CA ARG A 41 11.67 -7.81 -1.95
C ARG A 41 11.64 -9.33 -1.87
N SER A 42 12.38 -9.89 -0.92
CA SER A 42 12.45 -11.34 -0.74
C SER A 42 11.08 -11.91 -0.42
N GLU A 43 10.35 -11.25 0.48
CA GLU A 43 9.03 -11.69 0.88
C GLU A 43 7.97 -11.23 -0.13
N THR A 44 8.00 -9.95 -0.47
CA THR A 44 7.05 -9.39 -1.41
C THR A 44 7.32 -9.90 -2.83
N LYS A 45 8.56 -10.32 -3.08
CA LYS A 45 8.94 -10.83 -4.39
C LYS A 45 8.63 -9.81 -5.49
N MET A 46 8.82 -8.54 -5.17
CA MET A 46 8.56 -7.47 -6.14
C MET A 46 9.82 -6.63 -6.35
N THR A 47 9.68 -5.56 -7.13
CA THR A 47 10.81 -4.68 -7.42
C THR A 47 10.73 -3.40 -6.60
N ARG A 48 11.81 -2.64 -6.59
CA ARG A 48 11.87 -1.39 -5.84
C ARG A 48 10.80 -0.42 -6.33
N ARG A 49 10.70 -0.26 -7.64
CA ARG A 49 9.71 0.64 -8.23
C ARG A 49 8.30 0.18 -7.91
N GLU A 50 8.10 -1.13 -7.86
CA GLU A 50 6.79 -1.70 -7.55
C GLU A 50 6.43 -1.49 -6.09
N ILE A 51 7.39 -1.76 -5.20
CA ILE A 51 7.18 -1.59 -3.77
C ILE A 51 6.98 -0.13 -3.40
N ASP A 52 7.94 0.71 -3.79
CA ASP A 52 7.87 2.13 -3.52
C ASP A 52 6.48 2.68 -3.81
N SER A 53 5.92 2.28 -4.95
CA SER A 53 4.59 2.74 -5.35
C SER A 53 3.55 2.40 -4.28
N TRP A 54 3.57 1.16 -3.82
CA TRP A 54 2.63 0.70 -2.80
C TRP A 54 2.62 1.67 -1.61
N PHE A 55 3.79 2.15 -1.24
CA PHE A 55 3.92 3.08 -0.11
C PHE A 55 3.33 4.44 -0.47
N SER A 56 3.92 5.08 -1.48
CA SER A 56 3.45 6.39 -1.93
C SER A 56 1.95 6.39 -2.17
N GLU A 57 1.39 5.20 -2.35
CA GLU A 57 -0.04 5.04 -2.60
C GLU A 57 -0.78 4.69 -1.32
N ARG A 58 -0.15 3.86 -0.50
CA ARG A 58 -0.76 3.43 0.77
C ARG A 58 -0.68 4.55 1.81
N ARG A 59 0.54 4.99 2.09
CA ARG A 59 0.75 6.05 3.08
C ARG A 59 -0.21 7.22 2.83
N LYS A 60 -0.59 7.41 1.57
CA LYS A 60 -1.50 8.49 1.20
C LYS A 60 -2.96 8.04 1.32
N LYS A 61 -3.17 6.74 1.21
CA LYS A 61 -4.51 6.18 1.31
C LYS A 61 -5.01 6.19 2.75
N VAL A 62 -4.13 5.84 3.68
CA VAL A 62 -4.48 5.83 5.10
C VAL A 62 -4.97 7.19 5.56
N ASN A 63 -4.37 8.24 5.01
CA ASN A 63 -4.75 9.61 5.36
C ASN A 63 -5.98 10.05 4.60
N ALA A 64 -6.12 9.56 3.36
CA ALA A 64 -7.26 9.90 2.53
C ALA A 64 -8.42 8.95 2.76
N GLU A 65 -8.62 8.57 4.02
CA GLU A 65 -9.70 7.65 4.37
C GLU A 65 -10.65 8.27 5.39
N GLU A 66 -11.80 7.65 5.59
CA GLU A 66 -12.80 8.15 6.52
C GLU A 66 -13.15 9.61 6.22
N THR A 67 -13.22 9.92 4.93
CA THR A 67 -13.55 11.28 4.50
C THR A 67 -14.88 11.31 3.76
N LYS A 68 -15.66 12.35 4.00
CA LYS A 68 -16.96 12.51 3.35
C LYS A 68 -16.80 12.72 1.85
N LYS A 69 -17.74 12.18 1.08
CA LYS A 69 -17.71 12.31 -0.37
C LYS A 69 -18.95 13.04 -0.88
N SER A 70 -18.74 14.22 -1.46
CA SER A 70 -19.84 15.01 -1.99
C SER A 70 -20.94 14.12 -2.56
N GLY A 71 -22.12 14.18 -1.95
CA GLY A 71 -23.24 13.37 -2.41
C GLY A 71 -24.46 13.52 -1.54
N PRO A 72 -25.25 14.57 -1.79
CA PRO A 72 -26.48 14.84 -1.03
C PRO A 72 -27.57 13.83 -1.31
N SER A 73 -27.66 12.81 -0.45
CA SER A 73 -28.66 11.76 -0.61
C SER A 73 -30.04 12.37 -0.88
N SER A 74 -31.01 11.51 -1.20
CA SER A 74 -32.36 11.96 -1.49
C SER A 74 -33.29 11.68 -0.32
N GLY A 75 -33.09 10.53 0.32
CA GLY A 75 -33.93 10.15 1.45
C GLY A 75 -35.40 10.43 1.21
N GLY A 1 -24.52 -23.63 8.04
CA GLY A 1 -24.76 -22.53 7.14
C GLY A 1 -24.37 -21.19 7.73
N SER A 2 -23.56 -20.43 7.01
CA SER A 2 -23.11 -19.13 7.47
C SER A 2 -22.97 -18.15 6.31
N SER A 3 -23.58 -16.98 6.46
CA SER A 3 -23.54 -15.95 5.41
C SER A 3 -24.01 -14.61 5.96
N GLY A 4 -23.72 -13.54 5.22
CA GLY A 4 -24.11 -12.22 5.64
C GLY A 4 -23.06 -11.17 5.35
N SER A 5 -23.02 -10.70 4.10
CA SER A 5 -22.03 -9.70 3.71
C SER A 5 -22.53 -8.91 2.49
N SER A 6 -22.80 -7.62 2.69
CA SER A 6 -23.28 -6.76 1.62
C SER A 6 -22.19 -5.78 1.19
N GLY A 7 -22.08 -5.59 -0.12
CA GLY A 7 -21.08 -4.67 -0.65
C GLY A 7 -19.67 -5.18 -0.45
N PRO A 8 -19.21 -6.05 -1.36
CA PRO A 8 -17.86 -6.62 -1.30
C PRO A 8 -16.78 -5.59 -1.59
N THR A 9 -15.64 -5.73 -0.91
CA THR A 9 -14.53 -4.82 -1.10
C THR A 9 -13.90 -4.98 -2.48
N LYS A 10 -13.49 -3.86 -3.07
CA LYS A 10 -12.87 -3.87 -4.40
C LYS A 10 -11.90 -5.04 -4.53
N TYR A 11 -11.55 -5.37 -5.77
CA TYR A 11 -10.63 -6.47 -6.03
C TYR A 11 -9.18 -6.02 -5.89
N LYS A 12 -8.81 -4.98 -6.63
CA LYS A 12 -7.46 -4.45 -6.58
C LYS A 12 -6.92 -4.47 -5.16
N GLU A 13 -6.00 -5.39 -4.90
CA GLU A 13 -5.39 -5.51 -3.57
C GLU A 13 -4.18 -6.43 -3.61
N ARG A 14 -3.29 -6.28 -2.63
CA ARG A 14 -2.08 -7.09 -2.55
C ARG A 14 -2.36 -8.43 -1.88
N ALA A 15 -1.34 -9.27 -1.80
CA ALA A 15 -1.49 -10.58 -1.17
C ALA A 15 -1.24 -10.50 0.33
N PRO A 16 -1.67 -11.54 1.06
CA PRO A 16 -1.50 -11.61 2.51
C PRO A 16 -0.05 -11.81 2.93
N GLU A 17 0.71 -12.51 2.08
CA GLU A 17 2.11 -12.76 2.35
C GLU A 17 2.97 -11.52 2.09
N GLN A 18 2.75 -10.90 0.93
CA GLN A 18 3.49 -9.70 0.55
C GLN A 18 3.23 -8.57 1.54
N LEU A 19 1.97 -8.23 1.73
CA LEU A 19 1.59 -7.16 2.65
C LEU A 19 2.27 -7.35 4.00
N ARG A 20 2.07 -8.52 4.61
CA ARG A 20 2.67 -8.82 5.90
C ARG A 20 4.08 -8.25 6.00
N ALA A 21 4.84 -8.35 4.92
CA ALA A 21 6.21 -7.84 4.87
C ALA A 21 6.22 -6.33 4.71
N LEU A 22 5.28 -5.81 3.92
CA LEU A 22 5.19 -4.38 3.68
C LEU A 22 4.61 -3.66 4.89
N GLU A 23 3.34 -3.92 5.18
CA GLU A 23 2.68 -3.31 6.32
C GLU A 23 3.61 -3.19 7.51
N SER A 24 4.27 -4.30 7.84
CA SER A 24 5.20 -4.34 8.97
C SER A 24 6.33 -3.33 8.77
N SER A 25 6.76 -3.16 7.53
CA SER A 25 7.83 -2.22 7.20
C SER A 25 7.33 -0.78 7.28
N PHE A 26 6.15 -0.54 6.70
CA PHE A 26 5.57 0.80 6.70
C PHE A 26 5.68 1.45 8.08
N ALA A 27 5.40 0.67 9.11
CA ALA A 27 5.47 1.17 10.48
C ALA A 27 6.78 1.90 10.73
N GLN A 28 7.88 1.25 10.40
CA GLN A 28 9.21 1.84 10.58
C GLN A 28 9.34 3.14 9.80
N ASN A 29 8.95 3.11 8.54
CA ASN A 29 9.02 4.29 7.68
C ASN A 29 8.16 4.12 6.43
N PRO A 30 7.52 5.22 6.01
CA PRO A 30 6.66 5.21 4.82
C PRO A 30 7.44 5.03 3.52
N LEU A 31 8.68 5.47 3.53
CA LEU A 31 9.55 5.36 2.35
C LEU A 31 10.88 4.73 2.72
N PRO A 32 10.93 3.39 2.75
CA PRO A 32 12.14 2.64 3.07
C PRO A 32 13.20 2.74 1.98
N LEU A 33 14.44 2.99 2.39
CA LEU A 33 15.54 3.11 1.44
C LEU A 33 15.75 1.82 0.67
N ASP A 34 16.68 1.83 -0.27
CA ASP A 34 16.98 0.65 -1.07
C ASP A 34 17.37 -0.53 -0.19
N GLU A 35 18.16 -0.25 0.84
CA GLU A 35 18.60 -1.30 1.76
C GLU A 35 17.41 -1.97 2.45
N GLU A 36 16.48 -1.14 2.93
CA GLU A 36 15.29 -1.65 3.61
C GLU A 36 14.33 -2.29 2.62
N LEU A 37 14.49 -1.94 1.35
CA LEU A 37 13.62 -2.48 0.30
C LEU A 37 14.18 -3.80 -0.23
N ASP A 38 15.50 -3.91 -0.28
CA ASP A 38 16.15 -5.13 -0.76
C ASP A 38 15.75 -6.33 0.08
N ARG A 39 15.45 -6.08 1.35
CA ARG A 39 15.05 -7.15 2.26
C ARG A 39 13.59 -7.52 2.06
N LEU A 40 12.75 -6.51 1.87
CA LEU A 40 11.32 -6.73 1.65
C LEU A 40 11.08 -7.50 0.36
N ARG A 41 11.84 -7.14 -0.67
CA ARG A 41 11.70 -7.79 -1.98
C ARG A 41 11.72 -9.31 -1.83
N SER A 42 12.41 -9.79 -0.81
CA SER A 42 12.49 -11.23 -0.56
C SER A 42 11.14 -11.80 -0.15
N GLU A 43 10.37 -11.00 0.58
CA GLU A 43 9.05 -11.43 1.05
C GLU A 43 7.98 -11.06 0.03
N THR A 44 7.96 -9.79 -0.37
CA THR A 44 6.99 -9.30 -1.34
C THR A 44 7.25 -9.88 -2.73
N LYS A 45 8.48 -10.31 -2.96
CA LYS A 45 8.86 -10.89 -4.24
C LYS A 45 8.58 -9.91 -5.38
N MET A 46 8.75 -8.62 -5.11
CA MET A 46 8.52 -7.59 -6.11
C MET A 46 9.79 -6.78 -6.36
N THR A 47 9.70 -5.80 -7.25
CA THR A 47 10.83 -4.95 -7.58
C THR A 47 10.70 -3.58 -6.93
N ARG A 48 11.82 -2.87 -6.83
CA ARG A 48 11.83 -1.54 -6.23
C ARG A 48 10.72 -0.68 -6.80
N ARG A 49 10.60 -0.67 -8.12
CA ARG A 49 9.58 0.11 -8.80
C ARG A 49 8.18 -0.32 -8.37
N GLU A 50 7.99 -1.64 -8.24
CA GLU A 50 6.71 -2.19 -7.83
C GLU A 50 6.37 -1.80 -6.39
N ILE A 51 7.28 -2.13 -5.47
CA ILE A 51 7.08 -1.81 -4.07
C ILE A 51 6.94 -0.30 -3.85
N ASP A 52 7.89 0.45 -4.39
CA ASP A 52 7.87 1.91 -4.27
C ASP A 52 6.47 2.45 -4.53
N SER A 53 5.85 1.97 -5.60
CA SER A 53 4.50 2.42 -5.96
C SER A 53 3.51 2.14 -4.84
N TRP A 54 3.67 0.98 -4.20
CA TRP A 54 2.79 0.58 -3.11
C TRP A 54 2.74 1.66 -2.03
N PHE A 55 3.89 1.94 -1.43
CA PHE A 55 3.99 2.96 -0.38
C PHE A 55 3.31 4.25 -0.82
N SER A 56 3.79 4.82 -1.93
CA SER A 56 3.23 6.06 -2.45
C SER A 56 1.72 5.97 -2.60
N GLU A 57 1.23 4.76 -2.89
CA GLU A 57 -0.20 4.53 -3.05
C GLU A 57 -0.86 4.21 -1.72
N ARG A 58 -0.06 3.75 -0.77
CA ARG A 58 -0.57 3.40 0.55
C ARG A 58 -0.53 4.61 1.49
N ARG A 59 0.68 5.08 1.80
CA ARG A 59 0.84 6.23 2.67
C ARG A 59 -0.08 7.37 2.26
N LYS A 60 -0.28 7.51 0.96
CA LYS A 60 -1.14 8.56 0.42
C LYS A 60 -2.61 8.28 0.74
N LYS A 61 -2.96 7.01 0.81
CA LYS A 61 -4.33 6.60 1.11
C LYS A 61 -4.74 7.06 2.50
N VAL A 62 -3.79 7.04 3.43
CA VAL A 62 -4.05 7.46 4.80
C VAL A 62 -4.09 8.98 4.92
N ASN A 63 -3.15 9.64 4.25
CA ASN A 63 -3.07 11.10 4.28
C ASN A 63 -4.33 11.71 3.69
N ALA A 64 -4.84 11.11 2.62
CA ALA A 64 -6.04 11.59 1.96
C ALA A 64 -7.30 11.02 2.62
N GLU A 65 -7.28 10.93 3.94
CA GLU A 65 -8.42 10.40 4.68
C GLU A 65 -8.93 11.42 5.70
N GLU A 66 -10.23 11.37 5.97
CA GLU A 66 -10.84 12.29 6.92
C GLU A 66 -11.70 11.54 7.93
N THR A 67 -11.96 12.18 9.07
CA THR A 67 -12.76 11.56 10.12
C THR A 67 -14.17 12.13 10.13
N LYS A 68 -14.28 13.46 10.25
CA LYS A 68 -15.57 14.13 10.26
C LYS A 68 -16.43 13.69 9.08
N LYS A 69 -17.74 13.73 9.26
CA LYS A 69 -18.67 13.34 8.21
C LYS A 69 -20.11 13.61 8.64
N SER A 70 -20.75 14.58 7.98
CA SER A 70 -22.12 14.93 8.29
C SER A 70 -22.96 15.04 7.01
N GLY A 71 -24.11 14.38 7.00
CA GLY A 71 -24.98 14.42 5.84
C GLY A 71 -26.31 15.08 6.14
N PRO A 72 -26.32 16.42 6.08
CA PRO A 72 -27.54 17.21 6.34
C PRO A 72 -28.59 17.05 5.23
N SER A 73 -29.70 17.76 5.38
CA SER A 73 -30.77 17.69 4.39
C SER A 73 -30.21 17.51 2.98
N SER A 74 -30.45 16.34 2.40
CA SER A 74 -29.96 16.05 1.06
C SER A 74 -30.96 15.18 0.30
N GLY A 75 -31.47 15.71 -0.82
CA GLY A 75 -32.42 14.98 -1.62
C GLY A 75 -31.99 13.55 -1.88
N GLY A 1 -3.98 21.90 -2.05
CA GLY A 1 -5.34 21.43 -2.16
C GLY A 1 -5.44 19.92 -2.19
N SER A 2 -6.54 19.39 -1.68
CA SER A 2 -6.75 17.95 -1.65
C SER A 2 -8.03 17.57 -2.38
N SER A 3 -7.93 17.42 -3.70
CA SER A 3 -9.08 17.05 -4.53
C SER A 3 -9.12 15.55 -4.76
N GLY A 4 -9.88 14.85 -3.93
CA GLY A 4 -10.00 13.41 -4.06
C GLY A 4 -10.40 12.99 -5.46
N SER A 5 -9.44 12.53 -6.24
CA SER A 5 -9.70 12.10 -7.61
C SER A 5 -9.72 10.58 -7.71
N SER A 6 -10.91 10.01 -7.84
CA SER A 6 -11.07 8.56 -7.94
C SER A 6 -11.81 8.19 -9.22
N GLY A 7 -11.25 7.23 -9.96
CA GLY A 7 -11.87 6.79 -11.20
C GLY A 7 -12.11 5.30 -11.21
N PRO A 8 -12.70 4.81 -12.32
CA PRO A 8 -13.01 3.39 -12.49
C PRO A 8 -11.74 2.55 -12.68
N THR A 9 -11.77 1.34 -12.13
CA THR A 9 -10.63 0.43 -12.23
C THR A 9 -10.99 -0.98 -11.75
N LYS A 10 -10.52 -1.97 -12.48
CA LYS A 10 -10.80 -3.37 -12.13
C LYS A 10 -10.35 -3.67 -10.70
N TYR A 11 -11.02 -4.63 -10.07
CA TYR A 11 -10.70 -5.01 -8.70
C TYR A 11 -9.24 -5.46 -8.60
N LYS A 12 -8.49 -4.79 -7.73
CA LYS A 12 -7.08 -5.13 -7.53
C LYS A 12 -6.72 -5.09 -6.05
N GLU A 13 -5.88 -6.03 -5.63
CA GLU A 13 -5.45 -6.11 -4.24
C GLU A 13 -4.19 -6.97 -4.10
N ARG A 14 -3.29 -6.55 -3.22
CA ARG A 14 -2.05 -7.27 -3.00
C ARG A 14 -2.31 -8.61 -2.31
N ALA A 15 -1.28 -9.41 -2.18
CA ALA A 15 -1.40 -10.72 -1.53
C ALA A 15 -1.32 -10.59 -0.02
N PRO A 16 -1.96 -11.54 0.69
CA PRO A 16 -1.99 -11.55 2.16
C PRO A 16 -0.62 -11.90 2.75
N GLU A 17 0.24 -12.50 1.94
CA GLU A 17 1.57 -12.88 2.39
C GLU A 17 2.57 -11.75 2.15
N GLN A 18 2.37 -11.02 1.05
CA GLN A 18 3.25 -9.91 0.70
C GLN A 18 3.05 -8.73 1.65
N LEU A 19 1.80 -8.29 1.78
CA LEU A 19 1.47 -7.17 2.65
C LEU A 19 2.09 -7.36 4.03
N ARG A 20 1.89 -8.54 4.61
CA ARG A 20 2.43 -8.85 5.93
C ARG A 20 3.84 -8.30 6.08
N ALA A 21 4.60 -8.34 4.98
CA ALA A 21 5.97 -7.84 4.99
C ALA A 21 6.02 -6.34 4.80
N LEU A 22 5.18 -5.84 3.90
CA LEU A 22 5.13 -4.40 3.62
C LEU A 22 4.55 -3.64 4.80
N GLU A 23 3.31 -3.94 5.16
CA GLU A 23 2.65 -3.28 6.27
C GLU A 23 3.59 -3.16 7.47
N SER A 24 4.22 -4.27 7.82
CA SER A 24 5.15 -4.29 8.95
C SER A 24 6.29 -3.31 8.74
N SER A 25 6.78 -3.24 7.51
CA SER A 25 7.88 -2.34 7.18
C SER A 25 7.42 -0.89 7.24
N PHE A 26 6.18 -0.65 6.84
CA PHE A 26 5.63 0.70 6.86
C PHE A 26 5.81 1.36 8.23
N ALA A 27 5.51 0.59 9.28
CA ALA A 27 5.64 1.09 10.65
C ALA A 27 6.99 1.78 10.85
N GLN A 28 8.04 1.20 10.30
CA GLN A 28 9.38 1.76 10.42
C GLN A 28 9.49 3.07 9.64
N ASN A 29 9.16 3.03 8.37
CA ASN A 29 9.22 4.20 7.51
C ASN A 29 8.28 4.08 6.32
N PRO A 30 7.67 5.20 5.93
CA PRO A 30 6.73 5.24 4.79
C PRO A 30 7.44 5.04 3.46
N LEU A 31 8.61 5.63 3.32
CA LEU A 31 9.38 5.52 2.09
C LEU A 31 10.81 5.04 2.38
N PRO A 32 10.96 3.72 2.52
CA PRO A 32 12.25 3.09 2.81
C PRO A 32 13.20 3.16 1.61
N LEU A 33 14.50 3.21 1.89
CA LEU A 33 15.51 3.29 0.84
C LEU A 33 15.71 1.93 0.19
N ASP A 34 16.63 1.87 -0.76
CA ASP A 34 16.93 0.62 -1.46
C ASP A 34 17.32 -0.48 -0.48
N GLU A 35 18.18 -0.14 0.46
CA GLU A 35 18.63 -1.10 1.47
C GLU A 35 17.45 -1.81 2.12
N GLU A 36 16.68 -1.05 2.89
CA GLU A 36 15.51 -1.60 3.58
C GLU A 36 14.58 -2.30 2.59
N LEU A 37 14.60 -1.84 1.34
CA LEU A 37 13.76 -2.41 0.30
C LEU A 37 14.28 -3.78 -0.13
N ASP A 38 15.60 -3.92 -0.18
CA ASP A 38 16.23 -5.17 -0.57
C ASP A 38 15.74 -6.32 0.30
N ARG A 39 15.48 -6.02 1.57
CA ARG A 39 15.02 -7.03 2.51
C ARG A 39 13.58 -7.44 2.20
N LEU A 40 12.68 -6.45 2.16
CA LEU A 40 11.28 -6.72 1.87
C LEU A 40 11.11 -7.41 0.52
N ARG A 41 11.90 -6.98 -0.46
CA ARG A 41 11.85 -7.56 -1.80
C ARG A 41 12.02 -9.07 -1.74
N SER A 42 12.75 -9.54 -0.73
CA SER A 42 12.99 -10.97 -0.56
C SER A 42 11.71 -11.70 -0.18
N GLU A 43 10.84 -11.01 0.56
CA GLU A 43 9.57 -11.60 0.99
C GLU A 43 8.46 -11.30 -0.01
N THR A 44 8.28 -10.02 -0.31
CA THR A 44 7.25 -9.59 -1.25
C THR A 44 7.56 -10.08 -2.66
N LYS A 45 8.85 -10.33 -2.92
CA LYS A 45 9.28 -10.79 -4.23
C LYS A 45 8.85 -9.82 -5.33
N MET A 46 8.94 -8.53 -5.04
CA MET A 46 8.56 -7.50 -6.00
C MET A 46 9.75 -6.61 -6.34
N THR A 47 9.50 -5.58 -7.14
CA THR A 47 10.55 -4.66 -7.55
C THR A 47 10.37 -3.29 -6.89
N ARG A 48 11.44 -2.51 -6.86
CA ARG A 48 11.40 -1.19 -6.26
C ARG A 48 10.23 -0.37 -6.78
N ARG A 49 9.86 -0.63 -8.04
CA ARG A 49 8.75 0.08 -8.67
C ARG A 49 7.41 -0.43 -8.14
N GLU A 50 7.30 -1.74 -7.99
CA GLU A 50 6.08 -2.36 -7.49
C GLU A 50 5.90 -2.09 -6.00
N ILE A 51 7.01 -1.93 -5.29
CA ILE A 51 6.99 -1.67 -3.86
C ILE A 51 6.76 -0.19 -3.58
N ASP A 52 7.59 0.66 -4.18
CA ASP A 52 7.46 2.10 -3.99
C ASP A 52 6.02 2.56 -4.23
N SER A 53 5.47 2.17 -5.37
CA SER A 53 4.11 2.55 -5.72
C SER A 53 3.15 2.27 -4.57
N TRP A 54 3.25 1.07 -3.99
CA TRP A 54 2.39 0.67 -2.89
C TRP A 54 2.41 1.74 -1.78
N PHE A 55 3.57 1.93 -1.17
CA PHE A 55 3.73 2.92 -0.11
C PHE A 55 3.07 4.25 -0.50
N SER A 56 3.50 4.80 -1.62
CA SER A 56 2.97 6.07 -2.10
C SER A 56 1.45 6.02 -2.20
N GLU A 57 0.92 4.80 -2.26
CA GLU A 57 -0.53 4.62 -2.36
C GLU A 57 -1.14 4.38 -0.98
N ARG A 58 -0.37 3.75 -0.10
CA ARG A 58 -0.84 3.45 1.25
C ARG A 58 -0.66 4.67 2.16
N ARG A 59 0.60 5.05 2.39
CA ARG A 59 0.90 6.19 3.24
C ARG A 59 0.00 7.38 2.91
N LYS A 60 -0.43 7.45 1.66
CA LYS A 60 -1.30 8.54 1.21
C LYS A 60 -2.76 8.22 1.52
N LYS A 61 -3.11 6.95 1.42
CA LYS A 61 -4.49 6.52 1.69
C LYS A 61 -4.85 6.76 3.15
N VAL A 62 -3.93 6.47 4.04
CA VAL A 62 -4.15 6.67 5.48
C VAL A 62 -4.52 8.12 5.78
N ASN A 63 -3.92 9.04 5.04
CA ASN A 63 -4.18 10.46 5.24
C ASN A 63 -5.61 10.81 4.81
N ALA A 64 -6.06 10.22 3.72
CA ALA A 64 -7.40 10.46 3.21
C ALA A 64 -8.37 9.39 3.68
N GLU A 65 -8.57 9.31 5.00
CA GLU A 65 -9.47 8.33 5.59
C GLU A 65 -10.34 8.97 6.66
N GLU A 66 -11.43 8.30 7.01
CA GLU A 66 -12.35 8.80 8.02
C GLU A 66 -12.27 7.97 9.29
N THR A 67 -12.89 8.46 10.36
CA THR A 67 -12.88 7.77 11.64
C THR A 67 -14.27 7.33 12.03
N LYS A 68 -15.24 8.23 11.92
CA LYS A 68 -16.62 7.93 12.26
C LYS A 68 -17.55 9.04 11.78
N LYS A 69 -18.71 8.65 11.25
CA LYS A 69 -19.69 9.61 10.75
C LYS A 69 -21.10 9.04 10.87
N SER A 70 -22.03 9.88 11.34
CA SER A 70 -23.42 9.47 11.49
C SER A 70 -24.10 9.30 10.14
N GLY A 71 -25.09 8.42 10.09
CA GLY A 71 -25.81 8.18 8.86
C GLY A 71 -26.94 7.18 9.02
N PRO A 72 -28.03 7.38 8.26
CA PRO A 72 -29.20 6.50 8.31
C PRO A 72 -28.92 5.13 7.72
N SER A 73 -28.14 5.10 6.64
CA SER A 73 -27.80 3.85 5.99
C SER A 73 -26.33 3.48 6.24
N SER A 74 -26.13 2.31 6.86
CA SER A 74 -24.78 1.84 7.16
C SER A 74 -24.12 1.25 5.93
N GLY A 75 -23.15 1.98 5.37
CA GLY A 75 -22.45 1.51 4.19
C GLY A 75 -20.98 1.27 4.45
N GLY A 1 -21.59 7.15 20.32
CA GLY A 1 -20.68 7.21 19.20
C GLY A 1 -20.61 5.89 18.43
N SER A 2 -20.59 5.97 17.11
CA SER A 2 -20.53 4.78 16.28
C SER A 2 -19.20 4.71 15.53
N SER A 3 -18.48 3.60 15.74
CA SER A 3 -17.19 3.41 15.09
C SER A 3 -17.34 2.59 13.82
N GLY A 4 -17.76 1.33 13.98
CA GLY A 4 -17.93 0.45 12.83
C GLY A 4 -16.76 0.51 11.87
N SER A 5 -15.64 -0.07 12.26
CA SER A 5 -14.44 -0.07 11.43
C SER A 5 -14.79 -0.33 9.96
N SER A 6 -15.00 0.74 9.21
CA SER A 6 -15.35 0.63 7.80
C SER A 6 -14.25 -0.10 7.02
N GLY A 7 -14.64 -0.77 5.95
CA GLY A 7 -13.69 -1.49 5.13
C GLY A 7 -14.20 -1.78 3.73
N PRO A 8 -14.07 -0.79 2.84
CA PRO A 8 -14.52 -0.91 1.45
C PRO A 8 -13.67 -1.88 0.65
N THR A 9 -14.05 -2.09 -0.61
CA THR A 9 -13.31 -2.99 -1.49
C THR A 9 -12.49 -2.22 -2.51
N LYS A 10 -11.63 -2.93 -3.23
CA LYS A 10 -10.79 -2.31 -4.26
C LYS A 10 -10.60 -3.24 -5.45
N TYR A 11 -10.18 -2.68 -6.57
CA TYR A 11 -9.96 -3.47 -7.79
C TYR A 11 -8.93 -4.58 -7.54
N LYS A 12 -7.68 -4.19 -7.35
CA LYS A 12 -6.61 -5.15 -7.11
C LYS A 12 -6.13 -5.07 -5.66
N GLU A 13 -6.08 -6.22 -5.00
CA GLU A 13 -5.64 -6.29 -3.61
C GLU A 13 -4.35 -7.11 -3.48
N ARG A 14 -3.32 -6.48 -2.95
CA ARG A 14 -2.03 -7.16 -2.76
C ARG A 14 -2.21 -8.49 -2.05
N ALA A 15 -1.24 -9.39 -2.20
CA ALA A 15 -1.30 -10.70 -1.57
C ALA A 15 -1.16 -10.58 -0.05
N PRO A 16 -1.75 -11.55 0.66
CA PRO A 16 -1.71 -11.58 2.13
C PRO A 16 -0.32 -11.89 2.66
N GLU A 17 0.55 -12.38 1.80
CA GLU A 17 1.91 -12.72 2.19
C GLU A 17 2.85 -11.53 1.97
N GLN A 18 2.65 -10.81 0.87
CA GLN A 18 3.47 -9.65 0.56
C GLN A 18 3.20 -8.50 1.53
N LEU A 19 1.92 -8.19 1.72
CA LEU A 19 1.53 -7.12 2.63
C LEU A 19 2.16 -7.30 4.00
N ARG A 20 1.98 -8.48 4.58
CA ARG A 20 2.55 -8.79 5.88
C ARG A 20 3.93 -8.18 6.04
N ALA A 21 4.67 -8.11 4.94
CA ALA A 21 6.02 -7.53 4.96
C ALA A 21 5.98 -6.03 4.72
N LEU A 22 5.04 -5.59 3.89
CA LEU A 22 4.89 -4.17 3.58
C LEU A 22 4.33 -3.41 4.78
N GLU A 23 3.17 -3.84 5.26
CA GLU A 23 2.54 -3.20 6.41
C GLU A 23 3.50 -3.12 7.58
N SER A 24 4.18 -4.23 7.86
CA SER A 24 5.13 -4.28 8.97
C SER A 24 6.24 -3.25 8.79
N SER A 25 6.75 -3.15 7.58
CA SER A 25 7.82 -2.21 7.28
C SER A 25 7.33 -0.76 7.41
N PHE A 26 6.12 -0.52 6.92
CA PHE A 26 5.53 0.81 6.99
C PHE A 26 5.66 1.40 8.38
N ALA A 27 5.28 0.61 9.39
CA ALA A 27 5.35 1.05 10.78
C ALA A 27 6.72 1.65 11.09
N GLN A 28 7.77 1.02 10.56
CA GLN A 28 9.13 1.50 10.79
C GLN A 28 9.42 2.76 9.99
N ASN A 29 9.14 2.71 8.69
CA ASN A 29 9.36 3.85 7.82
C ASN A 29 8.40 3.83 6.63
N PRO A 30 7.89 5.01 6.26
CA PRO A 30 6.95 5.15 5.14
C PRO A 30 7.62 4.90 3.79
N LEU A 31 8.79 5.51 3.60
CA LEU A 31 9.53 5.36 2.35
C LEU A 31 10.93 4.81 2.62
N PRO A 32 11.03 3.48 2.74
CA PRO A 32 12.31 2.80 2.99
C PRO A 32 13.24 2.86 1.79
N LEU A 33 14.52 3.14 2.06
CA LEU A 33 15.52 3.22 0.99
C LEU A 33 15.71 1.86 0.33
N ASP A 34 16.46 1.86 -0.78
CA ASP A 34 16.72 0.63 -1.51
C ASP A 34 17.21 -0.47 -0.57
N GLU A 35 18.14 -0.11 0.32
CA GLU A 35 18.69 -1.06 1.28
C GLU A 35 17.58 -1.78 2.04
N GLU A 36 16.68 -0.99 2.63
CA GLU A 36 15.56 -1.56 3.39
C GLU A 36 14.57 -2.26 2.47
N LEU A 37 14.60 -1.88 1.20
CA LEU A 37 13.70 -2.47 0.20
C LEU A 37 14.26 -3.80 -0.32
N ASP A 38 15.59 -3.92 -0.32
CA ASP A 38 16.24 -5.12 -0.79
C ASP A 38 15.85 -6.32 0.06
N ARG A 39 15.71 -6.10 1.37
CA ARG A 39 15.35 -7.16 2.30
C ARG A 39 13.91 -7.62 2.05
N LEU A 40 12.97 -6.68 2.14
CA LEU A 40 11.57 -6.99 1.93
C LEU A 40 11.36 -7.74 0.62
N ARG A 41 11.99 -7.25 -0.45
CA ARG A 41 11.88 -7.88 -1.76
C ARG A 41 11.87 -9.40 -1.62
N SER A 42 12.61 -9.92 -0.65
CA SER A 42 12.69 -11.35 -0.42
C SER A 42 11.32 -11.91 -0.03
N GLU A 43 10.64 -11.23 0.87
CA GLU A 43 9.32 -11.67 1.33
C GLU A 43 8.26 -11.33 0.30
N THR A 44 8.13 -10.04 -0.01
CA THR A 44 7.15 -9.57 -0.98
C THR A 44 7.39 -10.18 -2.35
N LYS A 45 8.63 -10.62 -2.58
CA LYS A 45 9.00 -11.22 -3.86
C LYS A 45 8.75 -10.24 -5.01
N MET A 46 9.00 -8.97 -4.78
CA MET A 46 8.80 -7.94 -5.79
C MET A 46 10.08 -7.13 -6.00
N THR A 47 9.99 -6.10 -6.84
CA THR A 47 11.14 -5.25 -7.12
C THR A 47 11.03 -3.91 -6.39
N ARG A 48 12.16 -3.23 -6.24
CA ARG A 48 12.19 -1.94 -5.56
C ARG A 48 11.02 -1.07 -5.99
N ARG A 49 10.73 -1.07 -7.30
CA ARG A 49 9.64 -0.29 -7.84
C ARG A 49 8.30 -0.78 -7.32
N GLU A 50 7.99 -2.05 -7.57
CA GLU A 50 6.75 -2.65 -7.12
C GLU A 50 6.44 -2.26 -5.68
N ILE A 51 7.43 -2.42 -4.82
CA ILE A 51 7.27 -2.08 -3.40
C ILE A 51 7.18 -0.58 -3.20
N ASP A 52 8.20 0.13 -3.66
CA ASP A 52 8.23 1.59 -3.54
C ASP A 52 6.86 2.19 -3.85
N SER A 53 6.32 1.84 -5.01
CA SER A 53 5.02 2.35 -5.43
C SER A 53 3.96 2.09 -4.36
N TRP A 54 3.87 0.84 -3.91
CA TRP A 54 2.91 0.46 -2.89
C TRP A 54 2.84 1.51 -1.79
N PHE A 55 3.95 1.71 -1.10
CA PHE A 55 4.02 2.69 -0.02
C PHE A 55 3.45 4.03 -0.46
N SER A 56 4.09 4.65 -1.44
CA SER A 56 3.65 5.94 -1.95
C SER A 56 2.14 5.95 -2.17
N GLU A 57 1.56 4.76 -2.32
CA GLU A 57 0.13 4.63 -2.54
C GLU A 57 -0.60 4.31 -1.23
N ARG A 58 0.10 3.64 -0.33
CA ARG A 58 -0.47 3.28 0.96
C ARG A 58 -0.38 4.43 1.95
N ARG A 59 0.84 4.90 2.20
CA ARG A 59 1.06 6.00 3.12
C ARG A 59 0.12 7.17 2.82
N LYS A 60 -0.23 7.32 1.54
CA LYS A 60 -1.12 8.39 1.12
C LYS A 60 -2.58 8.05 1.44
N LYS A 61 -2.87 6.75 1.50
CA LYS A 61 -4.22 6.29 1.79
C LYS A 61 -4.57 6.52 3.26
N VAL A 62 -3.67 6.12 4.15
CA VAL A 62 -3.89 6.30 5.58
C VAL A 62 -4.17 7.76 5.92
N ASN A 63 -3.46 8.66 5.25
CA ASN A 63 -3.63 10.09 5.49
C ASN A 63 -5.03 10.54 5.08
N ALA A 64 -5.53 9.98 3.99
CA ALA A 64 -6.86 10.32 3.49
C ALA A 64 -7.90 9.32 3.97
N GLU A 65 -7.88 9.03 5.26
CA GLU A 65 -8.82 8.08 5.84
C GLU A 65 -10.02 8.81 6.44
N GLU A 66 -11.14 8.09 6.59
CA GLU A 66 -12.36 8.65 7.14
C GLU A 66 -12.88 9.78 6.25
N THR A 67 -12.93 9.53 4.96
CA THR A 67 -13.41 10.52 4.00
C THR A 67 -14.83 10.20 3.54
N LYS A 68 -15.75 11.13 3.79
CA LYS A 68 -17.14 10.96 3.41
C LYS A 68 -17.28 10.85 1.89
N LYS A 69 -18.39 10.29 1.44
CA LYS A 69 -18.65 10.14 0.01
C LYS A 69 -20.11 9.79 -0.25
N SER A 70 -20.64 10.29 -1.35
CA SER A 70 -22.04 10.03 -1.71
C SER A 70 -22.13 9.39 -3.09
N GLY A 71 -23.28 8.79 -3.39
CA GLY A 71 -23.48 8.15 -4.68
C GLY A 71 -24.93 7.87 -4.96
N PRO A 72 -25.65 8.89 -5.48
CA PRO A 72 -27.07 8.77 -5.80
C PRO A 72 -27.31 7.87 -7.01
N SER A 73 -26.23 7.39 -7.61
CA SER A 73 -26.33 6.52 -8.78
C SER A 73 -26.94 5.18 -8.41
N SER A 74 -27.08 4.30 -9.40
CA SER A 74 -27.66 2.98 -9.18
C SER A 74 -26.65 2.04 -8.53
N GLY A 75 -26.86 1.73 -7.26
CA GLY A 75 -25.96 0.84 -6.55
C GLY A 75 -26.56 0.31 -5.27
N GLY A 1 1.91 19.24 -6.84
CA GLY A 1 1.00 19.21 -7.97
C GLY A 1 0.74 17.79 -8.46
N SER A 2 -0.37 17.21 -8.04
CA SER A 2 -0.73 15.86 -8.43
C SER A 2 -2.19 15.78 -8.87
N SER A 3 -2.41 15.86 -10.18
CA SER A 3 -3.76 15.81 -10.73
C SER A 3 -3.95 14.56 -11.60
N GLY A 4 -4.91 13.73 -11.22
CA GLY A 4 -5.17 12.52 -11.97
C GLY A 4 -6.39 11.78 -11.47
N SER A 5 -7.08 11.08 -12.38
CA SER A 5 -8.28 10.33 -12.02
C SER A 5 -7.93 9.11 -11.18
N SER A 6 -8.42 9.07 -9.95
CA SER A 6 -8.15 7.96 -9.04
C SER A 6 -9.46 7.43 -8.44
N GLY A 7 -9.58 6.11 -8.38
CA GLY A 7 -10.77 5.50 -7.82
C GLY A 7 -10.83 4.00 -8.07
N PRO A 8 -11.44 3.27 -7.13
CA PRO A 8 -11.57 1.81 -7.23
C PRO A 8 -12.54 1.40 -8.33
N THR A 9 -12.00 0.80 -9.39
CA THR A 9 -12.82 0.35 -10.51
C THR A 9 -12.80 -1.16 -10.64
N LYS A 10 -11.66 -1.76 -10.29
CA LYS A 10 -11.51 -3.21 -10.37
C LYS A 10 -11.11 -3.78 -9.01
N TYR A 11 -11.37 -5.08 -8.82
CA TYR A 11 -11.05 -5.75 -7.57
C TYR A 11 -9.61 -6.26 -7.59
N LYS A 12 -8.68 -5.41 -7.17
CA LYS A 12 -7.27 -5.78 -7.13
C LYS A 12 -6.63 -5.36 -5.81
N GLU A 13 -5.98 -6.32 -5.15
CA GLU A 13 -5.33 -6.06 -3.87
C GLU A 13 -4.12 -6.97 -3.67
N ARG A 14 -3.12 -6.46 -2.97
CA ARG A 14 -1.90 -7.23 -2.71
C ARG A 14 -2.22 -8.55 -2.00
N ALA A 15 -1.24 -9.44 -1.94
CA ALA A 15 -1.42 -10.73 -1.29
C ALA A 15 -1.17 -10.63 0.22
N PRO A 16 -1.64 -11.64 0.96
CA PRO A 16 -1.48 -11.69 2.42
C PRO A 16 -0.03 -11.92 2.84
N GLU A 17 0.77 -12.44 1.91
CA GLU A 17 2.18 -12.71 2.18
C GLU A 17 3.02 -11.46 1.94
N GLN A 18 2.66 -10.69 0.92
CA GLN A 18 3.39 -9.47 0.60
C GLN A 18 3.09 -8.36 1.60
N LEU A 19 1.80 -8.10 1.81
CA LEU A 19 1.37 -7.07 2.74
C LEU A 19 2.04 -7.26 4.11
N ARG A 20 2.07 -8.50 4.57
CA ARG A 20 2.68 -8.82 5.86
C ARG A 20 4.08 -8.24 5.95
N ALA A 21 4.79 -8.22 4.82
CA ALA A 21 6.14 -7.69 4.78
C ALA A 21 6.15 -6.18 4.60
N LEU A 22 5.21 -5.68 3.80
CA LEU A 22 5.11 -4.25 3.55
C LEU A 22 4.56 -3.52 4.77
N GLU A 23 3.32 -3.83 5.13
CA GLU A 23 2.68 -3.21 6.28
C GLU A 23 3.65 -3.08 7.44
N SER A 24 4.31 -4.19 7.78
CA SER A 24 5.26 -4.21 8.88
C SER A 24 6.39 -3.22 8.63
N SER A 25 6.88 -3.18 7.41
CA SER A 25 7.97 -2.27 7.04
C SER A 25 7.50 -0.82 7.10
N PHE A 26 6.20 -0.62 6.92
CA PHE A 26 5.63 0.72 6.95
C PHE A 26 5.68 1.31 8.36
N ALA A 27 5.16 0.57 9.33
CA ALA A 27 5.16 1.01 10.72
C ALA A 27 6.50 1.62 11.09
N GLN A 28 7.57 1.13 10.49
CA GLN A 28 8.91 1.63 10.77
C GLN A 28 9.21 2.87 9.95
N ASN A 29 8.96 2.79 8.64
CA ASN A 29 9.20 3.91 7.74
C ASN A 29 8.25 3.86 6.55
N PRO A 30 7.74 5.04 6.15
CA PRO A 30 6.82 5.16 5.01
C PRO A 30 7.50 4.88 3.68
N LEU A 31 8.69 5.45 3.49
CA LEU A 31 9.45 5.27 2.26
C LEU A 31 10.85 4.77 2.56
N PRO A 32 10.99 3.44 2.74
CA PRO A 32 12.28 2.81 3.02
C PRO A 32 13.22 2.84 1.82
N LEU A 33 14.48 3.20 2.07
CA LEU A 33 15.47 3.26 1.01
C LEU A 33 15.60 1.91 0.31
N ASP A 34 16.56 1.82 -0.62
CA ASP A 34 16.79 0.59 -1.36
C ASP A 34 17.30 -0.52 -0.44
N GLU A 35 18.13 -0.14 0.53
CA GLU A 35 18.70 -1.09 1.48
C GLU A 35 17.59 -1.81 2.24
N GLU A 36 16.65 -1.04 2.77
CA GLU A 36 15.54 -1.61 3.52
C GLU A 36 14.54 -2.29 2.59
N LEU A 37 14.57 -1.92 1.32
CA LEU A 37 13.67 -2.50 0.32
C LEU A 37 14.23 -3.81 -0.21
N ASP A 38 15.55 -3.91 -0.28
CA ASP A 38 16.20 -5.12 -0.77
C ASP A 38 15.75 -6.34 0.02
N ARG A 39 15.66 -6.20 1.34
CA ARG A 39 15.24 -7.29 2.20
C ARG A 39 13.78 -7.63 1.97
N LEU A 40 12.93 -6.61 2.00
CA LEU A 40 11.49 -6.80 1.80
C LEU A 40 11.22 -7.54 0.49
N ARG A 41 11.97 -7.19 -0.55
CA ARG A 41 11.82 -7.82 -1.85
C ARG A 41 11.79 -9.34 -1.72
N SER A 42 12.35 -9.84 -0.63
CA SER A 42 12.39 -11.28 -0.39
C SER A 42 11.01 -11.82 -0.06
N GLU A 43 10.37 -11.22 0.95
CA GLU A 43 9.04 -11.64 1.37
C GLU A 43 7.99 -11.20 0.35
N THR A 44 8.05 -9.94 -0.06
CA THR A 44 7.11 -9.40 -1.04
C THR A 44 7.35 -10.00 -2.42
N LYS A 45 8.59 -10.38 -2.69
CA LYS A 45 8.93 -10.97 -3.98
C LYS A 45 8.66 -9.99 -5.12
N MET A 46 8.83 -8.71 -4.84
CA MET A 46 8.60 -7.68 -5.85
C MET A 46 9.89 -6.89 -6.12
N THR A 47 9.78 -5.89 -6.99
CA THR A 47 10.93 -5.05 -7.33
C THR A 47 10.81 -3.66 -6.72
N ARG A 48 11.93 -2.99 -6.56
CA ARG A 48 11.95 -1.64 -6.00
C ARG A 48 10.73 -0.84 -6.48
N ARG A 49 10.59 -0.71 -7.79
CA ARG A 49 9.47 0.03 -8.36
C ARG A 49 8.15 -0.42 -7.76
N GLU A 50 7.79 -1.68 -8.03
CA GLU A 50 6.55 -2.23 -7.52
C GLU A 50 6.31 -1.80 -6.07
N ILE A 51 7.27 -2.12 -5.20
CA ILE A 51 7.17 -1.78 -3.79
C ILE A 51 6.96 -0.27 -3.61
N ASP A 52 7.97 0.51 -4.00
CA ASP A 52 7.90 1.96 -3.89
C ASP A 52 6.47 2.45 -4.14
N SER A 53 5.88 2.00 -5.24
CA SER A 53 4.52 2.40 -5.58
C SER A 53 3.54 2.04 -4.48
N TRP A 54 3.65 0.81 -3.97
CA TRP A 54 2.77 0.35 -2.91
C TRP A 54 2.70 1.37 -1.78
N PHE A 55 3.86 1.76 -1.26
CA PHE A 55 3.93 2.73 -0.17
C PHE A 55 3.26 4.04 -0.58
N SER A 56 3.84 4.70 -1.57
CA SER A 56 3.30 5.98 -2.06
C SER A 56 1.79 5.92 -2.16
N GLU A 57 1.25 4.72 -2.34
CA GLU A 57 -0.19 4.52 -2.47
C GLU A 57 -0.81 4.18 -1.12
N ARG A 58 -0.04 3.49 -0.28
CA ARG A 58 -0.51 3.08 1.04
C ARG A 58 -0.39 4.23 2.03
N ARG A 59 0.82 4.74 2.19
CA ARG A 59 1.05 5.86 3.12
C ARG A 59 0.05 6.98 2.90
N LYS A 60 -0.46 7.08 1.67
CA LYS A 60 -1.44 8.11 1.33
C LYS A 60 -2.85 7.64 1.65
N LYS A 61 -3.05 6.33 1.66
CA LYS A 61 -4.35 5.75 1.95
C LYS A 61 -4.72 5.96 3.41
N VAL A 62 -3.74 5.84 4.29
CA VAL A 62 -3.96 6.02 5.73
C VAL A 62 -4.44 7.44 6.03
N ASN A 63 -3.94 8.40 5.26
CA ASN A 63 -4.33 9.80 5.45
C ASN A 63 -5.78 10.04 5.04
N ALA A 64 -6.21 9.35 3.99
CA ALA A 64 -7.57 9.48 3.50
C ALA A 64 -8.42 8.26 3.90
N GLU A 65 -8.22 7.80 5.13
CA GLU A 65 -8.96 6.64 5.63
C GLU A 65 -10.41 7.02 5.91
N GLU A 66 -11.27 6.00 5.99
CA GLU A 66 -12.69 6.22 6.24
C GLU A 66 -13.33 7.03 5.13
N THR A 67 -13.11 6.60 3.89
CA THR A 67 -13.67 7.29 2.73
C THR A 67 -14.57 6.38 1.92
N LYS A 68 -14.19 5.11 1.83
CA LYS A 68 -14.96 4.12 1.09
C LYS A 68 -14.46 2.71 1.35
N LYS A 69 -15.37 1.80 1.66
CA LYS A 69 -15.02 0.42 1.92
C LYS A 69 -16.00 -0.55 1.27
N SER A 70 -15.49 -1.43 0.41
CA SER A 70 -16.34 -2.39 -0.28
C SER A 70 -15.53 -3.64 -0.65
N GLY A 71 -16.24 -4.65 -1.16
CA GLY A 71 -15.57 -5.88 -1.54
C GLY A 71 -16.56 -7.03 -1.73
N PRO A 72 -16.09 -8.11 -2.37
CA PRO A 72 -16.92 -9.30 -2.63
C PRO A 72 -17.24 -10.07 -1.34
N SER A 73 -18.18 -11.00 -1.44
CA SER A 73 -18.58 -11.80 -0.30
C SER A 73 -17.59 -12.94 -0.05
N SER A 74 -16.77 -12.78 0.98
CA SER A 74 -15.77 -13.79 1.32
C SER A 74 -15.85 -14.16 2.80
N GLY A 75 -15.71 -15.45 3.08
CA GLY A 75 -15.77 -15.92 4.46
C GLY A 75 -14.53 -16.67 4.87
N GLY A 1 -19.46 7.26 11.79
CA GLY A 1 -18.53 6.67 10.85
C GLY A 1 -17.09 7.05 11.16
N SER A 2 -16.37 6.15 11.80
CA SER A 2 -14.97 6.39 12.16
C SER A 2 -14.08 5.26 11.66
N SER A 3 -14.42 4.03 12.06
CA SER A 3 -13.65 2.86 11.67
C SER A 3 -14.10 2.35 10.30
N GLY A 4 -14.33 3.27 9.38
CA GLY A 4 -14.77 2.89 8.04
C GLY A 4 -14.00 3.63 6.95
N SER A 5 -13.92 3.02 5.78
CA SER A 5 -13.22 3.61 4.65
C SER A 5 -14.16 3.85 3.48
N SER A 6 -13.95 4.96 2.76
CA SER A 6 -14.78 5.30 1.62
C SER A 6 -13.94 5.37 0.34
N GLY A 7 -14.43 4.72 -0.72
CA GLY A 7 -13.72 4.73 -1.98
C GLY A 7 -14.26 3.71 -2.96
N PRO A 8 -13.44 3.34 -3.96
CA PRO A 8 -13.84 2.36 -4.97
C PRO A 8 -13.94 0.95 -4.41
N THR A 9 -15.12 0.34 -4.56
CA THR A 9 -15.35 -1.01 -4.07
C THR A 9 -15.13 -2.04 -5.17
N LYS A 10 -14.22 -2.97 -4.93
CA LYS A 10 -13.92 -4.02 -5.90
C LYS A 10 -13.16 -5.17 -5.23
N TYR A 11 -12.96 -6.25 -5.98
CA TYR A 11 -12.26 -7.42 -5.47
C TYR A 11 -10.76 -7.33 -5.76
N LYS A 12 -10.19 -6.16 -5.49
CA LYS A 12 -8.76 -5.95 -5.72
C LYS A 12 -8.03 -5.72 -4.41
N GLU A 13 -6.90 -6.40 -4.23
CA GLU A 13 -6.10 -6.29 -3.03
C GLU A 13 -4.80 -7.08 -3.15
N ARG A 14 -3.76 -6.58 -2.49
CA ARG A 14 -2.45 -7.24 -2.53
C ARG A 14 -2.51 -8.59 -1.83
N ALA A 15 -1.46 -9.39 -2.00
CA ALA A 15 -1.39 -10.71 -1.38
C ALA A 15 -1.20 -10.60 0.13
N PRO A 16 -1.66 -11.63 0.85
CA PRO A 16 -1.56 -11.68 2.31
C PRO A 16 -0.13 -11.87 2.78
N GLU A 17 0.71 -12.46 1.93
CA GLU A 17 2.10 -12.69 2.26
C GLU A 17 2.94 -11.44 2.01
N GLN A 18 2.71 -10.79 0.87
CA GLN A 18 3.44 -9.59 0.51
C GLN A 18 3.16 -8.47 1.52
N LEU A 19 1.88 -8.19 1.74
CA LEU A 19 1.49 -7.14 2.67
C LEU A 19 2.19 -7.31 4.01
N ARG A 20 2.06 -8.48 4.61
CA ARG A 20 2.67 -8.76 5.90
C ARG A 20 4.05 -8.11 5.99
N ALA A 21 4.85 -8.27 4.93
CA ALA A 21 6.19 -7.69 4.90
C ALA A 21 6.13 -6.18 4.67
N LEU A 22 5.18 -5.75 3.85
CA LEU A 22 5.02 -4.33 3.54
C LEU A 22 4.49 -3.57 4.76
N GLU A 23 3.27 -3.88 5.16
CA GLU A 23 2.66 -3.23 6.31
C GLU A 23 3.65 -3.13 7.47
N SER A 24 4.25 -4.27 7.82
CA SER A 24 5.22 -4.31 8.91
C SER A 24 6.32 -3.28 8.70
N SER A 25 6.81 -3.17 7.47
CA SER A 25 7.86 -2.22 7.14
C SER A 25 7.36 -0.79 7.25
N PHE A 26 6.12 -0.57 6.85
CA PHE A 26 5.52 0.75 6.90
C PHE A 26 5.65 1.36 8.30
N ALA A 27 5.34 0.55 9.31
CA ALA A 27 5.42 1.00 10.70
C ALA A 27 6.76 1.71 10.97
N GLN A 28 7.83 1.16 10.42
CA GLN A 28 9.16 1.73 10.61
C GLN A 28 9.29 3.04 9.82
N ASN A 29 8.99 2.98 8.53
CA ASN A 29 9.08 4.16 7.66
C ASN A 29 8.14 4.03 6.47
N PRO A 30 7.54 5.16 6.08
CA PRO A 30 6.60 5.21 4.95
C PRO A 30 7.31 5.00 3.61
N LEU A 31 8.51 5.53 3.49
CA LEU A 31 9.29 5.40 2.26
C LEU A 31 10.70 4.91 2.56
N PRO A 32 10.84 3.58 2.70
CA PRO A 32 12.14 2.96 2.99
C PRO A 32 13.09 3.02 1.80
N LEU A 33 14.38 3.14 2.10
CA LEU A 33 15.41 3.22 1.05
C LEU A 33 15.58 1.87 0.36
N ASP A 34 16.52 1.81 -0.57
CA ASP A 34 16.79 0.58 -1.31
C ASP A 34 17.27 -0.52 -0.37
N GLU A 35 18.14 -0.15 0.57
CA GLU A 35 18.67 -1.11 1.53
C GLU A 35 17.55 -1.86 2.24
N GLU A 36 16.62 -1.11 2.81
CA GLU A 36 15.49 -1.70 3.53
C GLU A 36 14.55 -2.42 2.56
N LEU A 37 14.49 -1.91 1.33
CA LEU A 37 13.63 -2.50 0.30
C LEU A 37 14.22 -3.80 -0.22
N ASP A 38 15.54 -3.90 -0.19
CA ASP A 38 16.24 -5.10 -0.66
C ASP A 38 15.80 -6.32 0.15
N ARG A 39 15.55 -6.12 1.43
CA ARG A 39 15.14 -7.20 2.31
C ARG A 39 13.69 -7.60 2.06
N LEU A 40 12.82 -6.60 1.99
CA LEU A 40 11.40 -6.84 1.75
C LEU A 40 11.19 -7.55 0.42
N ARG A 41 11.91 -7.11 -0.60
CA ARG A 41 11.80 -7.69 -1.94
C ARG A 41 11.77 -9.22 -1.84
N SER A 42 12.35 -9.76 -0.77
CA SER A 42 12.38 -11.20 -0.57
C SER A 42 11.02 -11.73 -0.15
N GLU A 43 10.51 -11.21 0.97
CA GLU A 43 9.21 -11.63 1.47
C GLU A 43 8.10 -11.27 0.49
N THR A 44 8.15 -10.07 -0.05
CA THR A 44 7.15 -9.61 -0.99
C THR A 44 7.40 -10.19 -2.38
N LYS A 45 8.64 -10.57 -2.64
CA LYS A 45 9.02 -11.15 -3.93
C LYS A 45 8.69 -10.18 -5.07
N MET A 46 8.90 -8.90 -4.83
CA MET A 46 8.63 -7.88 -5.83
C MET A 46 9.87 -7.02 -6.07
N THR A 47 9.81 -6.19 -7.11
CA THR A 47 10.93 -5.32 -7.46
C THR A 47 10.79 -3.96 -6.80
N ARG A 48 11.90 -3.25 -6.67
CA ARG A 48 11.90 -1.93 -6.05
C ARG A 48 10.73 -1.09 -6.56
N ARG A 49 10.64 -0.95 -7.88
CA ARG A 49 9.57 -0.18 -8.49
C ARG A 49 8.19 -0.65 -8.01
N GLU A 50 8.03 -1.98 -7.92
CA GLU A 50 6.77 -2.55 -7.47
C GLU A 50 6.44 -2.11 -6.05
N ILE A 51 7.31 -2.47 -5.11
CA ILE A 51 7.11 -2.10 -3.71
C ILE A 51 6.95 -0.60 -3.56
N ASP A 52 7.89 0.16 -4.09
CA ASP A 52 7.85 1.62 -4.01
C ASP A 52 6.44 2.13 -4.32
N SER A 53 5.86 1.63 -5.40
CA SER A 53 4.53 2.05 -5.80
C SER A 53 3.51 1.79 -4.69
N TRP A 54 3.64 0.65 -4.04
CA TRP A 54 2.75 0.28 -2.95
C TRP A 54 2.68 1.38 -1.89
N PHE A 55 3.80 1.61 -1.20
CA PHE A 55 3.87 2.63 -0.17
C PHE A 55 3.19 3.92 -0.64
N SER A 56 3.69 4.46 -1.76
CA SER A 56 3.15 5.69 -2.32
C SER A 56 1.62 5.61 -2.44
N GLU A 57 1.11 4.39 -2.57
CA GLU A 57 -0.33 4.18 -2.71
C GLU A 57 -0.94 3.81 -1.35
N ARG A 58 -0.09 3.39 -0.42
CA ARG A 58 -0.55 3.01 0.91
C ARG A 58 -0.53 4.20 1.86
N ARG A 59 0.66 4.73 2.11
CA ARG A 59 0.82 5.87 3.01
C ARG A 59 -0.20 6.96 2.69
N LYS A 60 -0.61 7.01 1.42
CA LYS A 60 -1.60 8.00 0.98
C LYS A 60 -3.00 7.62 1.43
N LYS A 61 -3.28 6.32 1.45
CA LYS A 61 -4.59 5.83 1.87
C LYS A 61 -4.93 6.30 3.26
N VAL A 62 -3.90 6.49 4.09
CA VAL A 62 -4.09 6.94 5.47
C VAL A 62 -4.25 8.46 5.53
N ASN A 63 -3.63 9.15 4.58
CA ASN A 63 -3.70 10.61 4.52
C ASN A 63 -5.05 11.06 3.98
N ALA A 64 -5.61 10.27 3.08
CA ALA A 64 -6.90 10.60 2.48
C ALA A 64 -8.04 9.83 3.17
N GLU A 65 -7.97 9.76 4.49
CA GLU A 65 -8.98 9.05 5.27
C GLU A 65 -10.09 10.01 5.71
N GLU A 66 -11.33 9.57 5.55
CA GLU A 66 -12.48 10.39 5.94
C GLU A 66 -12.41 11.77 5.28
N THR A 67 -11.97 11.79 4.03
CA THR A 67 -11.85 13.04 3.28
C THR A 67 -13.23 13.62 2.96
N LYS A 68 -13.40 14.92 3.23
CA LYS A 68 -14.66 15.59 2.97
C LYS A 68 -15.22 15.19 1.60
N LYS A 69 -16.32 14.45 1.62
CA LYS A 69 -16.96 14.00 0.38
C LYS A 69 -18.27 13.29 0.66
N SER A 70 -19.34 13.77 0.06
CA SER A 70 -20.66 13.19 0.25
C SER A 70 -20.56 11.66 0.41
N GLY A 71 -21.45 11.11 1.23
CA GLY A 71 -21.45 9.68 1.46
C GLY A 71 -20.88 9.32 2.81
N PRO A 72 -21.73 9.37 3.86
CA PRO A 72 -21.33 9.05 5.23
C PRO A 72 -21.05 7.56 5.41
N SER A 73 -19.76 7.19 5.42
CA SER A 73 -19.37 5.80 5.59
C SER A 73 -20.32 5.07 6.52
N SER A 74 -20.49 3.77 6.29
CA SER A 74 -21.38 2.96 7.11
C SER A 74 -20.84 1.55 7.25
N GLY A 75 -20.86 1.04 8.49
CA GLY A 75 -20.36 -0.31 8.74
C GLY A 75 -21.34 -1.37 8.30
N GLY A 1 12.60 16.22 -0.76
CA GLY A 1 11.53 15.86 -1.67
C GLY A 1 12.01 15.02 -2.83
N SER A 2 11.24 14.01 -3.19
CA SER A 2 11.59 13.12 -4.30
C SER A 2 10.79 13.46 -5.55
N SER A 3 9.46 13.43 -5.42
CA SER A 3 8.58 13.72 -6.54
C SER A 3 7.19 14.10 -6.04
N GLY A 4 6.55 15.04 -6.75
CA GLY A 4 5.22 15.48 -6.37
C GLY A 4 4.18 15.13 -7.41
N SER A 5 3.39 14.11 -7.12
CA SER A 5 2.33 13.68 -8.05
C SER A 5 0.97 14.10 -7.55
N SER A 6 -0.07 13.77 -8.32
CA SER A 6 -1.43 14.12 -7.96
C SER A 6 -2.16 12.91 -7.37
N GLY A 7 -2.25 11.84 -8.15
CA GLY A 7 -2.92 10.64 -7.70
C GLY A 7 -3.84 10.05 -8.75
N PRO A 8 -3.27 9.27 -9.67
CA PRO A 8 -4.01 8.62 -10.75
C PRO A 8 -4.94 7.52 -10.23
N THR A 9 -5.92 7.15 -11.06
CA THR A 9 -6.87 6.11 -10.69
C THR A 9 -6.24 4.73 -10.78
N LYS A 10 -6.27 4.00 -9.66
CA LYS A 10 -5.69 2.66 -9.60
C LYS A 10 -6.23 1.89 -8.41
N TYR A 11 -6.92 0.78 -8.69
CA TYR A 11 -7.49 -0.05 -7.63
C TYR A 11 -6.96 -1.47 -7.72
N LYS A 12 -6.11 -1.84 -6.76
CA LYS A 12 -5.54 -3.17 -6.73
C LYS A 12 -5.21 -3.59 -5.29
N GLU A 13 -5.61 -4.80 -4.92
CA GLU A 13 -5.35 -5.30 -3.58
C GLU A 13 -4.10 -6.18 -3.55
N ARG A 14 -3.37 -6.13 -2.44
CA ARG A 14 -2.16 -6.92 -2.29
C ARG A 14 -2.44 -8.26 -1.63
N ALA A 15 -1.51 -9.19 -1.77
CA ALA A 15 -1.66 -10.52 -1.19
C ALA A 15 -1.41 -10.49 0.32
N PRO A 16 -1.90 -11.52 1.01
CA PRO A 16 -1.74 -11.65 2.47
C PRO A 16 -0.29 -11.94 2.86
N GLU A 17 0.50 -12.41 1.89
CA GLU A 17 1.91 -12.72 2.15
C GLU A 17 2.78 -11.49 1.95
N GLN A 18 2.57 -10.79 0.84
CA GLN A 18 3.35 -9.60 0.53
C GLN A 18 3.13 -8.52 1.58
N LEU A 19 1.87 -8.22 1.86
CA LEU A 19 1.52 -7.20 2.85
C LEU A 19 2.26 -7.44 4.16
N ARG A 20 2.12 -8.64 4.71
CA ARG A 20 2.78 -8.99 5.96
C ARG A 20 4.19 -8.42 6.01
N ALA A 21 4.81 -8.29 4.84
CA ALA A 21 6.16 -7.75 4.75
C ALA A 21 6.14 -6.22 4.60
N LEU A 22 5.19 -5.73 3.81
CA LEU A 22 5.06 -4.30 3.58
C LEU A 22 4.51 -3.60 4.82
N GLU A 23 3.34 -4.03 5.26
CA GLU A 23 2.71 -3.45 6.44
C GLU A 23 3.70 -3.33 7.59
N SER A 24 4.42 -4.41 7.85
CA SER A 24 5.41 -4.44 8.93
C SER A 24 6.50 -3.39 8.69
N SER A 25 6.77 -3.12 7.42
CA SER A 25 7.79 -2.15 7.05
C SER A 25 7.29 -0.72 7.23
N PHE A 26 6.09 -0.46 6.71
CA PHE A 26 5.49 0.86 6.81
C PHE A 26 5.69 1.45 8.21
N ALA A 27 5.32 0.67 9.23
CA ALA A 27 5.46 1.11 10.61
C ALA A 27 6.81 1.76 10.85
N GLN A 28 7.85 1.22 10.22
CA GLN A 28 9.19 1.75 10.36
C GLN A 28 9.35 3.06 9.59
N ASN A 29 8.93 3.04 8.33
CA ASN A 29 9.03 4.23 7.48
C ASN A 29 8.09 4.11 6.28
N PRO A 30 7.49 5.25 5.89
CA PRO A 30 6.56 5.31 4.75
C PRO A 30 7.27 5.11 3.42
N LEU A 31 8.50 5.60 3.33
CA LEU A 31 9.28 5.46 2.09
C LEU A 31 10.71 5.00 2.41
N PRO A 32 10.88 3.68 2.55
CA PRO A 32 12.18 3.08 2.86
C PRO A 32 13.14 3.17 1.67
N LEU A 33 14.44 3.06 1.95
CA LEU A 33 15.46 3.12 0.92
C LEU A 33 15.68 1.75 0.29
N ASP A 34 16.60 1.69 -0.66
CA ASP A 34 16.92 0.44 -1.35
C ASP A 34 17.36 -0.63 -0.35
N GLU A 35 18.13 -0.20 0.65
CA GLU A 35 18.62 -1.12 1.68
C GLU A 35 17.46 -1.85 2.35
N GLU A 36 16.53 -1.07 2.91
CA GLU A 36 15.37 -1.64 3.60
C GLU A 36 14.47 -2.37 2.61
N LEU A 37 14.46 -1.92 1.36
CA LEU A 37 13.64 -2.52 0.33
C LEU A 37 14.23 -3.85 -0.14
N ASP A 38 15.56 -3.94 -0.11
CA ASP A 38 16.24 -5.16 -0.53
C ASP A 38 15.79 -6.36 0.31
N ARG A 39 15.53 -6.10 1.59
CA ARG A 39 15.08 -7.16 2.49
C ARG A 39 13.63 -7.53 2.24
N LEU A 40 12.81 -6.51 2.00
CA LEU A 40 11.39 -6.73 1.74
C LEU A 40 11.18 -7.46 0.42
N ARG A 41 11.90 -7.03 -0.61
CA ARG A 41 11.80 -7.65 -1.93
C ARG A 41 11.85 -9.16 -1.83
N SER A 42 12.48 -9.66 -0.76
CA SER A 42 12.60 -11.10 -0.55
C SER A 42 11.25 -11.70 -0.16
N GLU A 43 10.49 -10.96 0.64
CA GLU A 43 9.18 -11.42 1.09
C GLU A 43 8.09 -11.01 0.09
N THR A 44 8.03 -9.72 -0.22
CA THR A 44 7.05 -9.21 -1.14
C THR A 44 7.30 -9.72 -2.56
N LYS A 45 8.52 -10.16 -2.82
CA LYS A 45 8.89 -10.68 -4.12
C LYS A 45 8.46 -9.72 -5.23
N MET A 46 8.64 -8.43 -4.99
CA MET A 46 8.28 -7.40 -5.96
C MET A 46 9.49 -6.56 -6.34
N THR A 47 9.27 -5.59 -7.23
CA THR A 47 10.35 -4.71 -7.68
C THR A 47 10.28 -3.36 -6.99
N ARG A 48 11.36 -2.60 -7.06
CA ARG A 48 11.42 -1.28 -6.45
C ARG A 48 10.22 -0.43 -6.88
N ARG A 49 9.88 -0.52 -8.16
CA ARG A 49 8.76 0.25 -8.70
C ARG A 49 7.44 -0.24 -8.11
N GLU A 50 7.31 -1.54 -7.95
CA GLU A 50 6.10 -2.14 -7.39
C GLU A 50 5.93 -1.78 -5.92
N ILE A 51 6.98 -2.02 -5.14
CA ILE A 51 6.95 -1.71 -3.72
C ILE A 51 6.71 -0.23 -3.47
N ASP A 52 7.52 0.60 -4.09
CA ASP A 52 7.39 2.05 -3.94
C ASP A 52 5.94 2.50 -4.20
N SER A 53 5.38 2.02 -5.31
CA SER A 53 4.02 2.37 -5.68
C SER A 53 3.07 2.14 -4.51
N TRP A 54 3.05 0.92 -4.00
CA TRP A 54 2.18 0.57 -2.88
C TRP A 54 2.22 1.64 -1.80
N PHE A 55 3.41 1.85 -1.22
CA PHE A 55 3.58 2.85 -0.17
C PHE A 55 2.96 4.18 -0.58
N SER A 56 3.38 4.69 -1.74
CA SER A 56 2.86 5.96 -2.24
C SER A 56 1.34 5.93 -2.34
N GLU A 57 0.78 4.72 -2.48
CA GLU A 57 -0.66 4.55 -2.58
C GLU A 57 -1.28 4.25 -1.22
N ARG A 58 -0.43 3.79 -0.29
CA ARG A 58 -0.89 3.45 1.05
C ARG A 58 -0.76 4.65 1.99
N ARG A 59 0.48 5.10 2.19
CA ARG A 59 0.74 6.22 3.07
C ARG A 59 -0.16 7.41 2.73
N LYS A 60 -0.51 7.52 1.46
CA LYS A 60 -1.38 8.61 1.01
C LYS A 60 -2.83 8.33 1.39
N LYS A 61 -3.18 7.06 1.55
CA LYS A 61 -4.53 6.67 1.92
C LYS A 61 -4.82 7.03 3.37
N VAL A 62 -3.80 6.94 4.22
CA VAL A 62 -3.95 7.26 5.64
C VAL A 62 -3.87 8.76 5.86
N ASN A 63 -2.94 9.42 5.18
CA ASN A 63 -2.76 10.86 5.33
C ASN A 63 -4.02 11.60 4.88
N ALA A 64 -4.72 11.05 3.90
CA ALA A 64 -5.95 11.65 3.39
C ALA A 64 -7.18 10.89 3.87
N GLU A 65 -7.06 10.26 5.03
CA GLU A 65 -8.18 9.49 5.59
C GLU A 65 -9.30 10.41 6.04
N GLU A 66 -10.50 9.86 6.14
CA GLU A 66 -11.66 10.64 6.56
C GLU A 66 -11.87 11.85 5.65
N THR A 67 -11.72 11.63 4.35
CA THR A 67 -11.88 12.70 3.37
C THR A 67 -12.76 12.25 2.21
N LYS A 68 -13.90 12.93 2.04
CA LYS A 68 -14.82 12.60 0.97
C LYS A 68 -14.13 12.64 -0.39
N LYS A 69 -14.83 12.18 -1.42
CA LYS A 69 -14.27 12.16 -2.77
C LYS A 69 -15.35 11.81 -3.80
N SER A 70 -15.05 12.05 -5.07
CA SER A 70 -15.99 11.77 -6.15
C SER A 70 -16.62 10.40 -5.97
N GLY A 71 -17.95 10.37 -5.97
CA GLY A 71 -18.67 9.11 -5.81
C GLY A 71 -19.85 8.98 -6.75
N PRO A 72 -20.94 9.67 -6.42
CA PRO A 72 -22.17 9.65 -7.24
C PRO A 72 -21.98 10.37 -8.57
N SER A 73 -20.78 10.86 -8.81
CA SER A 73 -20.48 11.58 -10.05
C SER A 73 -21.21 10.94 -11.23
N SER A 74 -21.64 11.78 -12.17
CA SER A 74 -22.36 11.30 -13.36
C SER A 74 -21.56 10.21 -14.07
N GLY A 75 -22.26 9.19 -14.54
CA GLY A 75 -21.61 8.10 -15.25
C GLY A 75 -21.87 6.76 -14.61
N GLY A 1 -15.21 -8.46 -31.29
CA GLY A 1 -13.94 -7.96 -30.80
C GLY A 1 -13.22 -8.96 -29.93
N SER A 2 -11.94 -8.70 -29.65
CA SER A 2 -11.14 -9.59 -28.81
C SER A 2 -10.80 -8.93 -27.49
N SER A 3 -10.13 -7.78 -27.55
CA SER A 3 -9.73 -7.05 -26.36
C SER A 3 -10.53 -5.76 -26.22
N GLY A 4 -10.81 -5.37 -24.97
CA GLY A 4 -11.56 -4.16 -24.72
C GLY A 4 -11.65 -3.83 -23.24
N SER A 5 -12.35 -2.74 -22.93
CA SER A 5 -12.50 -2.32 -21.54
C SER A 5 -13.91 -2.59 -21.03
N SER A 6 -14.03 -3.48 -20.07
CA SER A 6 -15.33 -3.84 -19.49
C SER A 6 -15.29 -3.77 -17.98
N GLY A 7 -15.58 -2.59 -17.43
CA GLY A 7 -15.57 -2.42 -15.99
C GLY A 7 -14.29 -2.94 -15.35
N PRO A 8 -13.21 -2.16 -15.47
CA PRO A 8 -11.90 -2.53 -14.90
C PRO A 8 -11.90 -2.47 -13.38
N THR A 9 -13.04 -2.12 -12.80
CA THR A 9 -13.17 -2.03 -11.35
C THR A 9 -12.71 -3.32 -10.68
N LYS A 10 -11.53 -3.29 -10.08
CA LYS A 10 -10.98 -4.46 -9.40
C LYS A 10 -10.67 -4.14 -7.94
N TYR A 11 -10.25 -5.16 -7.20
CA TYR A 11 -9.93 -4.99 -5.78
C TYR A 11 -8.56 -4.34 -5.60
N LYS A 12 -7.70 -4.53 -6.60
CA LYS A 12 -6.35 -3.96 -6.56
C LYS A 12 -5.79 -3.99 -5.14
N GLU A 13 -5.82 -5.16 -4.52
CA GLU A 13 -5.32 -5.33 -3.16
C GLU A 13 -4.18 -6.34 -3.13
N ARG A 14 -3.00 -5.90 -2.71
CA ARG A 14 -1.84 -6.77 -2.63
C ARG A 14 -2.19 -8.09 -1.93
N ALA A 15 -1.31 -9.07 -2.02
CA ALA A 15 -1.52 -10.37 -1.41
C ALA A 15 -1.32 -10.29 0.10
N PRO A 16 -1.80 -11.31 0.83
CA PRO A 16 -1.68 -11.39 2.28
C PRO A 16 -0.25 -11.61 2.74
N GLU A 17 0.50 -12.41 1.98
CA GLU A 17 1.89 -12.71 2.32
C GLU A 17 2.77 -11.49 2.06
N GLN A 18 2.61 -10.87 0.89
CA GLN A 18 3.40 -9.70 0.53
C GLN A 18 3.15 -8.56 1.51
N LEU A 19 1.87 -8.25 1.74
CA LEU A 19 1.50 -7.18 2.65
C LEU A 19 2.17 -7.35 4.01
N ARG A 20 1.99 -8.54 4.61
CA ARG A 20 2.59 -8.82 5.90
C ARG A 20 3.99 -8.25 6.00
N ALA A 21 4.70 -8.22 4.88
CA ALA A 21 6.06 -7.69 4.84
C ALA A 21 6.05 -6.18 4.67
N LEU A 22 5.16 -5.70 3.81
CA LEU A 22 5.05 -4.26 3.55
C LEU A 22 4.53 -3.53 4.78
N GLU A 23 3.32 -3.86 5.19
CA GLU A 23 2.71 -3.23 6.36
C GLU A 23 3.70 -3.14 7.52
N SER A 24 4.29 -4.28 7.87
CA SER A 24 5.25 -4.33 8.96
C SER A 24 6.37 -3.32 8.74
N SER A 25 6.87 -3.25 7.52
CA SER A 25 7.94 -2.32 7.18
C SER A 25 7.45 -0.88 7.23
N PHE A 26 6.19 -0.69 6.86
CA PHE A 26 5.60 0.65 6.86
C PHE A 26 5.69 1.29 8.23
N ALA A 27 5.25 0.56 9.26
CA ALA A 27 5.29 1.06 10.63
C ALA A 27 6.58 1.79 10.90
N GLN A 28 7.71 1.15 10.60
CA GLN A 28 9.02 1.74 10.82
C GLN A 28 9.17 3.04 10.04
N ASN A 29 8.96 2.96 8.72
CA ASN A 29 9.08 4.13 7.86
C ASN A 29 8.16 4.00 6.65
N PRO A 30 7.57 5.14 6.24
CA PRO A 30 6.65 5.18 5.10
C PRO A 30 7.37 4.96 3.78
N LEU A 31 8.48 5.66 3.58
CA LEU A 31 9.26 5.53 2.35
C LEU A 31 10.67 5.02 2.66
N PRO A 32 10.82 3.70 2.69
CA PRO A 32 12.11 3.05 2.97
C PRO A 32 13.10 3.23 1.82
N LEU A 33 14.39 3.07 2.13
CA LEU A 33 15.43 3.21 1.12
C LEU A 33 15.63 1.90 0.36
N ASP A 34 16.55 1.93 -0.61
CA ASP A 34 16.83 0.75 -1.41
C ASP A 34 17.25 -0.43 -0.52
N GLU A 35 18.19 -0.16 0.38
CA GLU A 35 18.68 -1.20 1.29
C GLU A 35 17.51 -1.89 1.99
N GLU A 36 16.73 -1.13 2.75
CA GLU A 36 15.59 -1.68 3.46
C GLU A 36 14.62 -2.38 2.51
N LEU A 37 14.51 -1.84 1.30
CA LEU A 37 13.62 -2.39 0.29
C LEU A 37 14.15 -3.74 -0.21
N ASP A 38 15.46 -3.85 -0.32
CA ASP A 38 16.10 -5.07 -0.78
C ASP A 38 15.68 -6.26 0.09
N ARG A 39 15.62 -6.03 1.40
CA ARG A 39 15.23 -7.09 2.33
C ARG A 39 13.80 -7.54 2.08
N LEU A 40 12.86 -6.61 2.19
CA LEU A 40 11.45 -6.92 1.97
C LEU A 40 11.25 -7.66 0.65
N ARG A 41 11.94 -7.20 -0.39
CA ARG A 41 11.84 -7.81 -1.71
C ARG A 41 11.87 -9.33 -1.60
N SER A 42 12.60 -9.84 -0.62
CA SER A 42 12.72 -11.27 -0.40
C SER A 42 11.37 -11.88 -0.07
N GLU A 43 10.60 -11.20 0.76
CA GLU A 43 9.28 -11.67 1.16
C GLU A 43 8.22 -11.27 0.13
N THR A 44 8.18 -9.97 -0.19
CA THR A 44 7.22 -9.47 -1.15
C THR A 44 7.48 -10.03 -2.54
N LYS A 45 8.73 -10.39 -2.80
CA LYS A 45 9.11 -10.94 -4.10
C LYS A 45 8.79 -9.96 -5.23
N MET A 46 9.05 -8.68 -4.99
CA MET A 46 8.79 -7.65 -5.98
C MET A 46 10.04 -6.80 -6.21
N THR A 47 9.91 -5.78 -7.07
CA THR A 47 11.02 -4.90 -7.38
C THR A 47 10.91 -3.59 -6.60
N ARG A 48 12.01 -2.83 -6.60
CA ARG A 48 12.04 -1.55 -5.90
C ARG A 48 10.95 -0.62 -6.40
N ARG A 49 10.78 -0.57 -7.72
CA ARG A 49 9.77 0.29 -8.33
C ARG A 49 8.36 -0.20 -7.98
N GLU A 50 8.18 -1.51 -7.97
CA GLU A 50 6.89 -2.11 -7.64
C GLU A 50 6.48 -1.77 -6.22
N ILE A 51 7.39 -2.02 -5.28
CA ILE A 51 7.13 -1.73 -3.87
C ILE A 51 7.06 -0.23 -3.61
N ASP A 52 8.03 0.50 -4.14
CA ASP A 52 8.09 1.94 -3.96
C ASP A 52 6.72 2.57 -4.22
N SER A 53 6.03 2.08 -5.25
CA SER A 53 4.72 2.60 -5.62
C SER A 53 3.69 2.29 -4.53
N TRP A 54 3.68 1.03 -4.09
CA TRP A 54 2.75 0.60 -3.05
C TRP A 54 2.69 1.63 -1.92
N PHE A 55 3.83 1.88 -1.29
CA PHE A 55 3.90 2.83 -0.18
C PHE A 55 3.20 4.13 -0.55
N SER A 56 3.75 4.83 -1.55
CA SER A 56 3.18 6.10 -1.98
C SER A 56 1.66 6.01 -2.09
N GLU A 57 1.17 4.82 -2.40
CA GLU A 57 -0.27 4.61 -2.54
C GLU A 57 -0.89 4.24 -1.19
N ARG A 58 -0.10 3.61 -0.33
CA ARG A 58 -0.57 3.22 1.00
C ARG A 58 -0.49 4.39 1.97
N ARG A 59 0.72 4.89 2.18
CA ARG A 59 0.94 6.01 3.09
C ARG A 59 -0.02 7.16 2.77
N LYS A 60 -0.40 7.27 1.51
CA LYS A 60 -1.31 8.33 1.07
C LYS A 60 -2.75 7.99 1.41
N LYS A 61 -3.07 6.70 1.39
CA LYS A 61 -4.42 6.23 1.70
C LYS A 61 -4.80 6.61 3.14
N VAL A 62 -3.83 6.52 4.05
CA VAL A 62 -4.06 6.85 5.44
C VAL A 62 -4.33 8.35 5.62
N ASN A 63 -3.54 9.17 4.93
CA ASN A 63 -3.69 10.62 5.01
C ASN A 63 -5.04 11.05 4.43
N ALA A 64 -5.44 10.39 3.35
CA ALA A 64 -6.71 10.71 2.69
C ALA A 64 -7.84 9.85 3.23
N GLU A 65 -7.83 9.60 4.54
CA GLU A 65 -8.84 8.79 5.18
C GLU A 65 -9.99 9.66 5.70
N GLU A 66 -11.13 9.04 5.97
CA GLU A 66 -12.29 9.75 6.48
C GLU A 66 -12.70 10.87 5.52
N THR A 67 -12.75 10.54 4.23
CA THR A 67 -13.12 11.52 3.21
C THR A 67 -14.18 10.94 2.27
N LYS A 68 -15.38 11.53 2.30
CA LYS A 68 -16.46 11.08 1.45
C LYS A 68 -15.96 10.74 0.05
N LYS A 69 -16.47 9.65 -0.50
CA LYS A 69 -16.06 9.21 -1.84
C LYS A 69 -16.97 8.09 -2.34
N SER A 70 -17.09 7.97 -3.66
CA SER A 70 -17.93 6.94 -4.27
C SER A 70 -17.11 5.68 -4.53
N GLY A 71 -17.77 4.52 -4.42
CA GLY A 71 -17.09 3.26 -4.66
C GLY A 71 -17.43 2.22 -3.62
N PRO A 72 -17.12 0.95 -3.92
CA PRO A 72 -17.39 -0.17 -3.01
C PRO A 72 -16.49 -0.15 -1.78
N SER A 73 -15.25 0.31 -1.97
CA SER A 73 -14.29 0.37 -0.87
C SER A 73 -14.82 1.25 0.26
N SER A 74 -14.83 0.70 1.47
CA SER A 74 -15.31 1.42 2.64
C SER A 74 -14.15 2.00 3.44
N GLY A 75 -14.47 2.83 4.44
CA GLY A 75 -13.45 3.43 5.26
C GLY A 75 -12.76 2.42 6.17
N GLY A 1 -9.83 14.15 -13.10
CA GLY A 1 -9.94 13.55 -14.43
C GLY A 1 -8.70 12.75 -14.81
N SER A 2 -8.29 11.84 -13.93
CA SER A 2 -7.12 11.02 -14.19
C SER A 2 -7.02 10.64 -15.66
N SER A 3 -5.82 10.81 -16.23
CA SER A 3 -5.60 10.49 -17.63
C SER A 3 -5.67 8.99 -17.88
N GLY A 4 -6.85 8.52 -18.27
CA GLY A 4 -7.03 7.10 -18.53
C GLY A 4 -7.55 6.35 -17.32
N SER A 5 -7.31 5.05 -17.27
CA SER A 5 -7.76 4.22 -16.16
C SER A 5 -9.18 4.60 -15.73
N SER A 6 -10.04 4.82 -16.73
CA SER A 6 -11.42 5.21 -16.45
C SER A 6 -12.31 3.97 -16.29
N GLY A 7 -13.23 4.03 -15.34
CA GLY A 7 -14.12 2.91 -15.10
C GLY A 7 -14.80 2.99 -13.75
N PRO A 8 -16.05 2.51 -13.69
CA PRO A 8 -16.85 2.50 -12.46
C PRO A 8 -16.31 1.53 -11.42
N THR A 9 -16.09 0.29 -11.83
CA THR A 9 -15.57 -0.73 -10.93
C THR A 9 -14.07 -0.91 -11.10
N LYS A 10 -13.31 -0.33 -10.17
CA LYS A 10 -11.86 -0.42 -10.21
C LYS A 10 -11.27 -0.47 -8.80
N TYR A 11 -10.42 -1.46 -8.54
CA TYR A 11 -9.81 -1.62 -7.23
C TYR A 11 -8.51 -2.41 -7.33
N LYS A 12 -7.82 -2.56 -6.21
CA LYS A 12 -6.57 -3.30 -6.17
C LYS A 12 -6.38 -3.99 -4.82
N GLU A 13 -5.95 -5.24 -4.85
CA GLU A 13 -5.73 -6.00 -3.63
C GLU A 13 -4.40 -6.76 -3.68
N ARG A 14 -3.58 -6.57 -2.66
CA ARG A 14 -2.28 -7.23 -2.59
C ARG A 14 -2.39 -8.58 -1.91
N ALA A 15 -1.33 -9.38 -2.00
CA ALA A 15 -1.32 -10.70 -1.39
C ALA A 15 -1.14 -10.61 0.12
N PRO A 16 -1.69 -11.59 0.85
CA PRO A 16 -1.61 -11.63 2.31
C PRO A 16 -0.19 -11.93 2.80
N GLU A 17 0.65 -12.43 1.90
CA GLU A 17 2.03 -12.75 2.25
C GLU A 17 2.95 -11.56 1.99
N GLN A 18 2.67 -10.82 0.92
CA GLN A 18 3.47 -9.66 0.57
C GLN A 18 3.25 -8.52 1.58
N LEU A 19 2.00 -8.15 1.78
CA LEU A 19 1.66 -7.09 2.72
C LEU A 19 2.33 -7.31 4.07
N ARG A 20 2.20 -8.53 4.59
CA ARG A 20 2.80 -8.87 5.88
C ARG A 20 4.19 -8.26 6.02
N ALA A 21 4.97 -8.35 4.95
CA ALA A 21 6.33 -7.80 4.95
C ALA A 21 6.31 -6.28 4.79
N LEU A 22 5.47 -5.80 3.87
CA LEU A 22 5.36 -4.37 3.62
C LEU A 22 4.78 -3.64 4.84
N GLU A 23 3.53 -3.95 5.16
CA GLU A 23 2.87 -3.32 6.30
C GLU A 23 3.83 -3.17 7.47
N SER A 24 4.50 -4.26 7.84
CA SER A 24 5.45 -4.25 8.95
C SER A 24 6.51 -3.18 8.73
N SER A 25 7.01 -3.09 7.50
CA SER A 25 8.04 -2.11 7.17
C SER A 25 7.48 -0.69 7.22
N PHE A 26 6.25 -0.54 6.73
CA PHE A 26 5.59 0.77 6.71
C PHE A 26 5.64 1.42 8.10
N ALA A 27 5.30 0.64 9.12
CA ALA A 27 5.30 1.14 10.49
C ALA A 27 6.58 1.93 10.79
N GLN A 28 7.72 1.30 10.54
CA GLN A 28 9.01 1.95 10.77
C GLN A 28 9.14 3.23 9.97
N ASN A 29 8.97 3.12 8.65
CA ASN A 29 9.06 4.26 7.76
C ASN A 29 8.17 4.08 6.53
N PRO A 30 7.54 5.18 6.09
CA PRO A 30 6.65 5.16 4.92
C PRO A 30 7.42 4.95 3.62
N LEU A 31 8.48 5.72 3.42
CA LEU A 31 9.29 5.61 2.22
C LEU A 31 10.68 5.07 2.55
N PRO A 32 10.79 3.73 2.63
CA PRO A 32 12.06 3.06 2.93
C PRO A 32 13.06 3.17 1.79
N LEU A 33 14.34 3.16 2.13
CA LEU A 33 15.41 3.27 1.13
C LEU A 33 15.62 1.92 0.44
N ASP A 34 16.60 1.87 -0.46
CA ASP A 34 16.91 0.65 -1.19
C ASP A 34 17.22 -0.49 -0.23
N GLU A 35 18.12 -0.24 0.71
CA GLU A 35 18.49 -1.25 1.70
C GLU A 35 17.27 -1.94 2.27
N GLU A 36 16.47 -1.20 3.03
CA GLU A 36 15.26 -1.74 3.64
C GLU A 36 14.36 -2.39 2.58
N LEU A 37 14.42 -1.87 1.36
CA LEU A 37 13.62 -2.40 0.27
C LEU A 37 14.17 -3.74 -0.21
N ASP A 38 15.49 -3.89 -0.13
CA ASP A 38 16.15 -5.11 -0.55
C ASP A 38 15.64 -6.31 0.25
N ARG A 39 15.36 -6.08 1.53
CA ARG A 39 14.87 -7.14 2.40
C ARG A 39 13.46 -7.58 1.99
N LEU A 40 12.53 -6.64 2.01
CA LEU A 40 11.14 -6.92 1.65
C LEU A 40 11.08 -7.66 0.32
N ARG A 41 11.81 -7.15 -0.67
CA ARG A 41 11.83 -7.77 -2.00
C ARG A 41 11.80 -9.29 -1.90
N SER A 42 12.35 -9.81 -0.81
CA SER A 42 12.38 -11.26 -0.59
C SER A 42 10.98 -11.79 -0.28
N GLU A 43 10.34 -11.22 0.73
CA GLU A 43 9.00 -11.64 1.12
C GLU A 43 7.97 -11.24 0.07
N THR A 44 8.03 -9.97 -0.34
CA THR A 44 7.10 -9.45 -1.35
C THR A 44 7.40 -10.03 -2.73
N LYS A 45 8.64 -10.45 -2.93
CA LYS A 45 9.06 -11.02 -4.21
C LYS A 45 8.84 -10.04 -5.34
N MET A 46 8.96 -8.75 -5.05
CA MET A 46 8.77 -7.71 -6.05
C MET A 46 10.05 -6.90 -6.25
N THR A 47 9.98 -5.86 -7.07
CA THR A 47 11.12 -5.01 -7.35
C THR A 47 11.00 -3.67 -6.64
N ARG A 48 12.13 -3.00 -6.45
CA ARG A 48 12.14 -1.70 -5.79
C ARG A 48 11.02 -0.80 -6.32
N ARG A 49 10.89 -0.74 -7.64
CA ARG A 49 9.86 0.07 -8.26
C ARG A 49 8.47 -0.38 -7.82
N GLU A 50 8.21 -1.67 -7.94
CA GLU A 50 6.91 -2.22 -7.56
C GLU A 50 6.56 -1.84 -6.12
N ILE A 51 7.49 -2.10 -5.21
CA ILE A 51 7.29 -1.79 -3.79
C ILE A 51 7.13 -0.28 -3.58
N ASP A 52 8.15 0.47 -3.99
CA ASP A 52 8.12 1.92 -3.84
C ASP A 52 6.73 2.48 -4.17
N SER A 53 6.16 2.01 -5.27
CA SER A 53 4.84 2.45 -5.70
C SER A 53 3.80 2.20 -4.62
N TRP A 54 3.76 0.97 -4.11
CA TRP A 54 2.82 0.59 -3.07
C TRP A 54 2.78 1.65 -1.97
N PHE A 55 3.96 1.99 -1.45
CA PHE A 55 4.07 2.98 -0.39
C PHE A 55 3.53 4.33 -0.85
N SER A 56 4.10 4.85 -1.94
CA SER A 56 3.67 6.13 -2.48
C SER A 56 2.17 6.15 -2.74
N GLU A 57 1.60 4.98 -2.95
CA GLU A 57 0.17 4.85 -3.20
C GLU A 57 -0.59 4.45 -1.94
N ARG A 58 0.15 3.91 -0.98
CA ARG A 58 -0.46 3.48 0.28
C ARG A 58 -0.44 4.61 1.30
N ARG A 59 0.77 5.03 1.69
CA ARG A 59 0.92 6.10 2.67
C ARG A 59 0.01 7.28 2.33
N LYS A 60 -0.29 7.44 1.04
CA LYS A 60 -1.16 8.52 0.59
C LYS A 60 -2.62 8.21 0.88
N LYS A 61 -2.97 6.93 0.83
CA LYS A 61 -4.34 6.50 1.09
C LYS A 61 -4.73 6.78 2.53
N VAL A 62 -3.78 6.64 3.44
CA VAL A 62 -4.03 6.89 4.86
C VAL A 62 -4.52 8.32 5.09
N ASN A 63 -3.98 9.25 4.31
CA ASN A 63 -4.35 10.65 4.42
C ASN A 63 -5.79 10.87 3.97
N ALA A 64 -6.19 10.15 2.92
CA ALA A 64 -7.54 10.27 2.38
C ALA A 64 -8.47 9.24 3.02
N GLU A 65 -8.29 9.01 4.32
CA GLU A 65 -9.12 8.05 5.04
C GLU A 65 -10.39 8.71 5.56
N GLU A 66 -11.47 7.94 5.60
CA GLU A 66 -12.76 8.44 6.07
C GLU A 66 -13.23 9.61 5.20
N THR A 67 -13.18 9.41 3.89
CA THR A 67 -13.60 10.44 2.94
C THR A 67 -14.84 10.01 2.17
N LYS A 68 -15.94 10.71 2.40
CA LYS A 68 -17.20 10.39 1.72
C LYS A 68 -16.99 10.32 0.21
N LYS A 69 -17.44 9.22 -0.38
CA LYS A 69 -17.32 9.02 -1.82
C LYS A 69 -18.64 8.58 -2.43
N SER A 70 -18.71 8.59 -3.75
CA SER A 70 -19.92 8.20 -4.46
C SER A 70 -20.05 6.68 -4.52
N GLY A 71 -21.02 6.15 -3.79
CA GLY A 71 -21.23 4.71 -3.75
C GLY A 71 -20.66 4.06 -2.52
N PRO A 72 -21.27 4.32 -1.36
CA PRO A 72 -20.82 3.76 -0.08
C PRO A 72 -21.07 2.27 0.02
N SER A 73 -20.02 1.48 -0.24
CA SER A 73 -20.12 0.03 -0.18
C SER A 73 -21.27 -0.47 -1.07
N SER A 74 -21.40 0.13 -2.23
CA SER A 74 -22.46 -0.25 -3.17
C SER A 74 -22.09 -1.53 -3.91
N GLY A 75 -20.87 -1.58 -4.43
CA GLY A 75 -20.41 -2.75 -5.16
C GLY A 75 -19.55 -2.39 -6.36
N GLY A 1 -23.46 15.91 -4.99
CA GLY A 1 -22.92 14.57 -5.20
C GLY A 1 -23.94 13.49 -4.90
N SER A 2 -23.46 12.36 -4.40
CA SER A 2 -24.33 11.24 -4.07
C SER A 2 -24.92 10.63 -5.34
N SER A 3 -24.09 10.51 -6.37
CA SER A 3 -24.54 9.94 -7.64
C SER A 3 -23.65 8.76 -8.05
N GLY A 4 -22.55 8.58 -7.33
CA GLY A 4 -21.64 7.50 -7.63
C GLY A 4 -20.20 7.95 -7.73
N SER A 5 -19.33 7.36 -6.90
CA SER A 5 -17.92 7.73 -6.90
C SER A 5 -17.34 7.67 -8.31
N SER A 6 -16.43 8.59 -8.60
CA SER A 6 -15.80 8.65 -9.92
C SER A 6 -14.31 8.93 -9.80
N GLY A 7 -13.50 8.07 -10.40
CA GLY A 7 -12.05 8.24 -10.34
C GLY A 7 -11.30 7.11 -11.01
N PRO A 8 -9.97 7.14 -10.92
CA PRO A 8 -9.11 6.10 -11.51
C PRO A 8 -9.22 4.77 -10.78
N THR A 9 -8.96 3.68 -11.50
CA THR A 9 -9.03 2.35 -10.93
C THR A 9 -7.64 1.80 -10.63
N LYS A 10 -7.52 1.06 -9.53
CA LYS A 10 -6.24 0.49 -9.14
C LYS A 10 -6.20 -1.01 -9.47
N TYR A 11 -5.03 -1.62 -9.26
CA TYR A 11 -4.86 -3.04 -9.54
C TYR A 11 -5.38 -3.89 -8.39
N LYS A 12 -5.75 -5.13 -8.70
CA LYS A 12 -6.27 -6.05 -7.69
C LYS A 12 -5.49 -5.91 -6.38
N GLU A 13 -6.13 -6.29 -5.28
CA GLU A 13 -5.50 -6.21 -3.96
C GLU A 13 -4.22 -7.03 -3.92
N ARG A 14 -3.44 -6.85 -2.86
CA ARG A 14 -2.19 -7.57 -2.70
C ARG A 14 -2.41 -8.88 -1.95
N ALA A 15 -1.37 -9.73 -1.90
CA ALA A 15 -1.45 -11.00 -1.20
C ALA A 15 -1.21 -10.83 0.28
N PRO A 16 -1.69 -11.80 1.08
CA PRO A 16 -1.54 -11.79 2.54
C PRO A 16 -0.10 -12.01 2.97
N GLU A 17 0.73 -12.48 2.04
CA GLU A 17 2.13 -12.74 2.32
C GLU A 17 2.98 -11.50 2.07
N GLN A 18 2.77 -10.86 0.92
CA GLN A 18 3.51 -9.67 0.55
C GLN A 18 3.19 -8.51 1.50
N LEU A 19 1.90 -8.27 1.71
CA LEU A 19 1.45 -7.19 2.58
C LEU A 19 2.12 -7.31 3.95
N ARG A 20 2.03 -8.48 4.56
CA ARG A 20 2.62 -8.71 5.87
C ARG A 20 3.99 -8.05 5.98
N ALA A 21 4.72 -8.06 4.87
CA ALA A 21 6.05 -7.46 4.82
C ALA A 21 5.97 -5.94 4.65
N LEU A 22 5.16 -5.50 3.69
CA LEU A 22 4.99 -4.08 3.42
C LEU A 22 4.41 -3.37 4.64
N GLU A 23 3.22 -3.78 5.05
CA GLU A 23 2.56 -3.18 6.21
C GLU A 23 3.52 -3.08 7.40
N SER A 24 4.03 -4.23 7.82
CA SER A 24 4.96 -4.28 8.95
C SER A 24 6.14 -3.35 8.72
N SER A 25 6.63 -3.32 7.49
CA SER A 25 7.77 -2.48 7.14
C SER A 25 7.38 -1.00 7.18
N PHE A 26 6.09 -0.72 6.97
CA PHE A 26 5.59 0.64 6.98
C PHE A 26 5.70 1.26 8.38
N ALA A 27 5.21 0.52 9.38
CA ALA A 27 5.25 0.99 10.76
C ALA A 27 6.62 1.57 11.09
N GLN A 28 7.67 0.96 10.56
CA GLN A 28 9.03 1.43 10.81
C GLN A 28 9.33 2.70 10.02
N ASN A 29 9.07 2.65 8.71
CA ASN A 29 9.32 3.79 7.84
C ASN A 29 8.35 3.78 6.65
N PRO A 30 7.86 4.97 6.29
CA PRO A 30 6.92 5.12 5.16
C PRO A 30 7.60 4.88 3.81
N LEU A 31 8.73 5.56 3.59
CA LEU A 31 9.47 5.41 2.35
C LEU A 31 10.89 4.96 2.61
N PRO A 32 11.09 3.64 2.70
CA PRO A 32 12.40 3.05 2.95
C PRO A 32 13.35 3.20 1.77
N LEU A 33 14.65 3.08 2.02
CA LEU A 33 15.64 3.21 0.96
C LEU A 33 15.82 1.88 0.23
N ASP A 34 16.76 1.86 -0.72
CA ASP A 34 17.04 0.66 -1.49
C ASP A 34 17.42 -0.51 -0.57
N GLU A 35 18.40 -0.28 0.28
CA GLU A 35 18.85 -1.31 1.21
C GLU A 35 17.68 -1.97 1.91
N GLU A 36 16.92 -1.19 2.68
CA GLU A 36 15.76 -1.71 3.40
C GLU A 36 14.80 -2.41 2.45
N LEU A 37 14.65 -1.86 1.25
CA LEU A 37 13.76 -2.43 0.24
C LEU A 37 14.26 -3.79 -0.22
N ASP A 38 15.58 -3.93 -0.32
CA ASP A 38 16.19 -5.17 -0.75
C ASP A 38 15.73 -6.34 0.14
N ARG A 39 15.54 -6.06 1.42
CA ARG A 39 15.10 -7.07 2.37
C ARG A 39 13.65 -7.48 2.09
N LEU A 40 12.75 -6.50 2.16
CA LEU A 40 11.33 -6.76 1.91
C LEU A 40 11.13 -7.47 0.58
N ARG A 41 11.90 -7.07 -0.42
CA ARG A 41 11.80 -7.67 -1.74
C ARG A 41 11.86 -9.19 -1.66
N SER A 42 12.43 -9.69 -0.57
CA SER A 42 12.55 -11.13 -0.37
C SER A 42 11.22 -11.74 0.09
N GLU A 43 10.45 -10.94 0.82
CA GLU A 43 9.14 -11.40 1.32
C GLU A 43 8.04 -11.07 0.32
N THR A 44 8.04 -9.84 -0.17
CA THR A 44 7.03 -9.40 -1.13
C THR A 44 7.33 -9.95 -2.53
N LYS A 45 8.61 -10.14 -2.81
CA LYS A 45 9.02 -10.66 -4.12
C LYS A 45 8.58 -9.72 -5.24
N MET A 46 8.61 -8.43 -4.96
CA MET A 46 8.21 -7.42 -5.95
C MET A 46 9.40 -6.54 -6.32
N THR A 47 9.14 -5.52 -7.13
CA THR A 47 10.18 -4.60 -7.56
C THR A 47 10.09 -3.28 -6.83
N ARG A 48 11.11 -2.44 -6.97
CA ARG A 48 11.15 -1.14 -6.32
C ARG A 48 9.96 -0.29 -6.74
N ARG A 49 9.61 -0.36 -8.02
CA ARG A 49 8.51 0.41 -8.56
C ARG A 49 7.18 -0.06 -7.97
N GLU A 50 7.07 -1.37 -7.73
CA GLU A 50 5.86 -1.94 -7.16
C GLU A 50 5.77 -1.66 -5.67
N ILE A 51 6.87 -1.87 -4.96
CA ILE A 51 6.91 -1.63 -3.53
C ILE A 51 6.80 -0.14 -3.21
N ASP A 52 7.49 0.67 -4.00
CA ASP A 52 7.47 2.12 -3.81
C ASP A 52 6.07 2.67 -4.00
N SER A 53 5.42 2.26 -5.09
CA SER A 53 4.07 2.72 -5.40
C SER A 53 3.11 2.36 -4.28
N TRP A 54 3.21 1.13 -3.79
CA TRP A 54 2.34 0.66 -2.72
C TRP A 54 2.45 1.57 -1.50
N PHE A 55 3.61 2.18 -1.32
CA PHE A 55 3.84 3.07 -0.18
C PHE A 55 3.16 4.42 -0.41
N SER A 56 3.40 5.00 -1.59
CA SER A 56 2.82 6.29 -1.94
C SER A 56 1.29 6.22 -1.96
N GLU A 57 0.77 5.01 -2.14
CA GLU A 57 -0.67 4.79 -2.18
C GLU A 57 -1.19 4.38 -0.81
N ARG A 58 -0.31 3.86 0.04
CA ARG A 58 -0.69 3.41 1.37
C ARG A 58 -0.51 4.55 2.38
N ARG A 59 0.73 5.03 2.52
CA ARG A 59 1.04 6.10 3.46
C ARG A 59 0.11 7.29 3.22
N LYS A 60 -0.36 7.45 2.00
CA LYS A 60 -1.25 8.55 1.65
C LYS A 60 -2.68 8.26 2.12
N LYS A 61 -3.04 6.98 2.13
CA LYS A 61 -4.38 6.57 2.55
C LYS A 61 -4.59 6.85 4.03
N VAL A 62 -3.53 6.66 4.82
CA VAL A 62 -3.60 6.90 6.27
C VAL A 62 -3.85 8.38 6.56
N ASN A 63 -3.12 9.24 5.86
CA ASN A 63 -3.24 10.67 6.05
C ASN A 63 -4.65 11.15 5.72
N ALA A 64 -5.23 10.58 4.67
CA ALA A 64 -6.58 10.93 4.24
C ALA A 64 -7.61 9.97 4.82
N GLU A 65 -7.86 10.07 6.11
CA GLU A 65 -8.82 9.21 6.80
C GLU A 65 -9.84 10.03 7.57
N GLU A 66 -11.01 10.25 6.97
CA GLU A 66 -12.06 11.02 7.60
C GLU A 66 -11.59 12.44 7.92
N THR A 67 -10.83 13.02 7.00
CA THR A 67 -10.32 14.37 7.18
C THR A 67 -11.37 15.29 7.79
N LYS A 68 -10.91 16.39 8.37
CA LYS A 68 -11.82 17.35 9.00
C LYS A 68 -12.30 18.38 7.98
N LYS A 69 -11.37 18.91 7.21
CA LYS A 69 -11.70 19.91 6.19
C LYS A 69 -12.04 19.24 4.86
N SER A 70 -12.45 20.03 3.88
CA SER A 70 -12.80 19.52 2.57
C SER A 70 -12.84 20.64 1.54
N GLY A 71 -12.02 20.53 0.50
CA GLY A 71 -11.97 21.54 -0.54
C GLY A 71 -12.42 21.01 -1.89
N PRO A 72 -13.75 20.98 -2.11
CA PRO A 72 -14.33 20.49 -3.35
C PRO A 72 -14.05 21.42 -4.53
N SER A 73 -13.24 20.96 -5.48
CA SER A 73 -12.90 21.76 -6.65
C SER A 73 -14.09 21.87 -7.60
N SER A 74 -14.44 23.10 -7.95
CA SER A 74 -15.56 23.36 -8.85
C SER A 74 -15.11 23.36 -10.30
N GLY A 75 -16.07 23.36 -11.22
CA GLY A 75 -15.75 23.36 -12.64
C GLY A 75 -16.13 24.66 -13.31
N GLY A 1 -7.01 6.31 -21.76
CA GLY A 1 -5.64 5.86 -21.95
C GLY A 1 -4.90 5.67 -20.65
N SER A 2 -3.64 6.06 -20.62
CA SER A 2 -2.81 5.92 -19.42
C SER A 2 -2.86 7.19 -18.58
N SER A 3 -3.14 7.02 -17.28
CA SER A 3 -3.22 8.16 -16.37
C SER A 3 -3.03 7.70 -14.92
N GLY A 4 -2.29 8.49 -14.15
CA GLY A 4 -2.06 8.15 -12.76
C GLY A 4 -3.12 8.69 -11.83
N SER A 5 -2.99 9.96 -11.46
CA SER A 5 -3.95 10.60 -10.57
C SER A 5 -5.04 11.31 -11.37
N SER A 6 -5.45 10.68 -12.47
CA SER A 6 -6.49 11.26 -13.32
C SER A 6 -7.29 10.16 -14.01
N GLY A 7 -8.30 10.56 -14.77
CA GLY A 7 -9.14 9.60 -15.47
C GLY A 7 -9.56 8.44 -14.58
N PRO A 8 -9.95 7.32 -15.21
CA PRO A 8 -10.39 6.12 -14.49
C PRO A 8 -9.24 5.44 -13.76
N THR A 9 -9.36 5.34 -12.44
CA THR A 9 -8.34 4.70 -11.63
C THR A 9 -8.82 3.37 -11.07
N LYS A 10 -8.51 2.29 -11.79
CA LYS A 10 -8.91 0.95 -11.36
C LYS A 10 -8.52 0.70 -9.91
N TYR A 11 -9.06 -0.37 -9.34
CA TYR A 11 -8.77 -0.72 -7.95
C TYR A 11 -8.28 -2.17 -7.85
N LYS A 12 -7.29 -2.40 -7.00
CA LYS A 12 -6.73 -3.73 -6.80
C LYS A 12 -6.25 -3.91 -5.36
N GLU A 13 -6.02 -5.17 -4.98
CA GLU A 13 -5.55 -5.47 -3.63
C GLU A 13 -4.37 -6.43 -3.67
N ARG A 14 -3.50 -6.33 -2.67
CA ARG A 14 -2.32 -7.18 -2.59
C ARG A 14 -2.63 -8.47 -1.81
N ALA A 15 -1.68 -9.40 -1.83
CA ALA A 15 -1.86 -10.67 -1.14
C ALA A 15 -1.56 -10.52 0.35
N PRO A 16 -2.09 -11.47 1.15
CA PRO A 16 -1.89 -11.46 2.61
C PRO A 16 -0.46 -11.78 3.00
N GLU A 17 0.29 -12.37 2.07
CA GLU A 17 1.68 -12.74 2.33
C GLU A 17 2.60 -11.56 2.06
N GLN A 18 2.40 -10.88 0.94
CA GLN A 18 3.22 -9.73 0.58
C GLN A 18 3.03 -8.59 1.57
N LEU A 19 1.79 -8.21 1.80
CA LEU A 19 1.49 -7.14 2.74
C LEU A 19 2.20 -7.35 4.08
N ARG A 20 2.00 -8.52 4.66
CA ARG A 20 2.61 -8.86 5.93
C ARG A 20 4.01 -8.26 6.04
N ALA A 21 4.71 -8.22 4.91
CA ALA A 21 6.06 -7.66 4.87
C ALA A 21 6.03 -6.15 4.67
N LEU A 22 5.23 -5.70 3.70
CA LEU A 22 5.11 -4.28 3.41
C LEU A 22 4.57 -3.53 4.61
N GLU A 23 3.38 -3.91 5.06
CA GLU A 23 2.75 -3.27 6.21
C GLU A 23 3.73 -3.15 7.37
N SER A 24 4.23 -4.29 7.83
CA SER A 24 5.17 -4.32 8.93
C SER A 24 6.33 -3.35 8.70
N SER A 25 6.81 -3.31 7.46
CA SER A 25 7.91 -2.43 7.10
C SER A 25 7.45 -0.97 7.06
N PHE A 26 6.17 -0.77 6.79
CA PHE A 26 5.60 0.57 6.72
C PHE A 26 5.58 1.23 8.09
N ALA A 27 5.36 0.42 9.13
CA ALA A 27 5.31 0.92 10.49
C ALA A 27 6.61 1.63 10.86
N GLN A 28 7.74 1.02 10.49
CA GLN A 28 9.05 1.59 10.78
C GLN A 28 9.29 2.86 9.96
N ASN A 29 9.05 2.76 8.66
CA ASN A 29 9.24 3.89 7.76
C ASN A 29 8.30 3.80 6.56
N PRO A 30 7.74 4.95 6.15
CA PRO A 30 6.82 5.04 5.02
C PRO A 30 7.53 4.79 3.69
N LEU A 31 8.76 5.28 3.58
CA LEU A 31 9.54 5.11 2.35
C LEU A 31 10.90 4.48 2.65
N PRO A 32 10.94 3.15 2.67
CA PRO A 32 12.17 2.40 2.93
C PRO A 32 13.18 2.52 1.81
N LEU A 33 14.37 3.01 2.13
CA LEU A 33 15.43 3.18 1.14
C LEU A 33 15.67 1.88 0.37
N ASP A 34 16.67 1.88 -0.49
CA ASP A 34 17.02 0.70 -1.27
C ASP A 34 17.46 -0.44 -0.37
N GLU A 35 18.20 -0.11 0.68
CA GLU A 35 18.69 -1.11 1.62
C GLU A 35 17.54 -1.77 2.37
N GLU A 36 16.57 -0.96 2.77
CA GLU A 36 15.40 -1.46 3.50
C GLU A 36 14.45 -2.20 2.56
N LEU A 37 14.54 -1.89 1.28
CA LEU A 37 13.68 -2.52 0.28
C LEU A 37 14.30 -3.82 -0.22
N ASP A 38 15.62 -3.83 -0.38
CA ASP A 38 16.33 -5.02 -0.84
C ASP A 38 15.93 -6.25 -0.03
N ARG A 39 15.72 -6.05 1.27
CA ARG A 39 15.33 -7.14 2.15
C ARG A 39 13.88 -7.54 1.91
N LEU A 40 12.97 -6.57 2.02
CA LEU A 40 11.55 -6.83 1.81
C LEU A 40 11.31 -7.55 0.48
N ARG A 41 12.03 -7.11 -0.55
CA ARG A 41 11.89 -7.72 -1.87
C ARG A 41 11.90 -9.23 -1.79
N SER A 42 12.51 -9.76 -0.73
CA SER A 42 12.59 -11.20 -0.53
C SER A 42 11.28 -11.74 0.03
N GLU A 43 10.66 -10.98 0.92
CA GLU A 43 9.40 -11.38 1.53
C GLU A 43 8.23 -11.17 0.57
N THR A 44 8.14 -9.96 0.02
CA THR A 44 7.08 -9.63 -0.92
C THR A 44 7.30 -10.29 -2.27
N LYS A 45 8.54 -10.68 -2.53
CA LYS A 45 8.89 -11.33 -3.79
C LYS A 45 8.51 -10.47 -4.98
N MET A 46 8.49 -9.15 -4.77
CA MET A 46 8.14 -8.21 -5.83
C MET A 46 9.36 -7.45 -6.31
N THR A 47 9.16 -6.56 -7.28
CA THR A 47 10.25 -5.76 -7.82
C THR A 47 10.21 -4.33 -7.29
N ARG A 48 11.37 -3.68 -7.29
CA ARG A 48 11.46 -2.30 -6.81
C ARG A 48 10.31 -1.46 -7.34
N ARG A 49 9.96 -1.67 -8.60
CA ARG A 49 8.88 -0.93 -9.23
C ARG A 49 7.53 -1.30 -8.61
N GLU A 50 7.35 -2.58 -8.32
CA GLU A 50 6.11 -3.07 -7.73
C GLU A 50 5.96 -2.57 -6.30
N ILE A 51 7.09 -2.47 -5.59
CA ILE A 51 7.09 -2.02 -4.20
C ILE A 51 7.05 -0.50 -4.14
N ASP A 52 8.08 0.15 -4.70
CA ASP A 52 8.16 1.59 -4.70
C ASP A 52 6.79 2.23 -4.98
N SER A 53 6.04 1.59 -5.88
CA SER A 53 4.72 2.09 -6.24
C SER A 53 3.72 1.87 -5.10
N TRP A 54 3.77 0.69 -4.49
CA TRP A 54 2.88 0.35 -3.39
C TRP A 54 2.91 1.43 -2.33
N PHE A 55 4.04 1.58 -1.66
CA PHE A 55 4.19 2.58 -0.60
C PHE A 55 3.58 3.91 -1.03
N SER A 56 4.17 4.53 -2.05
CA SER A 56 3.69 5.81 -2.55
C SER A 56 2.18 5.80 -2.69
N GLU A 57 1.60 4.61 -2.83
CA GLU A 57 0.16 4.46 -2.97
C GLU A 57 -0.49 4.15 -1.64
N ARG A 58 0.28 3.55 -0.74
CA ARG A 58 -0.23 3.19 0.59
C ARG A 58 -0.16 4.39 1.53
N ARG A 59 1.05 4.86 1.79
CA ARG A 59 1.25 6.00 2.69
C ARG A 59 0.33 7.15 2.30
N LYS A 60 -0.04 7.22 1.03
CA LYS A 60 -0.92 8.27 0.54
C LYS A 60 -2.38 7.91 0.78
N LYS A 61 -2.70 6.62 0.67
CA LYS A 61 -4.07 6.15 0.87
C LYS A 61 -4.52 6.41 2.31
N VAL A 62 -3.60 6.24 3.25
CA VAL A 62 -3.91 6.46 4.66
C VAL A 62 -4.31 7.90 4.93
N ASN A 63 -3.57 8.82 4.34
CA ASN A 63 -3.84 10.25 4.50
C ASN A 63 -5.14 10.63 3.80
N ALA A 64 -5.37 10.04 2.63
CA ALA A 64 -6.58 10.32 1.86
C ALA A 64 -7.60 9.21 2.03
N GLU A 65 -7.72 8.69 3.25
CA GLU A 65 -8.67 7.62 3.54
C GLU A 65 -10.10 8.13 3.47
N GLU A 66 -11.05 7.21 3.63
CA GLU A 66 -12.47 7.58 3.59
C GLU A 66 -12.80 8.61 4.67
N THR A 67 -14.05 9.05 4.69
CA THR A 67 -14.50 10.03 5.67
C THR A 67 -14.11 9.60 7.09
N LYS A 68 -14.32 10.50 8.04
CA LYS A 68 -14.00 10.22 9.44
C LYS A 68 -14.88 9.10 9.99
N LYS A 69 -14.68 8.76 11.25
CA LYS A 69 -15.45 7.70 11.90
C LYS A 69 -16.79 8.25 12.40
N SER A 70 -17.58 7.37 13.01
CA SER A 70 -18.88 7.76 13.54
C SER A 70 -19.60 8.69 12.57
N GLY A 71 -19.72 8.26 11.32
CA GLY A 71 -20.39 9.06 10.31
C GLY A 71 -20.73 8.26 9.06
N PRO A 72 -21.86 8.60 8.43
CA PRO A 72 -22.32 7.92 7.22
C PRO A 72 -21.44 8.24 6.01
N SER A 73 -21.08 7.19 5.27
CA SER A 73 -20.24 7.34 4.09
C SER A 73 -20.35 6.11 3.19
N SER A 74 -20.56 6.35 1.90
CA SER A 74 -20.68 5.28 0.92
C SER A 74 -19.38 4.50 0.81
N GLY A 75 -19.50 3.18 0.70
CA GLY A 75 -18.33 2.34 0.59
C GLY A 75 -18.36 1.17 1.56
N GLY A 1 -5.89 -31.72 2.80
CA GLY A 1 -5.56 -30.35 2.45
C GLY A 1 -6.51 -29.34 3.10
N SER A 2 -6.19 -28.06 2.94
CA SER A 2 -7.01 -27.00 3.50
C SER A 2 -7.17 -25.85 2.52
N SER A 3 -8.23 -25.07 2.70
CA SER A 3 -8.49 -23.94 1.82
C SER A 3 -9.43 -22.93 2.50
N GLY A 4 -9.12 -21.65 2.33
CA GLY A 4 -9.94 -20.61 2.94
C GLY A 4 -11.16 -20.27 2.10
N SER A 5 -12.05 -19.47 2.67
CA SER A 5 -13.27 -19.08 1.97
C SER A 5 -13.41 -17.56 1.91
N SER A 6 -13.01 -16.97 0.78
CA SER A 6 -13.08 -15.52 0.62
C SER A 6 -13.73 -15.17 -0.72
N GLY A 7 -14.09 -13.90 -0.88
CA GLY A 7 -14.71 -13.46 -2.11
C GLY A 7 -15.14 -12.01 -2.05
N PRO A 8 -14.16 -11.09 -1.95
CA PRO A 8 -14.42 -9.65 -1.89
C PRO A 8 -14.94 -9.09 -3.20
N THR A 9 -15.47 -7.87 -3.15
CA THR A 9 -16.01 -7.23 -4.35
C THR A 9 -15.06 -7.36 -5.52
N LYS A 10 -13.76 -7.46 -5.22
CA LYS A 10 -12.75 -7.60 -6.26
C LYS A 10 -11.37 -7.87 -5.65
N TYR A 11 -10.45 -8.37 -6.46
CA TYR A 11 -9.11 -8.66 -6.00
C TYR A 11 -8.13 -7.58 -6.41
N LYS A 12 -8.51 -6.32 -6.20
CA LYS A 12 -7.68 -5.19 -6.54
C LYS A 12 -6.82 -4.74 -5.36
N GLU A 13 -6.21 -5.72 -4.69
CA GLU A 13 -5.37 -5.43 -3.53
C GLU A 13 -4.23 -6.45 -3.42
N ARG A 14 -3.17 -6.06 -2.72
CA ARG A 14 -2.02 -6.93 -2.53
C ARG A 14 -2.41 -8.19 -1.76
N ALA A 15 -1.54 -9.19 -1.79
CA ALA A 15 -1.78 -10.44 -1.09
C ALA A 15 -1.49 -10.30 0.40
N PRO A 16 -1.98 -11.26 1.20
CA PRO A 16 -1.79 -11.27 2.64
C PRO A 16 -0.34 -11.55 3.04
N GLU A 17 0.29 -12.46 2.31
CA GLU A 17 1.68 -12.82 2.60
C GLU A 17 2.61 -11.67 2.27
N GLN A 18 2.44 -11.07 1.09
CA GLN A 18 3.27 -9.96 0.66
C GLN A 18 3.11 -8.77 1.60
N LEU A 19 1.87 -8.33 1.78
CA LEU A 19 1.56 -7.20 2.66
C LEU A 19 2.24 -7.37 4.01
N ARG A 20 2.10 -8.56 4.59
CA ARG A 20 2.70 -8.85 5.89
C ARG A 20 4.09 -8.25 6.00
N ALA A 21 4.85 -8.33 4.91
CA ALA A 21 6.20 -7.79 4.87
C ALA A 21 6.18 -6.27 4.70
N LEU A 22 5.35 -5.79 3.78
CA LEU A 22 5.25 -4.36 3.52
C LEU A 22 4.70 -3.63 4.74
N GLU A 23 3.44 -3.90 5.07
CA GLU A 23 2.80 -3.27 6.22
C GLU A 23 3.77 -3.18 7.40
N SER A 24 4.41 -4.29 7.71
CA SER A 24 5.36 -4.34 8.83
C SER A 24 6.46 -3.30 8.66
N SER A 25 6.94 -3.15 7.42
CA SER A 25 8.00 -2.19 7.13
C SER A 25 7.45 -0.76 7.14
N PHE A 26 6.20 -0.61 6.73
CA PHE A 26 5.55 0.70 6.69
C PHE A 26 5.56 1.35 8.07
N ALA A 27 5.18 0.57 9.09
CA ALA A 27 5.16 1.07 10.45
C ALA A 27 6.43 1.85 10.78
N GLN A 28 7.57 1.24 10.50
CA GLN A 28 8.86 1.87 10.77
C GLN A 28 9.01 3.16 9.97
N ASN A 29 8.84 3.07 8.66
CA ASN A 29 8.96 4.22 7.78
C ASN A 29 8.13 4.03 6.52
N PRO A 30 7.52 5.13 6.04
CA PRO A 30 6.68 5.10 4.83
C PRO A 30 7.51 4.89 3.56
N LEU A 31 8.77 5.31 3.61
CA LEU A 31 9.66 5.17 2.47
C LEU A 31 11.01 4.60 2.90
N PRO A 32 11.10 3.26 2.93
CA PRO A 32 12.32 2.55 3.32
C PRO A 32 13.43 2.70 2.28
N LEU A 33 14.65 2.95 2.74
CA LEU A 33 15.79 3.10 1.85
C LEU A 33 15.98 1.87 0.98
N ASP A 34 16.83 1.98 -0.03
CA ASP A 34 17.10 0.86 -0.93
C ASP A 34 17.42 -0.40 -0.14
N GLU A 35 18.27 -0.26 0.87
CA GLU A 35 18.66 -1.39 1.70
C GLU A 35 17.43 -2.14 2.22
N GLU A 36 16.66 -1.48 3.07
CA GLU A 36 15.46 -2.08 3.64
C GLU A 36 14.57 -2.65 2.54
N LEU A 37 14.43 -1.91 1.45
CA LEU A 37 13.61 -2.34 0.32
C LEU A 37 14.13 -3.65 -0.27
N ASP A 38 15.45 -3.74 -0.38
CA ASP A 38 16.09 -4.93 -0.93
C ASP A 38 15.68 -6.18 -0.15
N ARG A 39 15.57 -6.04 1.17
CA ARG A 39 15.19 -7.14 2.04
C ARG A 39 13.73 -7.52 1.82
N LEU A 40 12.85 -6.52 1.84
CA LEU A 40 11.43 -6.75 1.64
C LEU A 40 11.16 -7.48 0.34
N ARG A 41 11.88 -7.08 -0.71
CA ARG A 41 11.73 -7.70 -2.02
C ARG A 41 11.82 -9.22 -1.92
N SER A 42 12.52 -9.70 -0.90
CA SER A 42 12.69 -11.14 -0.69
C SER A 42 11.44 -11.74 -0.10
N GLU A 43 10.72 -10.96 0.69
CA GLU A 43 9.48 -11.43 1.33
C GLU A 43 8.30 -11.29 0.38
N THR A 44 8.04 -10.05 -0.05
CA THR A 44 6.94 -9.78 -0.96
C THR A 44 7.19 -10.38 -2.34
N LYS A 45 8.45 -10.73 -2.61
CA LYS A 45 8.82 -11.31 -3.88
C LYS A 45 8.36 -10.43 -5.05
N MET A 46 8.28 -9.14 -4.81
CA MET A 46 7.84 -8.19 -5.83
C MET A 46 9.02 -7.40 -6.36
N THR A 47 8.74 -6.44 -7.26
CA THR A 47 9.78 -5.62 -7.86
C THR A 47 9.83 -4.25 -7.20
N ARG A 48 11.00 -3.62 -7.21
CA ARG A 48 11.17 -2.30 -6.63
C ARG A 48 10.04 -1.36 -7.04
N ARG A 49 9.61 -1.48 -8.29
CA ARG A 49 8.53 -0.64 -8.80
C ARG A 49 7.21 -1.00 -8.15
N GLU A 50 6.99 -2.29 -7.92
CA GLU A 50 5.76 -2.77 -7.31
C GLU A 50 5.69 -2.36 -5.84
N ILE A 51 6.85 -2.32 -5.19
CA ILE A 51 6.91 -1.94 -3.79
C ILE A 51 7.00 -0.43 -3.63
N ASP A 52 8.05 0.16 -4.19
CA ASP A 52 8.24 1.61 -4.11
C ASP A 52 6.93 2.34 -4.38
N SER A 53 6.15 1.83 -5.32
CA SER A 53 4.87 2.45 -5.68
C SER A 53 3.84 2.20 -4.59
N TRP A 54 3.78 0.97 -4.09
CA TRP A 54 2.84 0.60 -3.04
C TRP A 54 2.88 1.61 -1.90
N PHE A 55 4.06 2.11 -1.58
CA PHE A 55 4.24 3.07 -0.51
C PHE A 55 3.72 4.45 -0.94
N SER A 56 4.35 5.03 -1.94
CA SER A 56 3.96 6.35 -2.44
C SER A 56 2.46 6.39 -2.71
N GLU A 57 1.87 5.23 -2.93
CA GLU A 57 0.43 5.14 -3.21
C GLU A 57 -0.34 4.78 -1.94
N ARG A 58 0.31 4.07 -1.04
CA ARG A 58 -0.32 3.66 0.23
C ARG A 58 -0.27 4.79 1.24
N ARG A 59 0.94 5.18 1.63
CA ARG A 59 1.12 6.24 2.61
C ARG A 59 0.24 7.45 2.27
N LYS A 60 0.00 7.65 0.98
CA LYS A 60 -0.82 8.76 0.53
C LYS A 60 -2.30 8.42 0.62
N LYS A 61 -2.62 7.13 0.51
CA LYS A 61 -4.01 6.67 0.59
C LYS A 61 -4.58 6.95 1.97
N VAL A 62 -3.85 6.58 3.01
CA VAL A 62 -4.28 6.80 4.38
C VAL A 62 -4.63 8.26 4.63
N ASN A 63 -3.77 9.15 4.16
CA ASN A 63 -3.98 10.59 4.33
C ASN A 63 -5.18 11.05 3.52
N ALA A 64 -5.32 10.53 2.30
CA ALA A 64 -6.42 10.89 1.43
C ALA A 64 -7.51 9.82 1.45
N GLU A 65 -7.70 9.20 2.62
CA GLU A 65 -8.71 8.15 2.77
C GLU A 65 -10.03 8.75 3.23
N GLU A 66 -11.13 8.05 2.92
CA GLU A 66 -12.46 8.51 3.30
C GLU A 66 -12.64 8.44 4.82
N THR A 67 -13.04 9.57 5.40
CA THR A 67 -13.26 9.63 6.85
C THR A 67 -14.69 10.04 7.17
N LYS A 68 -14.97 10.22 8.46
CA LYS A 68 -16.31 10.61 8.90
C LYS A 68 -16.40 12.13 9.06
N LYS A 69 -15.99 12.85 8.02
CA LYS A 69 -16.03 14.32 8.05
C LYS A 69 -16.91 14.84 6.93
N SER A 70 -18.09 15.33 7.29
CA SER A 70 -19.04 15.87 6.32
C SER A 70 -18.36 16.93 5.45
N GLY A 71 -18.20 16.61 4.16
CA GLY A 71 -17.57 17.54 3.25
C GLY A 71 -16.95 16.85 2.05
N PRO A 72 -17.79 16.41 1.10
CA PRO A 72 -17.33 15.72 -0.10
C PRO A 72 -16.60 16.65 -1.05
N SER A 73 -15.69 16.08 -1.86
CA SER A 73 -14.93 16.87 -2.81
C SER A 73 -14.22 15.95 -3.83
N SER A 74 -13.86 16.51 -4.97
CA SER A 74 -13.20 15.75 -6.01
C SER A 74 -14.06 14.59 -6.49
N GLY A 75 -15.36 14.86 -6.64
CA GLY A 75 -16.27 13.83 -7.09
C GLY A 75 -16.05 13.44 -8.54
N GLY A 1 14.10 12.67 -12.26
CA GLY A 1 13.57 11.70 -13.20
C GLY A 1 13.52 12.24 -14.61
N SER A 2 12.89 11.49 -15.51
CA SER A 2 12.77 11.89 -16.91
C SER A 2 11.39 11.58 -17.45
N SER A 3 10.77 12.57 -18.09
CA SER A 3 9.43 12.41 -18.65
C SER A 3 8.49 11.79 -17.63
N GLY A 4 8.57 12.26 -16.39
CA GLY A 4 7.72 11.75 -15.34
C GLY A 4 7.89 10.26 -15.13
N SER A 5 8.75 9.88 -14.19
CA SER A 5 9.01 8.49 -13.89
C SER A 5 8.09 7.99 -12.78
N SER A 6 6.93 7.46 -13.16
CA SER A 6 5.96 6.95 -12.19
C SER A 6 5.45 5.57 -12.61
N GLY A 7 4.78 4.90 -11.69
CA GLY A 7 4.25 3.58 -11.97
C GLY A 7 2.76 3.61 -12.26
N PRO A 8 2.22 2.46 -12.70
CA PRO A 8 0.80 2.33 -13.01
C PRO A 8 -0.09 2.37 -11.76
N THR A 9 -1.35 2.72 -11.96
CA THR A 9 -2.30 2.80 -10.85
C THR A 9 -3.64 2.18 -11.22
N LYS A 10 -4.09 1.23 -10.41
CA LYS A 10 -5.36 0.55 -10.64
C LYS A 10 -6.01 0.13 -9.33
N TYR A 11 -7.20 -0.43 -9.42
CA TYR A 11 -7.94 -0.88 -8.24
C TYR A 11 -7.78 -2.37 -8.03
N LYS A 12 -6.75 -2.76 -7.29
CA LYS A 12 -6.49 -4.16 -7.01
C LYS A 12 -6.03 -4.36 -5.57
N GLU A 13 -6.07 -5.61 -5.10
CA GLU A 13 -5.66 -5.92 -3.73
C GLU A 13 -4.38 -6.76 -3.74
N ARG A 14 -3.48 -6.45 -2.82
CA ARG A 14 -2.22 -7.17 -2.71
C ARG A 14 -2.41 -8.49 -1.97
N ALA A 15 -1.39 -9.35 -2.03
CA ALA A 15 -1.44 -10.64 -1.37
C ALA A 15 -1.21 -10.50 0.14
N PRO A 16 -1.61 -11.53 0.90
CA PRO A 16 -1.46 -11.55 2.36
C PRO A 16 0.00 -11.67 2.78
N GLU A 17 0.75 -12.53 2.09
CA GLU A 17 2.15 -12.74 2.40
C GLU A 17 2.96 -11.47 2.14
N GLN A 18 2.76 -10.87 0.97
CA GLN A 18 3.47 -9.66 0.59
C GLN A 18 3.17 -8.53 1.58
N LEU A 19 1.89 -8.19 1.71
CA LEU A 19 1.47 -7.13 2.61
C LEU A 19 2.06 -7.34 4.01
N ARG A 20 2.15 -8.59 4.42
CA ARG A 20 2.68 -8.93 5.73
C ARG A 20 4.05 -8.28 5.94
N ALA A 21 4.86 -8.27 4.89
CA ALA A 21 6.18 -7.67 4.95
C ALA A 21 6.12 -6.15 4.83
N LEU A 22 5.39 -5.67 3.81
CA LEU A 22 5.25 -4.25 3.59
C LEU A 22 4.66 -3.56 4.81
N GLU A 23 3.42 -3.91 5.15
CA GLU A 23 2.74 -3.34 6.29
C GLU A 23 3.69 -3.19 7.47
N SER A 24 4.36 -4.28 7.83
CA SER A 24 5.30 -4.28 8.94
C SER A 24 6.38 -3.21 8.75
N SER A 25 6.87 -3.10 7.52
CA SER A 25 7.91 -2.12 7.20
C SER A 25 7.35 -0.70 7.32
N PHE A 26 6.14 -0.49 6.82
CA PHE A 26 5.51 0.82 6.87
C PHE A 26 5.59 1.41 8.27
N ALA A 27 5.14 0.64 9.26
CA ALA A 27 5.16 1.09 10.64
C ALA A 27 6.46 1.78 10.98
N GLN A 28 7.57 1.23 10.50
CA GLN A 28 8.89 1.80 10.76
C GLN A 28 9.07 3.10 9.98
N ASN A 29 8.83 3.04 8.67
CA ASN A 29 8.97 4.21 7.81
C ASN A 29 8.06 4.10 6.59
N PRO A 30 7.50 5.24 6.17
CA PRO A 30 6.61 5.30 5.00
C PRO A 30 7.35 5.06 3.69
N LEU A 31 8.48 5.74 3.53
CA LEU A 31 9.27 5.61 2.32
C LEU A 31 10.66 5.05 2.63
N PRO A 32 10.75 3.71 2.69
CA PRO A 32 12.01 3.02 2.99
C PRO A 32 13.02 3.14 1.85
N LEU A 33 14.31 3.13 2.19
CA LEU A 33 15.36 3.23 1.21
C LEU A 33 15.54 1.92 0.45
N ASP A 34 16.50 1.91 -0.47
CA ASP A 34 16.77 0.71 -1.27
C ASP A 34 17.24 -0.44 -0.38
N GLU A 35 18.17 -0.14 0.52
CA GLU A 35 18.69 -1.15 1.43
C GLU A 35 17.57 -1.92 2.11
N GLU A 36 16.75 -1.20 2.87
CA GLU A 36 15.63 -1.82 3.58
C GLU A 36 14.69 -2.51 2.60
N LEU A 37 14.63 -2.00 1.37
CA LEU A 37 13.77 -2.57 0.34
C LEU A 37 14.31 -3.91 -0.15
N ASP A 38 15.63 -4.00 -0.28
CA ASP A 38 16.27 -5.22 -0.73
C ASP A 38 15.75 -6.42 0.04
N ARG A 39 15.61 -6.26 1.35
CA ARG A 39 15.13 -7.33 2.21
C ARG A 39 13.66 -7.66 1.91
N LEU A 40 12.80 -6.65 2.03
CA LEU A 40 11.38 -6.83 1.76
C LEU A 40 11.16 -7.54 0.42
N ARG A 41 11.86 -7.07 -0.60
CA ARG A 41 11.74 -7.65 -1.93
C ARG A 41 11.68 -9.17 -1.87
N SER A 42 12.28 -9.73 -0.81
CA SER A 42 12.30 -11.18 -0.62
C SER A 42 10.91 -11.70 -0.24
N GLU A 43 10.39 -11.20 0.87
CA GLU A 43 9.07 -11.62 1.34
C GLU A 43 7.99 -11.21 0.36
N THR A 44 8.05 -9.96 -0.11
CA THR A 44 7.07 -9.44 -1.06
C THR A 44 7.31 -10.00 -2.46
N LYS A 45 8.53 -10.45 -2.70
CA LYS A 45 8.90 -11.01 -4.00
C LYS A 45 8.64 -10.00 -5.11
N MET A 46 8.79 -8.72 -4.80
CA MET A 46 8.58 -7.66 -5.77
C MET A 46 9.87 -6.90 -6.05
N THR A 47 9.79 -5.88 -6.90
CA THR A 47 10.95 -5.08 -7.23
C THR A 47 10.89 -3.70 -6.58
N ARG A 48 12.05 -3.11 -6.35
CA ARG A 48 12.12 -1.79 -5.73
C ARG A 48 11.05 -0.85 -6.30
N ARG A 49 11.02 -0.74 -7.62
CA ARG A 49 10.06 0.11 -8.30
C ARG A 49 8.63 -0.25 -7.90
N GLU A 50 8.34 -1.55 -7.86
CA GLU A 50 7.03 -2.03 -7.49
C GLU A 50 6.68 -1.65 -6.06
N ILE A 51 7.52 -2.05 -5.13
CA ILE A 51 7.31 -1.75 -3.72
C ILE A 51 7.18 -0.24 -3.49
N ASP A 52 8.16 0.51 -3.97
CA ASP A 52 8.15 1.96 -3.83
C ASP A 52 6.79 2.54 -4.19
N SER A 53 6.26 2.11 -5.33
CA SER A 53 4.96 2.59 -5.79
C SER A 53 3.88 2.34 -4.73
N TRP A 54 3.92 1.16 -4.13
CA TRP A 54 2.95 0.80 -3.11
C TRP A 54 2.87 1.86 -2.04
N PHE A 55 3.95 2.05 -1.28
CA PHE A 55 3.99 3.05 -0.22
C PHE A 55 3.42 4.38 -0.70
N SER A 56 4.01 4.90 -1.77
CA SER A 56 3.57 6.18 -2.34
C SER A 56 2.06 6.18 -2.57
N GLU A 57 1.50 5.00 -2.78
CA GLU A 57 0.07 4.86 -3.01
C GLU A 57 -0.66 4.49 -1.72
N ARG A 58 0.08 3.95 -0.76
CA ARG A 58 -0.49 3.56 0.52
C ARG A 58 -0.42 4.70 1.52
N ARG A 59 0.79 5.11 1.88
CA ARG A 59 0.98 6.20 2.83
C ARG A 59 0.10 7.38 2.49
N LYS A 60 -0.20 7.55 1.20
CA LYS A 60 -1.04 8.65 0.74
C LYS A 60 -2.51 8.36 1.02
N LYS A 61 -2.89 7.09 0.93
CA LYS A 61 -4.27 6.67 1.17
C LYS A 61 -4.68 6.99 2.60
N VAL A 62 -3.72 6.96 3.52
CA VAL A 62 -3.98 7.25 4.92
C VAL A 62 -4.16 8.74 5.15
N ASN A 63 -3.40 9.55 4.42
CA ASN A 63 -3.48 11.00 4.55
C ASN A 63 -4.82 11.52 4.02
N ALA A 64 -5.27 10.93 2.93
CA ALA A 64 -6.55 11.33 2.32
C ALA A 64 -7.71 10.58 2.94
N GLU A 65 -7.59 10.25 4.23
CA GLU A 65 -8.63 9.53 4.94
C GLU A 65 -9.32 10.43 5.97
N GLU A 66 -10.64 10.55 5.85
CA GLU A 66 -11.41 11.37 6.77
C GLU A 66 -10.95 12.82 6.70
N THR A 67 -10.77 13.33 5.50
CA THR A 67 -10.32 14.71 5.30
C THR A 67 -11.51 15.63 5.05
N LYS A 68 -12.37 15.24 4.12
CA LYS A 68 -13.55 16.03 3.78
C LYS A 68 -14.82 15.38 4.34
N LYS A 69 -15.09 14.16 3.90
CA LYS A 69 -16.26 13.42 4.36
C LYS A 69 -15.90 12.45 5.48
N SER A 70 -16.92 11.97 6.19
CA SER A 70 -16.71 11.03 7.29
C SER A 70 -17.09 9.61 6.87
N GLY A 71 -16.47 8.63 7.51
CA GLY A 71 -16.76 7.24 7.19
C GLY A 71 -16.53 6.32 8.37
N PRO A 72 -15.26 5.95 8.61
CA PRO A 72 -14.89 5.05 9.72
C PRO A 72 -15.05 5.72 11.07
N SER A 73 -14.84 4.95 12.14
CA SER A 73 -14.96 5.47 13.50
C SER A 73 -13.61 5.52 14.19
N SER A 74 -13.11 6.72 14.44
CA SER A 74 -11.83 6.90 15.09
C SER A 74 -11.97 7.73 16.37
N GLY A 75 -11.56 7.14 17.49
CA GLY A 75 -11.66 7.84 18.77
C GLY A 75 -10.75 9.05 18.83
N GLY A 1 -18.19 -6.53 19.35
CA GLY A 1 -17.07 -6.10 18.54
C GLY A 1 -17.51 -5.35 17.30
N SER A 2 -16.54 -4.79 16.58
CA SER A 2 -16.83 -4.03 15.37
C SER A 2 -15.54 -3.60 14.68
N SER A 3 -15.55 -3.65 13.35
CA SER A 3 -14.38 -3.28 12.56
C SER A 3 -14.78 -2.97 11.12
N GLY A 4 -13.84 -2.41 10.36
CA GLY A 4 -14.10 -2.08 8.98
C GLY A 4 -12.83 -2.02 8.14
N SER A 5 -12.76 -2.88 7.12
CA SER A 5 -11.60 -2.93 6.25
C SER A 5 -12.01 -2.85 4.79
N SER A 6 -12.94 -1.95 4.49
CA SER A 6 -13.43 -1.78 3.12
C SER A 6 -13.57 -0.30 2.78
N GLY A 7 -13.34 0.03 1.52
CA GLY A 7 -13.45 1.41 1.08
C GLY A 7 -13.30 1.56 -0.42
N PRO A 8 -12.05 1.79 -0.87
CA PRO A 8 -11.74 1.97 -2.29
C PRO A 8 -11.88 0.66 -3.07
N THR A 9 -12.81 0.65 -4.03
CA THR A 9 -13.05 -0.53 -4.84
C THR A 9 -11.89 -0.78 -5.80
N LYS A 10 -11.55 -2.04 -5.99
CA LYS A 10 -10.46 -2.41 -6.89
C LYS A 10 -10.58 -3.87 -7.34
N TYR A 11 -10.01 -4.18 -8.49
CA TYR A 11 -10.06 -5.54 -9.02
C TYR A 11 -9.68 -6.56 -7.95
N LYS A 12 -8.59 -6.30 -7.24
CA LYS A 12 -8.12 -7.19 -6.18
C LYS A 12 -7.00 -6.54 -5.38
N GLU A 13 -6.98 -6.81 -4.09
CA GLU A 13 -5.95 -6.26 -3.21
C GLU A 13 -4.69 -7.12 -3.24
N ARG A 14 -3.63 -6.63 -2.60
CA ARG A 14 -2.36 -7.36 -2.55
C ARG A 14 -2.51 -8.68 -1.82
N ALA A 15 -1.49 -9.53 -1.91
CA ALA A 15 -1.51 -10.82 -1.25
C ALA A 15 -1.33 -10.67 0.26
N PRO A 16 -1.96 -11.59 1.02
CA PRO A 16 -1.90 -11.58 2.49
C PRO A 16 -0.52 -11.97 3.00
N GLU A 17 0.32 -12.49 2.11
CA GLU A 17 1.67 -12.90 2.49
C GLU A 17 2.68 -11.79 2.18
N GLN A 18 2.38 -10.99 1.16
CA GLN A 18 3.25 -9.90 0.77
C GLN A 18 3.08 -8.70 1.71
N LEU A 19 1.84 -8.24 1.84
CA LEU A 19 1.54 -7.10 2.70
C LEU A 19 2.19 -7.28 4.08
N ARG A 20 2.21 -8.51 4.57
CA ARG A 20 2.79 -8.81 5.87
C ARG A 20 4.22 -8.26 5.96
N ALA A 21 4.91 -8.24 4.82
CA ALA A 21 6.28 -7.73 4.78
C ALA A 21 6.30 -6.22 4.62
N LEU A 22 5.40 -5.69 3.79
CA LEU A 22 5.33 -4.26 3.55
C LEU A 22 4.75 -3.54 4.77
N GLU A 23 3.50 -3.87 5.12
CA GLU A 23 2.84 -3.25 6.26
C GLU A 23 3.79 -3.16 7.45
N SER A 24 4.46 -4.27 7.75
CA SER A 24 5.39 -4.31 8.87
C SER A 24 6.46 -3.25 8.73
N SER A 25 6.91 -3.03 7.50
CA SER A 25 7.94 -2.03 7.23
C SER A 25 7.37 -0.62 7.32
N PHE A 26 6.22 -0.41 6.70
CA PHE A 26 5.57 0.89 6.70
C PHE A 26 5.53 1.46 8.11
N ALA A 27 5.27 0.61 9.09
CA ALA A 27 5.20 1.03 10.49
C ALA A 27 6.45 1.82 10.88
N GLN A 28 7.61 1.35 10.42
CA GLN A 28 8.88 2.00 10.73
C GLN A 28 9.04 3.28 9.92
N ASN A 29 8.84 3.17 8.60
CA ASN A 29 8.97 4.32 7.71
C ASN A 29 8.18 4.10 6.43
N PRO A 30 7.58 5.18 5.91
CA PRO A 30 6.77 5.14 4.68
C PRO A 30 7.64 4.91 3.45
N LEU A 31 8.87 5.40 3.49
CA LEU A 31 9.80 5.25 2.37
C LEU A 31 11.12 4.64 2.84
N PRO A 32 11.15 3.30 2.94
CA PRO A 32 12.34 2.56 3.37
C PRO A 32 13.45 2.60 2.33
N LEU A 33 14.62 3.09 2.74
CA LEU A 33 15.77 3.18 1.84
C LEU A 33 15.90 1.91 0.99
N ASP A 34 16.70 2.00 -0.06
CA ASP A 34 16.92 0.86 -0.96
C ASP A 34 17.31 -0.38 -0.16
N GLU A 35 18.21 -0.20 0.81
CA GLU A 35 18.66 -1.30 1.64
C GLU A 35 17.48 -2.05 2.25
N GLU A 36 16.72 -1.36 3.10
CA GLU A 36 15.56 -1.96 3.75
C GLU A 36 14.62 -2.57 2.73
N LEU A 37 14.53 -1.94 1.56
CA LEU A 37 13.66 -2.41 0.49
C LEU A 37 14.17 -3.74 -0.07
N ASP A 38 15.48 -3.83 -0.27
CA ASP A 38 16.10 -5.03 -0.81
C ASP A 38 15.61 -6.27 -0.06
N ARG A 39 15.53 -6.15 1.27
CA ARG A 39 15.08 -7.26 2.10
C ARG A 39 13.63 -7.62 1.81
N LEU A 40 12.76 -6.61 1.82
CA LEU A 40 11.34 -6.82 1.56
C LEU A 40 11.14 -7.51 0.21
N ARG A 41 11.89 -7.07 -0.80
CA ARG A 41 11.80 -7.65 -2.13
C ARG A 41 11.83 -9.18 -2.06
N SER A 42 12.46 -9.71 -1.03
CA SER A 42 12.56 -11.15 -0.85
C SER A 42 11.23 -11.74 -0.39
N GLU A 43 10.75 -11.29 0.77
CA GLU A 43 9.49 -11.78 1.30
C GLU A 43 8.34 -11.47 0.35
N THR A 44 8.18 -10.19 0.02
CA THR A 44 7.12 -9.76 -0.88
C THR A 44 7.29 -10.37 -2.27
N LYS A 45 8.52 -10.75 -2.59
CA LYS A 45 8.83 -11.35 -3.88
C LYS A 45 8.38 -10.43 -5.02
N MET A 46 8.48 -9.12 -4.79
CA MET A 46 8.10 -8.14 -5.80
C MET A 46 9.30 -7.32 -6.24
N THR A 47 9.10 -6.50 -7.27
CA THR A 47 10.17 -5.66 -7.80
C THR A 47 10.17 -4.29 -7.12
N ARG A 48 11.24 -3.52 -7.36
CA ARG A 48 11.37 -2.20 -6.76
C ARG A 48 10.17 -1.33 -7.12
N ARG A 49 9.96 -1.12 -8.42
CA ARG A 49 8.84 -0.30 -8.90
C ARG A 49 7.54 -0.76 -8.25
N GLU A 50 7.39 -2.06 -8.05
CA GLU A 50 6.20 -2.62 -7.45
C GLU A 50 5.99 -2.08 -6.03
N ILE A 51 7.05 -2.15 -5.23
CA ILE A 51 6.99 -1.68 -3.86
C ILE A 51 7.09 -0.16 -3.79
N ASP A 52 8.19 0.38 -4.31
CA ASP A 52 8.39 1.83 -4.32
C ASP A 52 7.10 2.56 -4.63
N SER A 53 6.23 1.92 -5.39
CA SER A 53 4.94 2.51 -5.78
C SER A 53 3.89 2.27 -4.69
N TRP A 54 3.85 1.04 -4.19
CA TRP A 54 2.89 0.68 -3.15
C TRP A 54 2.90 1.69 -2.01
N PHE A 55 4.10 2.15 -1.66
CA PHE A 55 4.25 3.13 -0.58
C PHE A 55 3.67 4.49 -0.99
N SER A 56 4.37 5.16 -1.90
CA SER A 56 3.93 6.47 -2.38
C SER A 56 2.43 6.47 -2.66
N GLU A 57 1.89 5.30 -2.97
CA GLU A 57 0.47 5.16 -3.26
C GLU A 57 -0.32 4.85 -1.99
N ARG A 58 0.28 4.05 -1.11
CA ARG A 58 -0.37 3.66 0.13
C ARG A 58 -0.31 4.80 1.15
N ARG A 59 0.90 5.21 1.49
CA ARG A 59 1.11 6.29 2.45
C ARG A 59 0.19 7.47 2.14
N LYS A 60 -0.13 7.65 0.87
CA LYS A 60 -1.00 8.74 0.43
C LYS A 60 -2.47 8.35 0.57
N LYS A 61 -2.74 7.05 0.50
CA LYS A 61 -4.10 6.54 0.62
C LYS A 61 -4.66 6.81 2.02
N VAL A 62 -3.78 6.75 3.02
CA VAL A 62 -4.18 6.98 4.40
C VAL A 62 -4.63 8.43 4.60
N ASN A 63 -3.93 9.36 3.97
CA ASN A 63 -4.26 10.78 4.08
C ASN A 63 -5.52 11.11 3.29
N ALA A 64 -5.64 10.51 2.11
CA ALA A 64 -6.80 10.74 1.25
C ALA A 64 -7.88 9.69 1.49
N GLU A 65 -7.99 9.24 2.74
CA GLU A 65 -8.99 8.23 3.10
C GLU A 65 -10.32 8.88 3.45
N GLU A 66 -11.40 8.33 2.89
CA GLU A 66 -12.73 8.86 3.14
C GLU A 66 -13.69 7.74 3.54
N THR A 67 -14.83 8.12 4.11
CA THR A 67 -15.84 7.16 4.54
C THR A 67 -16.59 6.57 3.35
N LYS A 68 -16.79 5.26 3.37
CA LYS A 68 -17.50 4.58 2.30
C LYS A 68 -18.50 3.58 2.86
N LYS A 69 -19.27 2.96 1.98
CA LYS A 69 -20.27 1.98 2.38
C LYS A 69 -19.68 0.57 2.39
N SER A 70 -19.93 -0.17 3.47
CA SER A 70 -19.41 -1.52 3.60
C SER A 70 -20.37 -2.53 2.97
N GLY A 71 -19.87 -3.27 1.97
CA GLY A 71 -20.69 -4.25 1.29
C GLY A 71 -20.01 -4.83 0.07
N PRO A 72 -20.31 -6.10 -0.23
CA PRO A 72 -19.72 -6.79 -1.38
C PRO A 72 -20.25 -6.26 -2.70
N SER A 73 -19.46 -5.44 -3.37
CA SER A 73 -19.85 -4.86 -4.65
C SER A 73 -19.28 -5.66 -5.81
N SER A 74 -20.16 -6.24 -6.62
CA SER A 74 -19.75 -7.03 -7.76
C SER A 74 -20.34 -6.48 -9.05
N GLY A 75 -19.61 -6.65 -10.16
CA GLY A 75 -20.07 -6.16 -11.43
C GLY A 75 -19.44 -4.83 -11.82
N GLY A 1 -33.28 -5.00 9.12
CA GLY A 1 -32.69 -6.30 9.44
C GLY A 1 -31.66 -6.72 8.41
N SER A 2 -30.85 -5.77 7.95
CA SER A 2 -29.81 -6.05 6.97
C SER A 2 -28.82 -7.08 7.49
N SER A 3 -28.43 -8.02 6.63
CA SER A 3 -27.49 -9.06 7.01
C SER A 3 -26.05 -8.61 6.76
N GLY A 4 -25.81 -8.07 5.57
CA GLY A 4 -24.47 -7.61 5.22
C GLY A 4 -24.25 -7.57 3.72
N SER A 5 -23.84 -6.41 3.22
CA SER A 5 -23.61 -6.24 1.80
C SER A 5 -22.21 -5.67 1.54
N SER A 6 -21.69 -5.92 0.35
CA SER A 6 -20.36 -5.43 -0.01
C SER A 6 -20.44 -4.18 -0.87
N GLY A 7 -19.81 -3.10 -0.40
CA GLY A 7 -19.83 -1.86 -1.15
C GLY A 7 -19.11 -1.95 -2.47
N PRO A 8 -18.69 -0.79 -3.00
CA PRO A 8 -17.97 -0.72 -4.28
C PRO A 8 -16.57 -1.31 -4.20
N THR A 9 -16.45 -2.60 -4.52
CA THR A 9 -15.17 -3.28 -4.48
C THR A 9 -14.31 -2.93 -5.70
N LYS A 10 -13.00 -2.98 -5.53
CA LYS A 10 -12.08 -2.67 -6.62
C LYS A 10 -11.23 -3.89 -6.97
N TYR A 11 -10.40 -3.75 -8.00
CA TYR A 11 -9.54 -4.83 -8.44
C TYR A 11 -8.21 -4.82 -7.69
N LYS A 12 -7.57 -3.65 -7.67
CA LYS A 12 -6.29 -3.49 -6.99
C LYS A 12 -6.33 -4.15 -5.61
N GLU A 13 -5.52 -5.20 -5.45
CA GLU A 13 -5.46 -5.92 -4.17
C GLU A 13 -4.20 -6.76 -4.09
N ARG A 14 -3.44 -6.57 -3.01
CA ARG A 14 -2.19 -7.32 -2.81
C ARG A 14 -2.46 -8.60 -2.04
N ALA A 15 -1.47 -9.49 -2.03
CA ALA A 15 -1.59 -10.76 -1.33
C ALA A 15 -1.36 -10.60 0.17
N PRO A 16 -1.84 -11.56 0.97
CA PRO A 16 -1.71 -11.54 2.42
C PRO A 16 -0.26 -11.75 2.87
N GLU A 17 0.50 -12.49 2.06
CA GLU A 17 1.89 -12.78 2.38
C GLU A 17 2.76 -11.56 2.11
N GLN A 18 2.57 -10.94 0.95
CA GLN A 18 3.35 -9.77 0.58
C GLN A 18 3.07 -8.60 1.53
N LEU A 19 1.80 -8.24 1.66
CA LEU A 19 1.42 -7.14 2.54
C LEU A 19 2.07 -7.28 3.91
N ARG A 20 1.92 -8.45 4.51
CA ARG A 20 2.50 -8.71 5.82
C ARG A 20 3.88 -8.07 5.96
N ALA A 21 4.69 -8.22 4.92
CA ALA A 21 6.03 -7.64 4.91
C ALA A 21 5.98 -6.14 4.69
N LEU A 22 5.10 -5.71 3.80
CA LEU A 22 4.95 -4.30 3.49
C LEU A 22 4.43 -3.52 4.69
N GLU A 23 3.22 -3.84 5.11
CA GLU A 23 2.60 -3.18 6.27
C GLU A 23 3.56 -3.15 7.45
N SER A 24 4.09 -4.31 7.80
CA SER A 24 5.03 -4.42 8.92
C SER A 24 6.16 -3.39 8.79
N SER A 25 6.73 -3.31 7.59
CA SER A 25 7.82 -2.37 7.33
C SER A 25 7.33 -0.93 7.40
N PHE A 26 6.14 -0.69 6.85
CA PHE A 26 5.56 0.64 6.86
C PHE A 26 5.68 1.29 8.23
N ALA A 27 5.37 0.52 9.27
CA ALA A 27 5.45 1.02 10.64
C ALA A 27 6.76 1.73 10.89
N GLN A 28 7.87 1.04 10.63
CA GLN A 28 9.20 1.62 10.83
C GLN A 28 9.37 2.89 10.00
N ASN A 29 9.08 2.80 8.71
CA ASN A 29 9.20 3.94 7.82
C ASN A 29 8.26 3.81 6.63
N PRO A 30 7.68 4.94 6.20
CA PRO A 30 6.75 4.99 5.07
C PRO A 30 7.44 4.72 3.74
N LEU A 31 8.61 5.31 3.57
CA LEU A 31 9.38 5.14 2.33
C LEU A 31 10.77 4.59 2.62
N PRO A 32 10.88 3.26 2.66
CA PRO A 32 12.16 2.58 2.93
C PRO A 32 13.15 2.73 1.78
N LEU A 33 14.42 2.96 2.12
CA LEU A 33 15.46 3.13 1.13
C LEU A 33 15.75 1.81 0.42
N ASP A 34 16.50 1.87 -0.68
CA ASP A 34 16.84 0.69 -1.45
C ASP A 34 17.31 -0.43 -0.53
N GLU A 35 18.26 -0.11 0.36
CA GLU A 35 18.79 -1.09 1.30
C GLU A 35 17.67 -1.82 2.02
N GLU A 36 16.80 -1.05 2.68
CA GLU A 36 15.69 -1.61 3.43
C GLU A 36 14.70 -2.33 2.49
N LEU A 37 14.66 -1.87 1.24
CA LEU A 37 13.78 -2.46 0.24
C LEU A 37 14.31 -3.80 -0.24
N ASP A 38 15.63 -3.91 -0.31
CA ASP A 38 16.27 -5.14 -0.75
C ASP A 38 15.85 -6.32 0.14
N ARG A 39 15.62 -6.03 1.41
CA ARG A 39 15.22 -7.06 2.36
C ARG A 39 13.77 -7.50 2.12
N LEU A 40 12.86 -6.52 2.13
CA LEU A 40 11.45 -6.80 1.91
C LEU A 40 11.23 -7.53 0.59
N ARG A 41 11.95 -7.11 -0.44
CA ARG A 41 11.84 -7.73 -1.76
C ARG A 41 11.89 -9.25 -1.65
N SER A 42 12.58 -9.74 -0.62
CA SER A 42 12.72 -11.17 -0.41
C SER A 42 11.37 -11.79 -0.03
N GLU A 43 10.61 -11.08 0.80
CA GLU A 43 9.31 -11.57 1.24
C GLU A 43 8.23 -11.21 0.21
N THR A 44 8.17 -9.94 -0.16
CA THR A 44 7.18 -9.48 -1.12
C THR A 44 7.46 -10.05 -2.51
N LYS A 45 8.73 -10.30 -2.80
CA LYS A 45 9.13 -10.86 -4.09
C LYS A 45 8.75 -9.91 -5.23
N MET A 46 8.89 -8.61 -4.98
CA MET A 46 8.57 -7.60 -5.98
C MET A 46 9.77 -6.71 -6.26
N THR A 47 9.64 -5.83 -7.24
CA THR A 47 10.71 -4.91 -7.61
C THR A 47 10.53 -3.56 -6.93
N ARG A 48 11.62 -2.79 -6.84
CA ARG A 48 11.57 -1.48 -6.22
C ARG A 48 10.37 -0.69 -6.71
N ARG A 49 10.16 -0.65 -8.02
CA ARG A 49 9.04 0.06 -8.60
C ARG A 49 7.72 -0.49 -8.11
N GLU A 50 7.64 -1.81 -8.01
CA GLU A 50 6.41 -2.46 -7.55
C GLU A 50 6.12 -2.10 -6.10
N ILE A 51 7.10 -2.28 -5.22
CA ILE A 51 6.95 -1.96 -3.81
C ILE A 51 6.70 -0.47 -3.61
N ASP A 52 7.62 0.34 -4.13
CA ASP A 52 7.50 1.79 -4.00
C ASP A 52 6.09 2.26 -4.31
N SER A 53 5.55 1.78 -5.43
CA SER A 53 4.20 2.14 -5.85
C SER A 53 3.20 1.91 -4.72
N TRP A 54 3.34 0.78 -4.04
CA TRP A 54 2.45 0.44 -2.94
C TRP A 54 2.45 1.53 -1.88
N PHE A 55 3.61 1.73 -1.26
CA PHE A 55 3.75 2.75 -0.22
C PHE A 55 3.10 4.07 -0.65
N SER A 56 3.61 4.64 -1.72
CA SER A 56 3.08 5.90 -2.24
C SER A 56 1.57 5.83 -2.41
N GLU A 57 1.06 4.60 -2.50
CA GLU A 57 -0.38 4.39 -2.68
C GLU A 57 -1.04 4.06 -1.35
N ARG A 58 -0.26 3.56 -0.40
CA ARG A 58 -0.77 3.21 0.92
C ARG A 58 -0.66 4.40 1.89
N ARG A 59 0.56 4.87 2.10
CA ARG A 59 0.81 5.98 2.99
C ARG A 59 -0.10 7.16 2.65
N LYS A 60 -0.51 7.25 1.40
CA LYS A 60 -1.38 8.32 0.95
C LYS A 60 -2.84 8.02 1.31
N LYS A 61 -3.18 6.74 1.35
CA LYS A 61 -4.54 6.32 1.68
C LYS A 61 -4.88 6.68 3.12
N VAL A 62 -3.86 6.75 3.97
CA VAL A 62 -4.04 7.08 5.38
C VAL A 62 -4.14 8.58 5.57
N ASN A 63 -3.30 9.33 4.88
CA ASN A 63 -3.29 10.78 4.98
C ASN A 63 -4.58 11.37 4.41
N ALA A 64 -5.08 10.76 3.33
CA ALA A 64 -6.31 11.23 2.69
C ALA A 64 -7.53 10.54 3.30
N GLU A 65 -7.44 10.18 4.57
CA GLU A 65 -8.55 9.50 5.25
C GLU A 65 -9.52 10.51 5.84
N GLU A 66 -10.75 10.07 6.08
CA GLU A 66 -11.78 10.93 6.63
C GLU A 66 -12.18 12.02 5.63
N THR A 67 -12.55 11.60 4.42
CA THR A 67 -12.95 12.53 3.38
C THR A 67 -14.42 12.37 3.03
N LYS A 68 -15.06 13.46 2.61
CA LYS A 68 -16.47 13.44 2.26
C LYS A 68 -16.68 12.70 0.92
N LYS A 69 -17.57 11.72 0.93
CA LYS A 69 -17.86 10.95 -0.27
C LYS A 69 -19.19 10.21 -0.13
N SER A 70 -20.02 10.30 -1.17
CA SER A 70 -21.32 9.64 -1.16
C SER A 70 -21.18 8.14 -0.98
N GLY A 71 -22.04 7.55 -0.17
CA GLY A 71 -21.98 6.12 0.07
C GLY A 71 -21.53 5.78 1.48
N PRO A 72 -22.40 6.05 2.46
CA PRO A 72 -22.11 5.78 3.87
C PRO A 72 -22.05 4.29 4.18
N SER A 73 -20.92 3.82 4.67
CA SER A 73 -20.74 2.42 5.01
C SER A 73 -19.53 2.21 5.91
N SER A 74 -19.68 1.34 6.90
CA SER A 74 -18.60 1.06 7.85
C SER A 74 -17.48 0.30 7.18
N GLY A 75 -16.28 0.39 7.76
CA GLY A 75 -15.13 -0.29 7.20
C GLY A 75 -14.01 -0.45 8.20
#